data_8C80
#
_entry.id   8C80
#
loop_
_entity.id
_entity.type
_entity.pdbx_description
1 polymer 'Protein ORM1'
2 polymer 'Serine palmitoyltransferase 1'
3 polymer 'Serine palmitoyltransferase 2'
4 polymer 'Serine palmitoyltransferase-regulating protein TSC3'
5 non-polymer ERGOSTEROL
6 non-polymer N-[(2S,3S,4R)-1,3,4-trihydroxyoctadecan-2-yl]hexacosanamide
7 non-polymer "PYRIDOXAL-5'-PHOSPHATE"
8 non-polymer '2-{[(4-O-alpha-D-glucopyranosyl-alpha-D-glucopyranosyl)oxy]methyl}-4-{[(3beta,9beta,14beta,17beta,25R)-spirost-5-en-3-yl]oxy}butyl 4-O-alpha-D-glucopyranosyl-alpha-D-glucopyranoside'
#
loop_
_entity_poly.entity_id
_entity_poly.type
_entity_poly.pdbx_seq_one_letter_code
_entity_poly.pdbx_strand_id
1 'polypeptide(L)'
;MTELDYQGTAEAASTSYSRNQTDLKPFPSAGSASSSIKTTEPVKDHRRRRAAAIISHVEPETFEDENDQQLLPNMNATWV
DQRGAWIIHVVIIILLKLFYNLFPGVTTEWSWTLTNMTYVIGSYVMFHLIKGTPFDFNGGAYDNLTMWEQIDDETLYTPS
RKFLISVPIALFLVSTHYAHYDLKLFSWNCFLTTFGAVVPKLPVTHRLRISIPGITGRAQIS
;
A
2 'polypeptide(L)'
;MAHIPEVLPDYKDHDGDYKDHDIDYKDDDDKKSIPIPAFIVTTSSYLWYYFNLVLTQIPGGQFIVSYIKKSHHDDPYRTT
VEIGLILYGIIYYLSKPQQKKSLQAQKPNLSPQEIDALIEDWEPEPLVDPSATDEQSWRVAKTPVTMEMPIQNHITITRN
NLQEKYTNVFNLASNNFLQLSATEPVKEVVKTTIKNYGVGACGPAGFYGNQDVHYTLEYDLAQFFGTQGSVLYGQDFCAA
PSVLPAFTKRGDVIVADDQVSLPVQNALQLSRSTVYYFNHNDMNSLECLLNELTEQEKLEKLPAIPRKFIVTEGIFHNSG
DLAPLPELTKLKNKYKFRLFVDETFSIGVLGATGRGLSEHFNMDRATAIDITVGSMATALGSTGGFVLGDSVMCLHQRIG
SNAYCFSACLPAYTVTSVSKVLKLMDSNNDAVQTLQKLSKSLHDSFASDDSLRSYVIVTSSPVSAVLHLQLTPAYRSRKF
GYTCEQLFETMSALQKKSQTNKFIEPYEEEEKFLQSIVDHALINYNVLITRNTIVLKQETLPIVPSLKICCNAAMSPEEL
KNACESVKQSILACCQESNK
;
B
3 'polypeptide(L)'
;MSTPANYTRVPLCEPEELPDDIQKENEYGTLDSPGHLYQVKSRHGKPLPEPVVDTPPYYISLLTYLNYLILIILGHVHDF
LGMTFQKNKHLDLLEHDGLAPWFSNFESFYVRRIKMRIDDCFSRPTTGVPGRFIRCIDRISHNINEYFTYSGAVYPCMNL
SSYNYLGFAQSKGQCTDAALESVDKYSIQSGGPRAQIGTTDLHIKAEKLVARFIGKEDALVFSMGYGTNANLFNAFLDKK
CLVISDELNHTSIRTGVRLSGAAVRTFKHGDMVGLEKLIREQIVLGQPKTNRPWKKILICAEGLFSMEGTLCNLPKLVEL
KKKYKCYLFIDEAHSIGAMGPTGRGVCEIFGVDPKDVDILMGTFTKSFGAAGGYIAADQWIIDRLRLDLTTVSYSESMPA
PVLAQTISSLQTISGEICPGQGTERLQRIAFNSRYLRLALQRLGFIVYGVADSPVIPLLLYCPSKMPAFSRMMLQRRIAV
VVVAYPATPLIESRVRFCMSASLTKEDIDYLLRHVSEVGDKLNLKSNSGKSSYDGKRQRWDIEEVIRRTPEDCKDDKYFV
N
;
C
4 'polypeptide(L)' MTQHKSSMVYIPTTKEAKRRNGKSEGILNTIEEVVEKLYWTYYIHLPFYLMASFDSFFLHVFFLTIFSLSFFGILKYCFL D
#
# COMPACT_ATOMS: atom_id res chain seq x y z
N THR A 39 15.32 20.35 31.53
CA THR A 39 15.17 19.96 30.13
C THR A 39 15.20 18.44 30.01
N THR A 40 14.59 17.93 28.93
CA THR A 40 14.52 16.49 28.71
C THR A 40 14.57 16.23 27.21
N GLU A 41 15.16 15.10 26.84
CA GLU A 41 15.31 14.72 25.45
C GLU A 41 14.51 13.46 25.14
N PRO A 42 14.04 13.31 23.90
CA PRO A 42 13.07 12.24 23.61
C PRO A 42 13.73 10.88 23.44
N VAL A 43 12.89 9.86 23.44
CA VAL A 43 13.37 8.50 23.19
C VAL A 43 13.77 8.34 21.74
N LYS A 44 12.95 8.84 20.81
CA LYS A 44 13.26 8.81 19.39
C LYS A 44 13.21 10.24 18.89
N ASP A 45 14.29 10.71 18.28
CA ASP A 45 14.41 12.10 17.88
C ASP A 45 14.66 12.20 16.39
N HIS A 46 13.76 12.89 15.68
CA HIS A 46 13.92 13.27 14.29
C HIS A 46 13.62 14.77 14.24
N ARG A 47 14.62 15.59 14.53
CA ARG A 47 14.42 17.04 14.63
C ARG A 47 15.11 17.71 13.45
N ARG A 48 14.34 18.48 12.68
CA ARG A 48 14.90 19.28 11.60
C ARG A 48 15.68 20.45 12.17
N ARG A 49 16.84 20.73 11.57
CA ARG A 49 17.71 21.77 12.09
C ARG A 49 17.93 22.91 11.11
N ARG A 50 17.76 24.14 11.58
CA ARG A 50 18.02 25.30 10.73
C ARG A 50 19.49 25.67 10.65
N ALA A 51 19.77 26.75 9.90
CA ALA A 51 21.13 27.14 9.55
C ALA A 51 21.53 28.21 10.54
N ALA A 52 22.84 28.35 10.74
CA ALA A 52 23.42 29.40 11.55
C ALA A 52 24.52 30.15 10.84
N ALA A 53 24.75 29.88 9.56
CA ALA A 53 25.77 30.57 8.79
C ALA A 53 25.20 30.93 7.43
N ILE A 54 25.88 31.86 6.75
CA ILE A 54 25.42 32.32 5.45
C ILE A 54 25.51 31.20 4.43
N ILE A 55 26.57 30.40 4.50
CA ILE A 55 26.81 29.31 3.57
C ILE A 55 26.86 28.02 4.38
N SER A 56 26.05 27.04 3.97
CA SER A 56 25.93 25.82 4.74
C SER A 56 25.65 24.65 3.82
N HIS A 57 25.96 23.46 4.31
CA HIS A 57 25.83 22.23 3.55
C HIS A 57 24.84 21.31 4.24
N VAL A 58 23.99 20.65 3.45
CA VAL A 58 23.10 19.64 3.99
C VAL A 58 23.90 18.50 4.60
N GLU A 59 23.62 18.21 5.86
CA GLU A 59 24.41 17.21 6.53
C GLU A 59 24.14 15.81 5.95
N PRO A 60 25.15 14.93 5.93
CA PRO A 60 24.93 13.58 5.41
C PRO A 60 23.92 12.80 6.23
N GLU A 61 23.11 12.00 5.55
CA GLU A 61 22.02 11.29 6.19
C GLU A 61 22.54 10.13 7.03
N THR A 62 21.70 9.66 7.94
CA THR A 62 22.03 8.61 8.89
C THR A 62 21.62 7.25 8.33
N PHE A 63 21.72 6.22 9.17
CA PHE A 63 21.42 4.85 8.73
C PHE A 63 19.94 4.70 8.40
N GLU A 64 19.06 5.24 9.24
CA GLU A 64 17.63 5.12 9.00
C GLU A 64 17.22 5.89 7.75
N ASP A 65 17.76 7.09 7.55
CA ASP A 65 17.43 7.85 6.34
C ASP A 65 17.90 7.11 5.09
N GLU A 66 19.06 6.45 5.18
CA GLU A 66 19.59 5.73 4.02
C GLU A 66 18.66 4.61 3.59
N ASN A 67 18.09 3.87 4.55
CA ASN A 67 17.18 2.79 4.21
C ASN A 67 15.91 3.32 3.57
N ASP A 68 15.38 4.43 4.09
CA ASP A 68 14.14 4.98 3.53
C ASP A 68 14.32 5.40 2.08
N GLN A 69 15.41 6.10 1.79
CA GLN A 69 15.66 6.53 0.42
C GLN A 69 15.88 5.34 -0.51
N GLN A 70 16.63 4.34 -0.05
CA GLN A 70 16.98 3.20 -0.89
C GLN A 70 15.83 2.22 -1.07
N LEU A 71 14.85 2.22 -0.16
CA LEU A 71 13.79 1.22 -0.20
C LEU A 71 12.94 1.35 -1.45
N LEU A 72 12.58 2.56 -1.84
CA LEU A 72 11.65 2.79 -2.93
C LEU A 72 12.32 3.58 -4.05
N PRO A 73 12.34 3.10 -5.28
CA PRO A 73 12.87 3.89 -6.39
C PRO A 73 12.05 5.15 -6.58
N ASN A 74 12.75 6.25 -6.84
CA ASN A 74 12.12 7.55 -6.97
C ASN A 74 11.39 7.66 -8.30
N MET A 75 10.42 8.56 -8.34
CA MET A 75 9.67 8.81 -9.56
C MET A 75 9.88 10.21 -10.12
N ASN A 76 10.48 11.12 -9.37
CA ASN A 76 10.77 12.44 -9.91
C ASN A 76 11.93 12.40 -10.89
N ALA A 77 12.96 11.62 -10.60
CA ALA A 77 14.17 11.61 -11.39
C ALA A 77 14.25 10.41 -12.33
N THR A 78 13.20 9.60 -12.41
CA THR A 78 13.27 8.42 -13.27
C THR A 78 13.03 8.78 -14.74
N TRP A 79 12.15 9.74 -15.01
CA TRP A 79 11.79 10.01 -16.39
C TRP A 79 12.90 10.64 -17.20
N VAL A 80 13.98 11.10 -16.57
CA VAL A 80 15.06 11.73 -17.32
C VAL A 80 15.71 10.74 -18.27
N ASP A 81 15.87 9.48 -17.83
CA ASP A 81 16.52 8.47 -18.64
C ASP A 81 15.58 7.79 -19.64
N GLN A 82 14.27 8.00 -19.53
CA GLN A 82 13.32 7.29 -20.36
C GLN A 82 13.43 7.72 -21.83
N ARG A 83 12.60 7.10 -22.66
CA ARG A 83 12.65 7.32 -24.10
C ARG A 83 12.03 8.66 -24.47
N GLY A 84 12.68 9.37 -25.40
CA GLY A 84 12.18 10.64 -25.85
C GLY A 84 12.29 11.76 -24.85
N ALA A 85 13.19 11.64 -23.87
CA ALA A 85 13.37 12.66 -22.86
C ALA A 85 14.59 13.53 -23.12
N TRP A 86 15.22 13.40 -24.28
CA TRP A 86 16.32 14.28 -24.65
C TRP A 86 15.97 15.22 -25.79
N ILE A 87 15.24 14.72 -26.79
CA ILE A 87 14.91 15.54 -27.94
C ILE A 87 13.91 16.63 -27.57
N ILE A 88 13.08 16.38 -26.56
CA ILE A 88 12.01 17.32 -26.21
C ILE A 88 12.55 18.69 -25.88
N HIS A 89 13.80 18.77 -25.38
CA HIS A 89 14.40 20.08 -25.15
C HIS A 89 14.71 20.80 -26.46
N VAL A 90 15.12 20.04 -27.48
CA VAL A 90 15.37 20.66 -28.78
C VAL A 90 14.06 21.15 -29.39
N VAL A 91 12.99 20.37 -29.23
CA VAL A 91 11.71 20.75 -29.80
C VAL A 91 11.17 22.01 -29.16
N ILE A 92 11.27 22.12 -27.83
CA ILE A 92 10.75 23.28 -27.13
C ILE A 92 11.47 24.54 -27.56
N ILE A 93 12.79 24.46 -27.72
CA ILE A 93 13.55 25.62 -28.16
C ILE A 93 13.09 26.08 -29.53
N ILE A 94 12.85 25.12 -30.44
CA ILE A 94 12.44 25.47 -31.79
C ILE A 94 11.08 26.14 -31.80
N LEU A 95 10.11 25.57 -31.06
CA LEU A 95 8.77 26.15 -31.03
C LEU A 95 8.78 27.54 -30.42
N LEU A 96 9.54 27.74 -29.34
CA LEU A 96 9.60 29.06 -28.73
C LEU A 96 10.19 30.08 -29.68
N LYS A 97 11.21 29.70 -30.45
CA LYS A 97 11.79 30.64 -31.41
C LYS A 97 10.79 30.99 -32.51
N LEU A 98 10.05 30.01 -33.00
CA LEU A 98 9.08 30.30 -34.06
C LEU A 98 7.93 31.15 -33.55
N PHE A 99 7.44 30.86 -32.35
CA PHE A 99 6.31 31.60 -31.80
C PHE A 99 6.70 33.06 -31.54
N TYR A 100 7.88 33.29 -30.96
CA TYR A 100 8.30 34.67 -30.72
C TYR A 100 8.59 35.40 -32.02
N ASN A 101 9.09 34.70 -33.03
CA ASN A 101 9.34 35.34 -34.33
C ASN A 101 8.06 35.66 -35.07
N LEU A 102 6.92 35.18 -34.58
CA LEU A 102 5.65 35.40 -35.26
C LEU A 102 5.20 36.85 -35.18
N PHE A 103 5.59 37.58 -34.14
CA PHE A 103 5.17 38.96 -33.99
C PHE A 103 5.76 39.82 -35.10
N PRO A 104 5.02 40.82 -35.59
CA PRO A 104 5.53 41.59 -36.74
C PRO A 104 6.64 42.56 -36.37
N GLY A 105 6.49 43.29 -35.27
CA GLY A 105 7.41 44.36 -34.92
C GLY A 105 8.65 43.96 -34.16
N VAL A 106 8.88 42.67 -33.96
CA VAL A 106 10.04 42.20 -33.18
C VAL A 106 11.23 42.02 -34.11
N THR A 107 12.36 42.58 -33.71
CA THR A 107 13.60 42.43 -34.46
C THR A 107 14.33 41.16 -34.02
N THR A 108 15.11 40.61 -34.95
CA THR A 108 15.74 39.32 -34.71
C THR A 108 16.57 39.31 -33.43
N GLU A 109 17.19 40.45 -33.07
CA GLU A 109 17.95 40.47 -31.82
C GLU A 109 17.05 40.23 -30.62
N TRP A 110 15.92 40.93 -30.54
CA TRP A 110 15.05 40.79 -29.38
C TRP A 110 14.24 39.50 -29.40
N SER A 111 14.12 38.85 -30.55
CA SER A 111 13.47 37.54 -30.57
C SER A 111 14.37 36.47 -29.97
N TRP A 112 15.67 36.53 -30.25
CA TRP A 112 16.60 35.60 -29.64
C TRP A 112 16.71 35.83 -28.14
N THR A 113 16.77 37.09 -27.71
CA THR A 113 16.87 37.38 -26.29
C THR A 113 15.64 36.89 -25.55
N LEU A 114 14.46 37.00 -26.16
CA LEU A 114 13.24 36.55 -25.50
C LEU A 114 13.25 35.04 -25.30
N THR A 115 13.61 34.27 -26.33
CA THR A 115 13.58 32.81 -26.18
C THR A 115 14.69 32.31 -25.28
N ASN A 116 15.82 33.03 -25.22
CA ASN A 116 16.83 32.71 -24.23
C ASN A 116 16.32 33.00 -22.83
N MET A 117 15.55 34.08 -22.67
CA MET A 117 15.01 34.42 -21.37
C MET A 117 14.02 33.37 -20.88
N THR A 118 13.16 32.89 -21.78
CA THR A 118 12.09 31.98 -21.38
C THR A 118 12.65 30.61 -20.96
N TYR A 119 13.66 30.14 -21.68
CA TYR A 119 14.20 28.81 -21.39
C TYR A 119 15.05 28.81 -20.13
N VAL A 120 15.92 29.82 -19.99
CA VAL A 120 16.79 29.87 -18.82
C VAL A 120 15.97 30.00 -17.54
N ILE A 121 14.97 30.88 -17.55
CA ILE A 121 14.12 31.05 -16.38
C ILE A 121 13.33 29.76 -16.12
N GLY A 122 12.82 29.14 -17.18
CA GLY A 122 12.04 27.94 -17.00
C GLY A 122 12.85 26.76 -16.49
N SER A 123 14.08 26.60 -17.01
CA SER A 123 14.93 25.51 -16.56
C SER A 123 15.30 25.68 -15.08
N TYR A 124 15.65 26.90 -14.67
CA TYR A 124 16.06 27.13 -13.29
C TYR A 124 14.94 26.87 -12.31
N VAL A 125 13.71 27.23 -12.67
CA VAL A 125 12.59 27.02 -11.76
C VAL A 125 12.31 25.54 -11.57
N MET A 126 12.38 24.76 -12.64
CA MET A 126 11.95 23.36 -12.57
C MET A 126 13.00 22.50 -11.89
N PHE A 127 14.28 22.78 -12.11
CA PHE A 127 15.36 21.92 -11.63
C PHE A 127 15.87 22.27 -10.25
N HIS A 128 15.96 23.56 -9.91
CA HIS A 128 16.72 23.99 -8.73
C HIS A 128 15.89 24.77 -7.72
N LEU A 129 14.58 24.86 -7.86
CA LEU A 129 13.80 25.73 -7.01
C LEU A 129 12.89 24.94 -6.08
N ILE A 130 12.10 23.99 -6.60
CA ILE A 130 11.13 23.30 -5.77
C ILE A 130 11.81 22.15 -5.04
N LYS A 131 11.78 22.21 -3.71
CA LYS A 131 12.51 21.29 -2.86
C LYS A 131 11.55 20.25 -2.30
N GLY A 132 11.86 18.97 -2.53
CA GLY A 132 11.04 17.90 -2.01
C GLY A 132 10.42 17.02 -3.08
N THR A 133 9.26 16.45 -2.78
CA THR A 133 8.56 15.63 -3.76
C THR A 133 7.09 16.01 -3.83
N PRO A 134 6.48 15.95 -5.01
CA PRO A 134 5.07 16.34 -5.12
C PRO A 134 4.13 15.34 -4.46
N PHE A 135 4.31 14.06 -4.75
CA PHE A 135 3.45 13.03 -4.18
C PHE A 135 3.96 12.68 -2.79
N ASP A 136 3.44 11.59 -2.23
CA ASP A 136 3.76 11.19 -0.87
C ASP A 136 4.86 10.14 -0.91
N PHE A 137 6.07 10.54 -0.52
CA PHE A 137 7.16 9.61 -0.30
C PHE A 137 7.21 9.22 1.17
N ASN A 138 7.65 7.99 1.44
CA ASN A 138 7.60 7.47 2.80
C ASN A 138 8.46 8.31 3.73
N GLY A 139 7.86 8.76 4.83
CA GLY A 139 8.56 9.52 5.84
C GLY A 139 9.04 10.89 5.42
N GLY A 140 8.92 11.26 4.15
CA GLY A 140 9.43 12.54 3.70
C GLY A 140 10.93 12.62 3.77
N ALA A 141 11.61 11.53 3.38
CA ALA A 141 13.06 11.53 3.42
C ALA A 141 13.64 12.44 2.35
N TYR A 142 13.00 12.52 1.18
CA TYR A 142 13.46 13.39 0.10
C TYR A 142 12.90 14.79 0.26
N ASP A 143 13.10 15.41 1.43
CA ASP A 143 12.46 16.73 1.69
C ASP A 143 13.47 17.83 2.08
N ASN A 144 14.69 17.81 1.52
CA ASN A 144 15.68 18.90 1.75
C ASN A 144 16.63 18.98 0.55
N LEU A 145 16.37 18.20 -0.50
CA LEU A 145 17.25 18.18 -1.70
C LEU A 145 16.44 18.61 -2.93
N THR A 146 17.11 19.15 -3.95
CA THR A 146 16.41 19.61 -5.18
C THR A 146 16.31 18.47 -6.18
N MET A 147 15.67 18.70 -7.33
CA MET A 147 15.51 17.67 -8.35
C MET A 147 16.82 17.36 -9.05
N TRP A 148 17.65 18.37 -9.29
CA TRP A 148 18.93 18.13 -9.97
C TRP A 148 19.83 17.23 -9.15
N GLU A 149 19.91 17.45 -7.84
CA GLU A 149 20.73 16.60 -7.00
C GLU A 149 20.04 15.28 -6.68
N GLN A 150 18.77 15.15 -7.05
CA GLN A 150 18.03 13.91 -6.93
C GLN A 150 18.13 13.03 -8.17
N ILE A 151 18.73 13.54 -9.25
CA ILE A 151 18.79 12.81 -10.51
C ILE A 151 19.85 11.73 -10.41
N ASP A 152 19.46 10.49 -10.66
CA ASP A 152 20.37 9.36 -10.79
C ASP A 152 21.18 9.14 -9.50
N ASP A 153 20.48 9.18 -8.37
CA ASP A 153 21.05 8.79 -7.07
C ASP A 153 22.33 9.55 -6.76
N GLU A 154 22.32 10.86 -7.00
CA GLU A 154 23.43 11.76 -6.68
C GLU A 154 24.71 11.40 -7.42
N THR A 155 24.66 10.45 -8.35
CA THR A 155 25.84 10.10 -9.13
C THR A 155 26.21 11.25 -10.05
N LEU A 156 27.49 11.57 -10.12
CA LEU A 156 27.98 12.69 -10.90
C LEU A 156 28.58 12.21 -12.20
N TYR A 157 28.68 13.13 -13.15
CA TYR A 157 29.32 12.87 -14.45
C TYR A 157 28.64 11.74 -15.21
N THR A 158 27.33 11.59 -15.03
CA THR A 158 26.55 10.63 -15.80
C THR A 158 26.13 11.24 -17.14
N PRO A 159 25.74 10.40 -18.11
CA PRO A 159 25.36 10.96 -19.43
C PRO A 159 24.28 12.00 -19.37
N SER A 160 23.23 11.78 -18.57
CA SER A 160 22.12 12.72 -18.52
C SER A 160 22.60 14.09 -18.07
N ARG A 161 23.44 14.13 -17.05
CA ARG A 161 23.99 15.42 -16.63
C ARG A 161 24.90 16.00 -17.70
N LYS A 162 25.53 15.16 -18.52
CA LYS A 162 26.36 15.69 -19.60
C LYS A 162 25.52 16.40 -20.65
N PHE A 163 24.35 15.83 -20.98
CA PHE A 163 23.50 16.44 -21.98
C PHE A 163 22.91 17.76 -21.48
N LEU A 164 22.33 17.75 -20.28
CA LEU A 164 21.63 18.93 -19.77
C LEU A 164 22.55 20.11 -19.52
N ILE A 165 23.85 19.87 -19.30
CA ILE A 165 24.76 20.99 -19.13
C ILE A 165 25.35 21.45 -20.45
N SER A 166 25.23 20.65 -21.51
CA SER A 166 25.78 21.00 -22.81
C SER A 166 24.77 21.72 -23.71
N VAL A 167 23.49 21.73 -23.35
CA VAL A 167 22.48 22.36 -24.21
C VAL A 167 22.55 23.88 -24.09
N PRO A 168 22.43 24.48 -22.90
CA PRO A 168 22.46 25.95 -22.83
C PRO A 168 23.74 26.55 -23.37
N ILE A 169 24.87 25.87 -23.24
CA ILE A 169 26.11 26.40 -23.78
C ILE A 169 26.03 26.52 -25.30
N ALA A 170 25.44 25.51 -25.95
CA ALA A 170 25.28 25.59 -27.40
C ALA A 170 24.29 26.67 -27.79
N LEU A 171 23.20 26.81 -27.03
CA LEU A 171 22.18 27.80 -27.34
C LEU A 171 22.75 29.23 -27.23
N PHE A 172 23.56 29.48 -26.20
CA PHE A 172 24.14 30.80 -26.05
C PHE A 172 25.17 31.08 -27.14
N LEU A 173 25.92 30.07 -27.57
CA LEU A 173 26.92 30.29 -28.61
C LEU A 173 26.27 30.60 -29.96
N VAL A 174 25.21 29.87 -30.30
CA VAL A 174 24.59 30.08 -31.61
C VAL A 174 23.84 31.42 -31.65
N SER A 175 23.21 31.80 -30.54
CA SER A 175 22.49 33.07 -30.52
C SER A 175 23.44 34.24 -30.69
N THR A 176 24.59 34.21 -30.02
CA THR A 176 25.50 35.34 -30.07
C THR A 176 26.28 35.41 -31.36
N HIS A 177 26.38 34.32 -32.11
CA HIS A 177 27.03 34.32 -33.41
C HIS A 177 26.07 34.58 -34.56
N TYR A 178 24.80 34.17 -34.40
CA TYR A 178 23.84 34.31 -35.49
C TYR A 178 23.40 35.77 -35.65
N ALA A 179 23.08 36.44 -34.54
CA ALA A 179 22.60 37.81 -34.57
C ALA A 179 23.64 38.73 -33.94
N HIS A 180 23.97 39.81 -34.64
CA HIS A 180 24.92 40.78 -34.10
C HIS A 180 24.31 41.50 -32.91
N TYR A 181 25.08 41.61 -31.82
CA TYR A 181 24.64 42.28 -30.61
C TYR A 181 25.55 43.47 -30.31
N ASP A 182 25.02 44.39 -29.52
CA ASP A 182 25.81 45.51 -29.04
C ASP A 182 26.45 45.12 -27.71
N LEU A 183 27.04 46.11 -27.03
CA LEU A 183 27.73 45.83 -25.78
C LEU A 183 26.75 45.56 -24.64
N LYS A 184 25.62 46.25 -24.64
CA LYS A 184 24.69 46.14 -23.51
C LYS A 184 23.98 44.79 -23.51
N LEU A 185 23.46 44.35 -24.66
CA LEU A 185 22.69 43.11 -24.72
C LEU A 185 23.59 41.88 -24.56
N PHE A 186 24.76 41.90 -25.20
CA PHE A 186 25.67 40.77 -25.06
C PHE A 186 26.09 40.59 -23.60
N SER A 187 26.34 41.71 -22.91
CA SER A 187 26.73 41.64 -21.50
C SER A 187 25.61 41.08 -20.63
N TRP A 188 24.37 41.44 -20.94
CA TRP A 188 23.27 41.06 -20.07
C TRP A 188 22.96 39.58 -20.24
N ASN A 189 22.84 39.13 -21.49
CA ASN A 189 22.47 37.75 -21.77
C ASN A 189 23.53 36.78 -21.27
N CYS A 190 24.78 37.22 -21.27
CA CYS A 190 25.84 36.38 -20.72
C CYS A 190 25.65 36.20 -19.22
N PHE A 191 25.35 37.29 -18.51
CA PHE A 191 25.13 37.28 -17.07
C PHE A 191 23.80 36.66 -16.67
N LEU A 192 23.04 36.09 -17.61
CA LEU A 192 21.84 35.33 -17.30
C LEU A 192 22.20 33.86 -17.52
N THR A 193 22.81 33.61 -18.68
CA THR A 193 23.21 32.26 -19.07
C THR A 193 24.15 31.57 -18.03
N THR A 194 25.22 32.27 -17.70
CA THR A 194 26.12 31.79 -16.66
C THR A 194 25.59 31.57 -15.25
N PHE A 195 25.13 32.63 -14.60
CA PHE A 195 24.59 32.53 -13.24
C PHE A 195 23.20 31.91 -13.18
N GLY A 196 22.73 31.30 -14.27
CA GLY A 196 21.40 30.72 -14.24
C GLY A 196 21.28 29.29 -14.72
N ALA A 197 22.23 28.83 -15.52
CA ALA A 197 22.05 27.53 -16.15
C ALA A 197 23.28 26.66 -16.02
N VAL A 198 24.41 27.26 -15.68
CA VAL A 198 25.69 26.57 -15.65
C VAL A 198 26.26 26.52 -14.24
N VAL A 199 26.35 27.66 -13.57
CA VAL A 199 26.91 27.76 -12.23
C VAL A 199 26.16 26.90 -11.20
N PRO A 200 24.82 26.86 -11.18
CA PRO A 200 24.16 25.94 -10.24
C PRO A 200 24.44 24.47 -10.51
N LYS A 201 24.56 24.08 -11.77
CA LYS A 201 24.70 22.67 -12.12
C LYS A 201 26.09 22.13 -11.87
N LEU A 202 27.06 22.98 -11.56
CA LEU A 202 28.43 22.53 -11.39
C LEU A 202 28.55 21.59 -10.19
N PRO A 203 29.49 20.64 -10.23
CA PRO A 203 29.66 19.73 -9.09
C PRO A 203 30.07 20.44 -7.82
N VAL A 204 30.66 21.63 -7.90
CA VAL A 204 31.12 22.32 -6.70
C VAL A 204 29.94 22.81 -5.87
N THR A 205 28.91 23.34 -6.52
CA THR A 205 27.77 23.93 -5.82
C THR A 205 26.78 22.86 -5.28
N HIS A 206 27.14 21.58 -5.32
CA HIS A 206 26.27 20.49 -4.89
C HIS A 206 25.99 20.56 -3.40
N ARG A 207 24.72 20.39 -3.03
CA ARG A 207 24.31 20.36 -1.63
C ARG A 207 24.79 21.60 -0.90
N LEU A 208 24.55 22.77 -1.49
CA LEU A 208 24.95 24.04 -0.92
C LEU A 208 23.73 24.93 -0.77
N ARG A 209 23.58 25.57 0.37
CA ARG A 209 22.42 26.39 0.63
C ARG A 209 22.89 27.76 1.10
N ILE A 210 22.37 28.81 0.47
CA ILE A 210 22.79 30.18 0.74
C ILE A 210 21.65 30.87 1.46
N SER A 211 21.96 31.44 2.63
CA SER A 211 20.97 32.10 3.47
C SER A 211 21.35 33.56 3.64
N ILE A 212 20.44 34.44 3.27
CA ILE A 212 20.60 35.88 3.48
C ILE A 212 19.54 36.32 4.49
N PRO A 213 19.90 37.08 5.52
CA PRO A 213 18.96 37.35 6.62
C PRO A 213 17.61 37.92 6.19
N GLY A 214 17.53 38.52 5.00
CA GLY A 214 16.29 39.11 4.57
C GLY A 214 15.65 38.51 3.33
N ILE A 215 16.45 37.98 2.40
CA ILE A 215 15.90 37.58 1.11
C ILE A 215 15.28 36.20 1.20
N THR A 216 16.00 35.24 1.77
CA THR A 216 15.49 33.90 1.93
C THR A 216 15.61 33.49 3.39
N GLY A 217 14.67 32.66 3.84
CA GLY A 217 14.63 32.27 5.22
C GLY A 217 15.75 31.33 5.60
N ARG A 218 15.86 31.07 6.91
CA ARG A 218 16.82 30.11 7.40
C ARG A 218 16.55 28.74 6.79
N ALA A 219 17.53 28.24 6.02
CA ALA A 219 17.35 27.02 5.25
C ALA A 219 17.26 25.84 6.20
N GLN A 220 16.84 24.71 5.65
CA GLN A 220 16.73 23.48 6.45
C GLN A 220 18.01 22.75 6.13
N ILE A 221 18.85 22.51 7.11
CA ILE A 221 20.16 21.87 6.89
C ILE A 221 20.13 20.38 7.17
N SER A 222 19.11 19.87 7.85
CA SER A 222 19.07 18.45 8.18
C SER A 222 17.63 17.98 8.32
N VAL B 41 45.65 39.48 -2.67
CA VAL B 41 45.20 38.10 -2.87
C VAL B 41 46.08 37.40 -3.90
N THR B 42 46.04 36.06 -3.88
CA THR B 42 46.80 35.23 -4.81
C THR B 42 45.89 34.19 -5.46
N THR B 43 44.62 34.54 -5.66
CA THR B 43 43.64 33.58 -6.19
C THR B 43 43.91 33.24 -7.65
N SER B 44 44.55 34.15 -8.39
CA SER B 44 44.78 33.93 -9.82
C SER B 44 45.76 32.80 -10.06
N SER B 45 46.58 32.46 -9.06
CA SER B 45 47.61 31.44 -9.24
C SER B 45 47.10 30.04 -9.59
N TYR B 46 46.06 29.57 -8.89
CA TYR B 46 45.55 28.23 -9.15
C TYR B 46 44.81 28.08 -10.48
N LEU B 47 44.20 29.17 -10.94
CA LEU B 47 43.40 29.12 -12.17
C LEU B 47 44.35 28.84 -13.33
N TRP B 48 45.63 29.19 -13.19
CA TRP B 48 46.55 29.03 -14.30
C TRP B 48 46.86 27.56 -14.56
N TYR B 49 47.15 26.80 -13.49
CA TYR B 49 47.39 25.38 -13.64
C TYR B 49 46.18 24.69 -14.28
N TYR B 50 44.97 25.10 -13.86
CA TYR B 50 43.75 24.47 -14.32
C TYR B 50 43.60 24.55 -15.84
N PHE B 51 43.72 25.76 -16.40
CA PHE B 51 43.44 25.95 -17.82
C PHE B 51 44.62 25.56 -18.71
N ASN B 52 45.80 25.41 -18.13
CA ASN B 52 46.90 24.82 -18.88
C ASN B 52 46.86 23.30 -18.81
N LEU B 53 46.62 22.75 -17.62
CA LEU B 53 46.42 21.31 -17.49
C LEU B 53 45.17 20.84 -18.22
N VAL B 54 44.18 21.71 -18.37
CA VAL B 54 42.99 21.36 -19.14
C VAL B 54 43.35 21.17 -20.62
N LEU B 55 44.13 22.11 -21.16
CA LEU B 55 44.38 22.06 -22.61
C LEU B 55 45.36 20.96 -22.98
N THR B 56 46.27 20.58 -22.08
CA THR B 56 47.20 19.51 -22.42
C THR B 56 46.53 18.14 -22.33
N GLN B 57 45.58 17.97 -21.41
CA GLN B 57 44.81 16.73 -21.38
C GLN B 57 43.92 16.61 -22.61
N ILE B 58 43.36 17.73 -23.07
CA ILE B 58 42.63 17.74 -24.34
C ILE B 58 43.60 17.40 -25.46
N PRO B 59 43.23 16.53 -26.42
CA PRO B 59 44.19 16.16 -27.47
C PRO B 59 44.73 17.34 -28.25
N GLY B 60 43.90 18.32 -28.57
CA GLY B 60 44.38 19.55 -29.15
C GLY B 60 43.74 20.76 -28.49
N GLY B 61 44.56 21.58 -27.82
CA GLY B 61 44.03 22.76 -27.18
C GLY B 61 44.67 24.03 -27.69
N GLN B 62 45.93 23.94 -28.11
CA GLN B 62 46.60 25.12 -28.63
C GLN B 62 45.95 25.59 -29.94
N PHE B 63 45.56 24.65 -30.80
CA PHE B 63 45.01 25.02 -32.11
C PHE B 63 43.63 25.64 -31.98
N ILE B 64 42.74 24.98 -31.24
CA ILE B 64 41.34 25.42 -31.17
C ILE B 64 41.26 26.79 -30.52
N VAL B 65 42.02 27.00 -29.45
CA VAL B 65 42.07 28.32 -28.82
C VAL B 65 42.66 29.34 -29.78
N SER B 66 43.67 28.94 -30.55
CA SER B 66 44.23 29.85 -31.55
C SER B 66 43.21 30.19 -32.62
N TYR B 67 42.42 29.20 -33.05
CA TYR B 67 41.39 29.46 -34.05
C TYR B 67 40.31 30.42 -33.52
N ILE B 68 39.90 30.23 -32.26
CA ILE B 68 38.91 31.13 -31.67
C ILE B 68 39.50 32.53 -31.51
N LYS B 69 40.78 32.62 -31.11
CA LYS B 69 41.45 33.91 -31.03
C LYS B 69 41.27 34.72 -32.30
N LYS B 70 41.76 34.18 -33.42
CA LYS B 70 41.91 34.97 -34.64
C LYS B 70 40.55 35.35 -35.24
N SER B 71 39.52 34.55 -34.99
CA SER B 71 38.24 34.75 -35.68
C SER B 71 37.52 35.89 -34.99
N HIS B 72 37.53 35.87 -33.64
CA HIS B 72 36.84 36.92 -32.82
C HIS B 72 37.86 37.86 -32.15
N HIS B 73 38.87 38.37 -32.88
CA HIS B 73 39.95 39.16 -32.23
C HIS B 73 39.60 40.63 -31.94
N ASP B 74 38.51 41.18 -32.50
CA ASP B 74 38.17 42.62 -32.36
C ASP B 74 38.30 43.02 -30.89
N ASP B 75 37.49 42.41 -30.02
CA ASP B 75 37.52 42.75 -28.57
C ASP B 75 37.84 41.50 -27.74
N PRO B 76 38.76 41.58 -26.76
CA PRO B 76 39.11 40.43 -25.92
C PRO B 76 37.92 39.91 -25.11
N TYR B 77 37.07 40.81 -24.60
CA TYR B 77 35.87 40.41 -23.82
C TYR B 77 35.23 39.17 -24.45
N ARG B 78 34.92 39.22 -25.75
CA ARG B 78 34.25 38.09 -26.40
C ARG B 78 35.08 36.81 -26.28
N THR B 79 36.33 36.86 -26.73
CA THR B 79 37.17 35.67 -26.75
C THR B 79 37.30 35.01 -25.38
N THR B 80 37.28 35.81 -24.31
CA THR B 80 37.32 35.21 -22.98
C THR B 80 36.07 34.39 -22.71
N VAL B 81 34.89 34.91 -23.08
CA VAL B 81 33.62 34.31 -22.65
C VAL B 81 33.40 32.96 -23.32
N GLU B 82 33.89 32.79 -24.54
CA GLU B 82 33.63 31.58 -25.29
C GLU B 82 34.73 30.54 -25.13
N ILE B 83 35.97 30.97 -24.90
CA ILE B 83 37.04 30.04 -24.55
C ILE B 83 36.72 29.27 -23.27
N GLY B 84 35.96 29.87 -22.36
CA GLY B 84 35.57 29.26 -21.11
C GLY B 84 34.44 28.25 -21.24
N LEU B 85 33.29 28.70 -21.76
CA LEU B 85 32.08 27.91 -21.71
C LEU B 85 32.20 26.60 -22.50
N ILE B 86 32.83 26.66 -23.67
CA ILE B 86 32.95 25.45 -24.47
C ILE B 86 33.91 24.47 -23.83
N LEU B 87 34.96 24.98 -23.18
CA LEU B 87 35.99 24.11 -22.69
C LEU B 87 35.51 23.27 -21.52
N TYR B 88 34.84 23.89 -20.55
CA TYR B 88 34.23 23.10 -19.50
C TYR B 88 33.05 22.28 -20.02
N GLY B 89 32.58 22.53 -21.23
CA GLY B 89 31.64 21.63 -21.86
C GLY B 89 32.38 20.41 -22.35
N ILE B 90 33.65 20.61 -22.67
CA ILE B 90 34.51 19.53 -23.17
C ILE B 90 35.08 18.72 -22.01
N ILE B 91 35.62 19.40 -21.00
CA ILE B 91 36.27 18.72 -19.89
C ILE B 91 35.25 17.92 -19.08
N TYR B 92 34.08 18.51 -18.83
CA TYR B 92 33.04 17.81 -18.10
C TYR B 92 32.55 16.59 -18.87
N TYR B 93 32.48 16.70 -20.20
CA TYR B 93 32.06 15.58 -21.02
C TYR B 93 33.11 14.47 -21.02
N LEU B 94 34.38 14.85 -21.04
CA LEU B 94 35.47 13.88 -21.11
C LEU B 94 35.77 13.21 -19.77
N SER B 95 35.13 13.63 -18.68
CA SER B 95 35.43 13.07 -17.38
C SER B 95 34.81 11.68 -17.26
N LYS B 96 34.91 11.08 -16.07
CA LYS B 96 34.46 9.73 -15.80
C LYS B 96 33.48 9.72 -14.64
N PRO B 97 32.61 8.71 -14.56
CA PRO B 97 31.62 8.67 -13.48
C PRO B 97 32.28 8.59 -12.11
N GLN B 98 31.68 9.30 -11.15
CA GLN B 98 32.14 9.34 -9.77
C GLN B 98 30.98 9.04 -8.86
N GLN B 99 31.19 8.11 -7.94
CA GLN B 99 30.14 7.69 -7.01
C GLN B 99 30.22 8.49 -5.72
N LYS B 100 29.07 8.63 -5.05
CA LYS B 100 29.00 9.38 -3.81
C LYS B 100 29.68 8.63 -2.67
N LYS B 101 29.99 9.37 -1.61
CA LYS B 101 30.59 8.79 -0.42
C LYS B 101 29.49 8.23 0.47
N SER B 102 29.53 6.92 0.71
CA SER B 102 28.58 6.21 1.54
C SER B 102 29.24 5.80 2.84
N LEU B 103 28.45 5.21 3.73
CA LEU B 103 28.97 4.78 5.03
C LEU B 103 29.98 3.64 4.87
N GLN B 104 29.70 2.70 3.99
CA GLN B 104 30.60 1.56 3.81
C GLN B 104 31.90 1.99 3.17
N ALA B 105 33.02 1.56 3.74
CA ALA B 105 34.33 1.95 3.26
C ALA B 105 34.75 1.07 2.09
N GLN B 106 35.17 1.70 0.99
CA GLN B 106 35.57 0.96 -0.20
C GLN B 106 36.90 0.25 0.02
N LYS B 107 37.11 -0.82 -0.74
CA LYS B 107 38.35 -1.58 -0.71
C LYS B 107 38.83 -1.78 -2.14
N PRO B 108 39.37 -0.72 -2.76
CA PRO B 108 39.79 -0.82 -4.16
C PRO B 108 41.14 -1.49 -4.37
N ASN B 109 41.85 -1.86 -3.31
CA ASN B 109 43.19 -2.46 -3.42
C ASN B 109 43.15 -3.96 -3.24
N LEU B 110 42.10 -4.63 -3.73
CA LEU B 110 41.96 -6.07 -3.59
C LEU B 110 42.01 -6.73 -4.97
N SER B 111 42.88 -7.72 -5.10
CA SER B 111 42.99 -8.49 -6.33
C SER B 111 41.92 -9.58 -6.39
N PRO B 112 41.61 -10.10 -7.57
CA PRO B 112 40.56 -11.11 -7.66
C PRO B 112 40.83 -12.36 -6.85
N GLN B 113 42.09 -12.67 -6.56
CA GLN B 113 42.38 -13.84 -5.74
C GLN B 113 41.81 -13.69 -4.33
N GLU B 114 41.91 -12.49 -3.76
CA GLU B 114 41.35 -12.26 -2.42
C GLU B 114 39.84 -12.35 -2.43
N ILE B 115 39.20 -11.79 -3.45
CA ILE B 115 37.74 -11.72 -3.49
C ILE B 115 37.12 -13.11 -3.62
N ASP B 116 37.85 -14.04 -4.22
CA ASP B 116 37.38 -15.42 -4.26
C ASP B 116 37.59 -16.11 -2.92
N ALA B 117 38.66 -15.76 -2.21
CA ALA B 117 38.89 -16.33 -0.89
C ALA B 117 37.88 -15.80 0.13
N LEU B 118 37.62 -14.49 0.11
CA LEU B 118 36.69 -13.91 1.08
C LEU B 118 35.29 -14.47 0.91
N ILE B 119 34.85 -14.65 -0.33
CA ILE B 119 33.49 -15.11 -0.59
C ILE B 119 33.33 -16.58 -0.21
N GLU B 120 34.41 -17.36 -0.29
CA GLU B 120 34.33 -18.78 0.02
C GLU B 120 34.33 -19.02 1.53
N ASP B 121 35.08 -18.21 2.27
CA ASP B 121 35.22 -18.39 3.71
C ASP B 121 34.01 -17.88 4.51
N TRP B 122 33.06 -17.24 3.85
CA TRP B 122 31.88 -16.73 4.54
C TRP B 122 31.06 -17.87 5.10
N GLU B 123 30.48 -17.65 6.27
CA GLU B 123 29.68 -18.65 6.96
C GLU B 123 28.43 -18.01 7.54
N PRO B 124 27.25 -18.34 7.05
CA PRO B 124 26.03 -17.66 7.50
C PRO B 124 25.51 -18.27 8.79
N GLU B 125 24.37 -17.75 9.22
CA GLU B 125 23.65 -18.21 10.40
C GLU B 125 22.33 -18.86 10.00
N PRO B 126 21.77 -19.71 10.85
CA PRO B 126 20.48 -20.34 10.53
C PRO B 126 19.36 -19.33 10.48
N LEU B 127 18.30 -19.67 9.74
CA LEU B 127 17.20 -18.73 9.53
C LEU B 127 16.53 -18.39 10.84
N VAL B 128 16.16 -19.40 11.63
CA VAL B 128 15.66 -19.22 12.98
C VAL B 128 16.42 -20.18 13.88
N ASP B 129 16.83 -19.70 15.04
CA ASP B 129 17.71 -20.52 15.88
C ASP B 129 16.90 -21.61 16.58
N PRO B 130 17.26 -22.88 16.39
CA PRO B 130 16.59 -23.97 17.10
C PRO B 130 17.15 -24.27 18.49
N SER B 131 17.97 -23.37 19.05
CA SER B 131 18.66 -23.68 20.30
C SER B 131 17.68 -23.91 21.45
N ALA B 132 16.65 -23.09 21.55
CA ALA B 132 15.76 -23.12 22.70
C ALA B 132 14.30 -23.25 22.27
N THR B 133 14.05 -24.06 21.24
CA THR B 133 12.68 -24.24 20.79
C THR B 133 11.89 -25.17 21.70
N ASP B 134 12.58 -26.03 22.46
CA ASP B 134 11.89 -26.96 23.35
C ASP B 134 11.54 -26.36 24.69
N GLU B 135 12.25 -25.32 25.12
CA GLU B 135 11.98 -24.73 26.43
C GLU B 135 10.59 -24.09 26.48
N GLN B 136 10.17 -23.45 25.38
CA GLN B 136 8.86 -22.81 25.33
C GLN B 136 7.82 -23.70 24.68
N SER B 137 8.00 -25.01 24.76
CA SER B 137 7.04 -25.92 24.14
C SER B 137 5.82 -26.17 25.02
N TRP B 138 5.86 -25.82 26.30
CA TRP B 138 4.70 -26.03 27.14
C TRP B 138 3.58 -25.05 26.82
N ARG B 139 3.91 -23.83 26.41
CA ARG B 139 2.86 -22.84 26.14
C ARG B 139 2.04 -23.19 24.90
N VAL B 140 2.57 -24.02 24.01
CA VAL B 140 1.80 -24.44 22.84
C VAL B 140 1.10 -25.77 23.04
N ALA B 141 1.54 -26.56 24.03
CA ALA B 141 0.88 -27.82 24.35
C ALA B 141 -0.21 -27.67 25.40
N LYS B 142 -0.40 -26.47 25.95
CA LYS B 142 -1.46 -26.20 26.91
C LYS B 142 -2.61 -25.42 26.31
N THR B 143 -2.60 -25.16 25.02
CA THR B 143 -3.65 -24.38 24.40
C THR B 143 -4.91 -25.22 24.28
N PRO B 144 -6.03 -24.81 24.90
CA PRO B 144 -7.26 -25.59 24.78
C PRO B 144 -7.88 -25.41 23.41
N VAL B 145 -8.42 -26.50 22.87
CA VAL B 145 -9.13 -26.49 21.59
C VAL B 145 -10.55 -26.98 21.82
N THR B 146 -11.51 -26.26 21.24
CA THR B 146 -12.93 -26.61 21.36
C THR B 146 -13.34 -27.52 20.22
N MET B 147 -14.25 -28.45 20.52
CA MET B 147 -14.58 -29.54 19.60
C MET B 147 -16.03 -29.44 19.13
N GLU B 148 -16.22 -28.90 17.93
CA GLU B 148 -17.47 -28.98 17.18
C GLU B 148 -18.63 -28.30 17.92
N MET B 149 -18.34 -27.21 18.62
CA MET B 149 -19.37 -26.42 19.28
C MET B 149 -18.97 -24.96 19.27
N PRO B 150 -19.92 -24.04 19.32
CA PRO B 150 -19.56 -22.62 19.38
C PRO B 150 -18.99 -22.26 20.74
N ILE B 151 -18.10 -21.27 20.75
CA ILE B 151 -17.51 -20.80 22.00
C ILE B 151 -18.61 -20.13 22.82
N GLN B 152 -19.03 -20.80 23.88
CA GLN B 152 -20.15 -20.33 24.69
C GLN B 152 -19.79 -20.52 26.15
N ASN B 153 -20.80 -20.42 27.02
CA ASN B 153 -20.55 -20.51 28.45
C ASN B 153 -20.09 -21.91 28.86
N HIS B 154 -20.66 -22.95 28.26
CA HIS B 154 -20.31 -24.33 28.56
C HIS B 154 -19.83 -25.01 27.29
N ILE B 155 -18.55 -25.37 27.26
CA ILE B 155 -17.92 -25.97 26.10
C ILE B 155 -17.24 -27.27 26.53
N THR B 156 -16.56 -27.91 25.56
CA THR B 156 -15.78 -29.10 25.78
C THR B 156 -14.42 -28.90 25.14
N ILE B 157 -13.35 -29.13 25.91
CA ILE B 157 -12.01 -28.87 25.42
C ILE B 157 -11.18 -30.14 25.49
N THR B 158 -10.13 -30.17 24.66
CA THR B 158 -9.05 -31.14 24.75
C THR B 158 -7.73 -30.41 24.60
N ARG B 159 -6.68 -30.98 25.17
CA ARG B 159 -5.39 -30.32 25.18
C ARG B 159 -4.29 -31.29 24.77
N ASN B 160 -3.23 -30.73 24.18
CA ASN B 160 -2.03 -31.47 23.82
C ASN B 160 -2.35 -32.62 22.85
N ASN B 161 -2.84 -32.26 21.67
CA ASN B 161 -2.99 -33.19 20.56
C ASN B 161 -3.83 -34.41 20.96
N LEU B 162 -5.02 -34.14 21.52
CA LEU B 162 -6.02 -35.14 21.82
C LEU B 162 -5.59 -36.12 22.91
N GLN B 163 -4.55 -35.79 23.67
CA GLN B 163 -4.10 -36.70 24.72
C GLN B 163 -5.03 -36.70 25.94
N GLU B 164 -5.62 -35.57 26.28
CA GLU B 164 -6.50 -35.46 27.44
C GLU B 164 -7.78 -34.73 27.08
N LYS B 165 -8.88 -35.14 27.70
CA LYS B 165 -10.20 -34.61 27.35
C LYS B 165 -10.96 -34.21 28.60
N TYR B 166 -11.48 -32.99 28.61
CA TYR B 166 -12.33 -32.49 29.67
C TYR B 166 -13.65 -32.05 29.09
N THR B 167 -14.74 -32.34 29.81
CA THR B 167 -16.07 -32.05 29.30
C THR B 167 -16.85 -31.21 30.30
N ASN B 168 -17.72 -30.36 29.75
CA ASN B 168 -18.67 -29.55 30.52
C ASN B 168 -17.93 -28.63 31.50
N VAL B 169 -17.15 -27.73 30.92
CA VAL B 169 -16.40 -26.76 31.69
C VAL B 169 -17.13 -25.43 31.67
N PHE B 170 -16.76 -24.56 32.61
CA PHE B 170 -17.35 -23.23 32.74
C PHE B 170 -16.38 -22.23 32.14
N ASN B 171 -16.81 -21.52 31.12
CA ASN B 171 -15.90 -20.66 30.36
C ASN B 171 -15.77 -19.31 31.05
N LEU B 172 -14.52 -18.86 31.22
CA LEU B 172 -14.31 -17.52 31.77
C LEU B 172 -13.22 -16.77 31.01
N ALA B 173 -12.88 -17.19 29.80
CA ALA B 173 -11.84 -16.55 29.02
C ALA B 173 -12.33 -15.91 27.73
N SER B 174 -13.63 -15.95 27.47
CA SER B 174 -14.17 -15.40 26.25
C SER B 174 -14.04 -13.88 26.24
N ASN B 175 -13.85 -13.32 25.05
CA ASN B 175 -13.60 -11.91 24.89
C ASN B 175 -14.83 -11.12 24.45
N ASN B 176 -15.99 -11.74 24.40
CA ASN B 176 -17.23 -11.07 24.05
C ASN B 176 -18.04 -10.80 25.31
N PHE B 177 -18.58 -9.59 25.41
CA PHE B 177 -19.19 -9.12 26.65
C PHE B 177 -20.70 -8.97 26.59
N LEU B 178 -21.31 -9.06 25.42
CA LEU B 178 -22.74 -8.83 25.29
C LEU B 178 -23.50 -10.06 24.81
N GLN B 179 -22.93 -10.82 23.88
CA GLN B 179 -23.54 -12.03 23.34
C GLN B 179 -24.88 -11.72 22.66
N LEU B 180 -24.87 -10.71 21.80
CA LEU B 180 -26.02 -10.38 20.98
C LEU B 180 -25.94 -10.98 19.58
N SER B 181 -24.78 -11.48 19.16
CA SER B 181 -24.66 -12.08 17.84
C SER B 181 -25.22 -13.50 17.79
N ALA B 182 -25.63 -14.05 18.93
CA ALA B 182 -26.15 -15.41 18.99
C ALA B 182 -27.68 -15.47 19.00
N THR B 183 -28.34 -14.32 18.91
CA THR B 183 -29.80 -14.30 18.91
C THR B 183 -30.35 -14.71 17.56
N GLU B 184 -31.63 -15.07 17.55
CA GLU B 184 -32.27 -15.48 16.30
C GLU B 184 -32.30 -14.39 15.24
N PRO B 185 -32.76 -13.17 15.52
CA PRO B 185 -32.81 -12.16 14.45
C PRO B 185 -31.47 -11.88 13.80
N VAL B 186 -30.38 -11.94 14.57
CA VAL B 186 -29.07 -11.78 13.95
C VAL B 186 -28.78 -12.94 13.02
N LYS B 187 -29.20 -14.14 13.40
CA LYS B 187 -28.93 -15.30 12.55
C LYS B 187 -29.70 -15.22 11.24
N GLU B 188 -30.96 -14.80 11.29
CA GLU B 188 -31.75 -14.71 10.06
C GLU B 188 -31.21 -13.67 9.11
N VAL B 189 -30.75 -12.53 9.63
CA VAL B 189 -30.12 -11.54 8.78
C VAL B 189 -28.87 -12.12 8.14
N VAL B 190 -28.13 -12.97 8.87
CA VAL B 190 -26.92 -13.55 8.32
C VAL B 190 -27.24 -14.50 7.18
N LYS B 191 -28.23 -15.36 7.36
CA LYS B 191 -28.54 -16.34 6.32
C LYS B 191 -29.01 -15.68 5.04
N THR B 192 -29.91 -14.69 5.16
CA THR B 192 -30.40 -14.01 3.96
C THR B 192 -29.29 -13.27 3.24
N THR B 193 -28.41 -12.60 3.99
CA THR B 193 -27.29 -11.93 3.34
C THR B 193 -26.41 -12.93 2.61
N ILE B 194 -26.21 -14.11 3.20
CA ILE B 194 -25.37 -15.12 2.56
C ILE B 194 -25.99 -15.60 1.25
N LYS B 195 -27.30 -15.83 1.24
CA LYS B 195 -27.96 -16.33 0.04
C LYS B 195 -27.92 -15.30 -1.09
N ASN B 196 -28.13 -14.03 -0.77
CA ASN B 196 -28.27 -13.02 -1.83
C ASN B 196 -26.97 -12.34 -2.20
N TYR B 197 -25.95 -12.38 -1.35
CA TYR B 197 -24.73 -11.67 -1.62
C TYR B 197 -23.51 -12.57 -1.70
N GLY B 198 -23.66 -13.86 -1.47
CA GLY B 198 -22.51 -14.74 -1.50
C GLY B 198 -21.68 -14.63 -0.22
N VAL B 199 -20.47 -15.15 -0.31
CA VAL B 199 -19.62 -15.24 0.89
C VAL B 199 -18.76 -13.99 1.05
N GLY B 200 -17.98 -13.63 0.05
CA GLY B 200 -17.04 -12.52 0.21
C GLY B 200 -16.87 -11.73 -1.06
N ALA B 201 -16.53 -10.45 -0.89
CA ALA B 201 -16.23 -9.60 -2.03
C ALA B 201 -14.92 -10.03 -2.66
N CYS B 202 -14.73 -9.66 -3.93
CA CYS B 202 -13.55 -10.07 -4.68
C CYS B 202 -12.81 -8.88 -5.28
N GLY B 203 -12.96 -7.70 -4.66
CA GLY B 203 -12.31 -6.48 -5.19
C GLY B 203 -11.85 -5.55 -4.08
N PRO B 204 -10.83 -4.70 -4.32
CA PRO B 204 -10.35 -3.72 -3.34
C PRO B 204 -11.34 -2.55 -3.11
N ALA B 205 -11.14 -1.77 -2.05
CA ALA B 205 -12.04 -0.65 -1.71
C ALA B 205 -12.07 0.37 -2.85
N GLY B 206 -10.95 0.49 -3.57
CA GLY B 206 -10.85 1.45 -4.69
C GLY B 206 -12.03 1.45 -5.64
N PHE B 207 -12.25 0.36 -6.38
CA PHE B 207 -13.32 0.40 -7.41
C PHE B 207 -14.55 -0.46 -7.14
N TYR B 208 -14.53 -1.70 -7.62
CA TYR B 208 -15.70 -2.63 -7.53
C TYR B 208 -16.06 -3.00 -6.10
N GLY B 209 -15.08 -3.09 -5.19
CA GLY B 209 -15.36 -3.61 -3.83
C GLY B 209 -16.36 -2.87 -2.96
N ASN B 210 -16.30 -1.54 -2.86
CA ASN B 210 -17.32 -0.92 -1.95
C ASN B 210 -18.66 -1.17 -2.63
N GLN B 211 -19.73 -1.37 -1.86
CA GLN B 211 -21.04 -1.76 -2.42
C GLN B 211 -22.11 -1.10 -1.55
N ASP B 212 -23.39 -1.21 -1.92
CA ASP B 212 -24.45 -0.50 -1.17
C ASP B 212 -24.52 -0.78 0.34
N VAL B 213 -24.39 -2.04 0.75
CA VAL B 213 -24.51 -2.39 2.19
C VAL B 213 -23.35 -1.79 3.00
N HIS B 214 -22.17 -1.67 2.39
CA HIS B 214 -20.99 -1.10 3.08
C HIS B 214 -21.40 0.30 3.53
N TYR B 215 -21.62 1.21 2.57
CA TYR B 215 -22.00 2.58 2.88
C TYR B 215 -23.10 2.72 3.92
N THR B 216 -24.01 1.75 3.98
CA THR B 216 -25.11 1.81 4.95
C THR B 216 -24.53 1.77 6.35
N LEU B 217 -23.55 0.90 6.58
CA LEU B 217 -22.95 0.80 7.91
C LEU B 217 -22.23 2.08 8.30
N GLU B 218 -21.53 2.70 7.35
CA GLU B 218 -20.82 3.93 7.66
C GLU B 218 -21.79 5.03 8.07
N TYR B 219 -22.92 5.16 7.37
CA TYR B 219 -23.92 6.14 7.77
C TYR B 219 -24.48 5.80 9.14
N ASP B 220 -24.62 4.50 9.42
CA ASP B 220 -25.28 4.07 10.65
C ASP B 220 -24.39 4.26 11.87
N LEU B 221 -23.10 3.93 11.75
CA LEU B 221 -22.18 4.16 12.86
C LEU B 221 -22.03 5.63 13.16
N ALA B 222 -21.93 6.47 12.12
CA ALA B 222 -21.75 7.90 12.33
C ALA B 222 -22.93 8.48 13.10
N GLN B 223 -24.15 8.05 12.75
CA GLN B 223 -25.33 8.59 13.43
C GLN B 223 -25.40 8.13 14.87
N PHE B 224 -24.94 6.92 15.16
CA PHE B 224 -25.10 6.34 16.49
C PHE B 224 -24.14 6.96 17.49
N PHE B 225 -22.90 7.22 17.09
CA PHE B 225 -21.89 7.80 17.97
C PHE B 225 -21.77 9.30 17.83
N GLY B 226 -22.63 9.93 17.03
CA GLY B 226 -22.62 11.38 16.90
C GLY B 226 -21.38 11.96 16.28
N THR B 227 -20.94 11.39 15.17
CA THR B 227 -19.81 11.91 14.42
C THR B 227 -20.24 12.13 12.97
N GLN B 228 -19.46 12.94 12.25
CA GLN B 228 -19.82 13.25 10.88
C GLN B 228 -19.73 12.03 9.97
N GLY B 229 -18.75 11.16 10.21
CA GLY B 229 -18.59 9.99 9.35
C GLY B 229 -17.65 8.98 9.97
N SER B 230 -17.44 7.90 9.22
CA SER B 230 -16.58 6.82 9.68
C SER B 230 -16.05 6.04 8.48
N VAL B 231 -14.99 5.26 8.73
CA VAL B 231 -14.32 4.45 7.72
C VAL B 231 -14.10 3.06 8.29
N LEU B 232 -14.37 2.04 7.47
CA LEU B 232 -14.20 0.65 7.88
C LEU B 232 -12.83 0.13 7.47
N TYR B 233 -12.24 -0.67 8.34
CA TYR B 233 -10.95 -1.30 8.09
C TYR B 233 -11.08 -2.81 8.14
N GLY B 234 -10.14 -3.49 7.46
CA GLY B 234 -10.22 -4.93 7.35
C GLY B 234 -10.00 -5.64 8.68
N GLN B 235 -9.02 -5.19 9.46
CA GLN B 235 -8.67 -5.85 10.71
C GLN B 235 -8.33 -4.79 11.74
N ASP B 236 -8.70 -5.04 13.00
CA ASP B 236 -8.49 -4.05 14.05
C ASP B 236 -7.00 -3.89 14.38
N PHE B 237 -6.24 -4.97 14.32
CA PHE B 237 -4.82 -4.90 14.65
C PHE B 237 -4.04 -4.06 13.64
N CYS B 238 -4.60 -3.82 12.46
CA CYS B 238 -3.96 -3.01 11.43
C CYS B 238 -4.65 -1.65 11.25
N ALA B 239 -5.29 -1.16 12.30
CA ALA B 239 -5.94 0.15 12.22
C ALA B 239 -4.99 1.27 12.65
N ALA B 240 -4.48 1.20 13.87
CA ALA B 240 -3.58 2.24 14.37
C ALA B 240 -2.31 2.38 13.53
N PRO B 241 -1.61 1.30 13.14
CA PRO B 241 -0.41 1.48 12.31
C PRO B 241 -0.68 2.00 10.92
N SER B 242 -1.95 2.15 10.52
CA SER B 242 -2.28 2.58 9.19
C SER B 242 -2.91 3.96 9.12
N VAL B 243 -3.33 4.52 10.26
CA VAL B 243 -3.92 5.85 10.30
C VAL B 243 -2.96 6.87 10.91
N LEU B 244 -2.22 6.48 11.94
CA LEU B 244 -1.28 7.42 12.56
C LEU B 244 -0.17 7.85 11.61
N PRO B 245 0.49 6.95 10.85
CA PRO B 245 1.51 7.42 9.90
C PRO B 245 0.95 8.31 8.80
N ALA B 246 -0.33 8.23 8.50
CA ALA B 246 -0.90 9.07 7.45
C ALA B 246 -0.83 10.54 7.82
N PHE B 247 -1.17 10.88 9.07
CA PHE B 247 -1.19 12.27 9.48
C PHE B 247 0.09 12.73 10.18
N THR B 248 1.09 11.88 10.34
CA THR B 248 2.30 12.27 11.05
C THR B 248 3.52 12.07 10.17
N LYS B 249 4.49 12.98 10.30
CA LYS B 249 5.69 12.95 9.49
C LYS B 249 6.84 13.50 10.32
N ARG B 250 8.02 13.55 9.72
CA ARG B 250 9.19 14.09 10.39
C ARG B 250 8.98 15.57 10.71
N GLY B 251 9.52 15.99 11.85
CA GLY B 251 9.36 17.35 12.30
C GLY B 251 8.17 17.60 13.19
N ASP B 252 7.30 16.61 13.38
CA ASP B 252 6.16 16.76 14.26
C ASP B 252 6.56 16.38 15.69
N VAL B 253 5.59 16.46 16.59
CA VAL B 253 5.79 16.12 18.00
C VAL B 253 4.60 15.29 18.46
N ILE B 254 4.88 14.23 19.20
CA ILE B 254 3.85 13.34 19.73
C ILE B 254 4.12 13.09 21.20
N VAL B 255 3.09 13.26 22.03
CA VAL B 255 3.18 13.00 23.46
C VAL B 255 2.29 11.82 23.78
N ALA B 256 2.90 10.73 24.24
CA ALA B 256 2.19 9.49 24.48
C ALA B 256 2.33 9.04 25.92
N ASP B 257 1.48 8.10 26.30
CA ASP B 257 1.40 7.64 27.67
C ASP B 257 2.62 6.80 28.03
N ASP B 258 2.83 6.63 29.35
CA ASP B 258 3.98 5.88 29.82
C ASP B 258 3.90 4.42 29.39
N GLN B 259 2.70 3.84 29.43
CA GLN B 259 2.54 2.47 28.99
C GLN B 259 1.31 2.37 28.11
N VAL B 260 1.48 1.81 26.92
CA VAL B 260 0.40 1.62 25.96
C VAL B 260 0.54 0.21 25.40
N SER B 261 -0.46 -0.20 24.63
CA SER B 261 -0.45 -1.53 24.06
C SER B 261 0.53 -1.63 22.89
N LEU B 262 0.71 -2.85 22.40
CA LEU B 262 1.66 -3.06 21.30
C LEU B 262 1.28 -2.32 20.03
N PRO B 263 0.03 -2.38 19.53
CA PRO B 263 -0.28 -1.64 18.29
C PRO B 263 0.04 -0.17 18.34
N VAL B 264 -0.17 0.46 19.50
CA VAL B 264 0.20 1.87 19.63
C VAL B 264 1.71 2.02 19.49
N GLN B 265 2.48 1.08 20.03
CA GLN B 265 3.93 1.17 19.91
C GLN B 265 4.36 1.01 18.46
N ASN B 266 3.73 0.12 17.71
CA ASN B 266 4.06 -0.04 16.30
C ASN B 266 3.70 1.21 15.51
N ALA B 267 2.58 1.84 15.84
CA ALA B 267 2.22 3.09 15.18
C ALA B 267 3.26 4.18 15.45
N LEU B 268 3.73 4.27 16.69
CA LEU B 268 4.72 5.29 17.01
C LEU B 268 6.04 5.04 16.29
N GLN B 269 6.44 3.78 16.16
CA GLN B 269 7.71 3.49 15.49
C GLN B 269 7.63 3.83 14.00
N LEU B 270 6.51 3.53 13.35
CA LEU B 270 6.35 3.82 11.94
C LEU B 270 6.05 5.29 11.66
N SER B 271 5.72 6.07 12.68
CA SER B 271 5.37 7.47 12.47
C SER B 271 6.55 8.27 11.97
N ARG B 272 7.76 7.95 12.45
CA ARG B 272 8.97 8.68 12.11
C ARG B 272 8.87 10.15 12.55
N SER B 273 8.65 10.32 13.86
CA SER B 273 8.54 11.65 14.44
C SER B 273 8.97 11.59 15.90
N THR B 274 9.37 12.74 16.44
CA THR B 274 9.83 12.80 17.81
C THR B 274 8.73 12.38 18.77
N VAL B 275 9.08 11.53 19.72
CA VAL B 275 8.13 10.92 20.65
C VAL B 275 8.62 11.11 22.08
N TYR B 276 7.81 11.74 22.90
CA TYR B 276 8.09 11.91 24.32
C TYR B 276 7.23 10.96 25.14
N TYR B 277 7.47 10.94 26.45
CA TYR B 277 6.70 10.10 27.35
C TYR B 277 6.43 10.85 28.64
N PHE B 278 5.29 10.55 29.25
CA PHE B 278 4.93 11.11 30.54
C PHE B 278 4.37 10.02 31.43
N ASN B 279 4.52 10.19 32.74
CA ASN B 279 4.15 9.17 33.70
C ASN B 279 2.68 8.76 33.53
N HIS B 280 2.38 7.56 34.02
CA HIS B 280 1.07 6.97 33.88
C HIS B 280 0.05 7.75 34.72
N ASN B 281 -0.83 8.50 34.04
CA ASN B 281 -1.90 9.26 34.69
C ASN B 281 -1.35 10.19 35.76
N ASP B 282 -0.52 11.13 35.33
CA ASP B 282 0.05 12.14 36.21
C ASP B 282 -0.10 13.49 35.51
N MET B 283 -1.18 14.19 35.83
CA MET B 283 -1.50 15.43 35.13
C MET B 283 -0.43 16.49 35.34
N ASN B 284 0.20 16.51 36.52
CA ASN B 284 1.27 17.47 36.75
C ASN B 284 2.42 17.27 35.79
N SER B 285 2.78 16.01 35.52
CA SER B 285 3.83 15.74 34.56
C SER B 285 3.41 16.15 33.16
N LEU B 286 2.16 15.90 32.80
CA LEU B 286 1.69 16.30 31.47
C LEU B 286 1.69 17.81 31.32
N GLU B 287 1.26 18.53 32.37
CA GLU B 287 1.30 19.99 32.31
C GLU B 287 2.73 20.50 32.22
N CYS B 288 3.65 19.94 33.01
CA CYS B 288 5.02 20.41 32.99
C CYS B 288 5.66 20.13 31.63
N LEU B 289 5.39 18.98 31.03
CA LEU B 289 5.95 18.67 29.73
C LEU B 289 5.39 19.58 28.64
N LEU B 290 4.08 19.86 28.69
CA LEU B 290 3.47 20.71 27.66
C LEU B 290 3.89 22.17 27.81
N ASN B 291 4.11 22.62 29.04
CA ASN B 291 4.59 23.99 29.24
C ASN B 291 5.98 24.17 28.68
N GLU B 292 6.86 23.18 28.87
CA GLU B 292 8.22 23.28 28.37
C GLU B 292 8.26 23.32 26.85
N LEU B 293 7.49 22.45 26.19
CA LEU B 293 7.53 22.39 24.74
C LEU B 293 7.01 23.69 24.12
N THR B 294 5.97 24.26 24.70
CA THR B 294 5.40 25.49 24.13
C THR B 294 6.38 26.65 24.25
N GLU B 295 7.02 26.81 25.40
CA GLU B 295 7.94 27.93 25.58
C GLU B 295 9.13 27.81 24.64
N GLN B 296 9.67 26.60 24.47
CA GLN B 296 10.81 26.42 23.58
C GLN B 296 10.42 26.73 22.13
N GLU B 297 9.21 26.34 21.73
CA GLU B 297 8.77 26.58 20.36
C GLU B 297 8.54 28.06 20.09
N LYS B 298 7.97 28.78 21.07
CA LYS B 298 7.77 30.21 20.89
C LYS B 298 9.10 30.93 20.72
N LEU B 299 10.09 30.57 21.53
CA LEU B 299 11.41 31.21 21.46
C LEU B 299 12.14 30.85 20.17
N GLU B 300 11.78 29.73 19.53
CA GLU B 300 12.52 29.26 18.36
C GLU B 300 12.35 30.19 17.17
N LYS B 301 11.20 30.85 17.06
CA LYS B 301 10.86 31.72 15.93
C LYS B 301 10.87 30.92 14.62
N LEU B 302 9.97 29.96 14.55
CA LEU B 302 9.84 29.09 13.40
C LEU B 302 8.70 29.57 12.52
N PRO B 303 8.83 29.55 11.18
CA PRO B 303 7.80 30.14 10.33
C PRO B 303 6.44 29.47 10.44
N ALA B 304 6.38 28.16 10.18
CA ALA B 304 5.12 27.43 10.13
C ALA B 304 5.06 26.44 11.29
N ILE B 305 3.98 26.52 12.06
CA ILE B 305 3.86 25.67 13.26
C ILE B 305 3.60 24.23 12.84
N PRO B 306 4.21 23.25 13.49
CA PRO B 306 4.02 21.85 13.09
C PRO B 306 2.77 21.27 13.72
N ARG B 307 2.53 19.99 13.42
CA ARG B 307 1.39 19.26 13.96
C ARG B 307 1.78 18.63 15.29
N LYS B 308 0.87 18.72 16.25
CA LYS B 308 1.07 18.16 17.58
C LYS B 308 -0.07 17.21 17.91
N PHE B 309 0.23 16.16 18.67
CA PHE B 309 -0.75 15.15 19.03
C PHE B 309 -0.59 14.74 20.48
N ILE B 310 -1.66 14.18 21.03
CA ILE B 310 -1.63 13.52 22.33
C ILE B 310 -2.22 12.12 22.15
N VAL B 311 -1.46 11.10 22.52
CA VAL B 311 -1.86 9.71 22.33
C VAL B 311 -2.03 9.04 23.68
N THR B 312 -3.21 8.53 23.92
CA THR B 312 -3.51 7.73 25.10
C THR B 312 -4.58 6.72 24.72
N GLU B 313 -5.26 6.15 25.71
CA GLU B 313 -6.35 5.25 25.41
C GLU B 313 -7.33 5.22 26.56
N GLY B 314 -8.34 4.36 26.42
CA GLY B 314 -9.44 4.33 27.35
C GLY B 314 -9.17 3.35 28.47
N ILE B 315 -9.85 2.22 28.48
CA ILE B 315 -9.55 1.16 29.43
C ILE B 315 -8.31 0.42 28.94
N PHE B 316 -7.23 0.48 29.73
CA PHE B 316 -5.95 -0.03 29.26
C PHE B 316 -5.97 -1.54 29.08
N HIS B 317 -5.24 -2.01 28.08
CA HIS B 317 -5.23 -3.44 27.76
C HIS B 317 -4.51 -4.25 28.83
N ASN B 318 -3.40 -3.72 29.36
CA ASN B 318 -2.61 -4.48 30.32
C ASN B 318 -2.99 -4.19 31.76
N SER B 319 -3.26 -2.93 32.09
CA SER B 319 -3.61 -2.57 33.47
C SER B 319 -5.11 -2.65 33.71
N GLY B 320 -5.91 -2.19 32.76
CA GLY B 320 -7.35 -2.19 32.91
C GLY B 320 -7.91 -1.17 33.90
N ASP B 321 -7.38 0.05 33.89
CA ASP B 321 -7.96 1.13 34.67
C ASP B 321 -8.44 2.23 33.72
N LEU B 322 -9.07 3.25 34.30
CA LEU B 322 -9.78 4.25 33.53
C LEU B 322 -8.99 5.55 33.42
N ALA B 323 -9.10 6.20 32.26
CA ALA B 323 -8.36 7.44 32.08
C ALA B 323 -9.25 8.65 32.30
N PRO B 324 -8.79 9.69 33.00
CA PRO B 324 -9.64 10.86 33.23
C PRO B 324 -9.70 11.72 31.98
N LEU B 325 -10.92 11.95 31.48
CA LEU B 325 -11.10 12.73 30.27
C LEU B 325 -11.11 14.24 30.52
N PRO B 326 -11.84 14.76 31.52
CA PRO B 326 -11.92 16.22 31.66
C PRO B 326 -10.58 16.93 31.78
N GLU B 327 -9.61 16.33 32.46
CA GLU B 327 -8.30 16.97 32.52
C GLU B 327 -7.65 17.00 31.14
N LEU B 328 -7.77 15.91 30.37
CA LEU B 328 -7.14 15.89 29.06
C LEU B 328 -7.76 16.92 28.13
N THR B 329 -9.08 17.08 28.18
CA THR B 329 -9.73 18.06 27.32
C THR B 329 -9.33 19.48 27.69
N LYS B 330 -9.29 19.79 28.99
CA LYS B 330 -8.93 21.14 29.39
C LYS B 330 -7.49 21.46 29.04
N LEU B 331 -6.60 20.47 29.13
CA LEU B 331 -5.20 20.72 28.81
C LEU B 331 -4.99 20.87 27.31
N LYS B 332 -5.72 20.10 26.49
CA LYS B 332 -5.53 20.21 25.04
C LYS B 332 -6.09 21.52 24.50
N ASN B 333 -7.10 22.10 25.16
CA ASN B 333 -7.65 23.35 24.68
C ASN B 333 -6.72 24.52 24.97
N LYS B 334 -6.11 24.53 26.16
CA LYS B 334 -5.26 25.66 26.52
C LYS B 334 -3.93 25.64 25.77
N TYR B 335 -3.36 24.46 25.57
CA TYR B 335 -2.03 24.35 24.98
C TYR B 335 -2.06 23.96 23.51
N LYS B 336 -3.23 23.94 22.87
CA LYS B 336 -3.34 23.76 21.43
C LYS B 336 -2.74 22.43 20.98
N PHE B 337 -3.34 21.35 21.46
CA PHE B 337 -2.95 20.00 21.09
C PHE B 337 -4.16 19.22 20.61
N ARG B 338 -3.93 18.25 19.74
CA ARG B 338 -4.97 17.35 19.28
C ARG B 338 -4.95 16.06 20.08
N LEU B 339 -6.13 15.45 20.23
CA LEU B 339 -6.32 14.30 21.11
C LEU B 339 -6.63 13.06 20.29
N PHE B 340 -6.06 11.93 20.73
CA PHE B 340 -6.22 10.64 20.06
C PHE B 340 -6.47 9.59 21.11
N VAL B 341 -7.65 8.97 21.07
CA VAL B 341 -8.04 7.96 22.06
C VAL B 341 -8.33 6.65 21.35
N ASP B 342 -7.73 5.58 21.83
CA ASP B 342 -7.87 4.25 21.24
C ASP B 342 -8.66 3.38 22.22
N GLU B 343 -9.98 3.42 22.10
CA GLU B 343 -10.87 2.62 22.95
C GLU B 343 -11.27 1.36 22.20
N THR B 344 -10.98 0.22 22.79
CA THR B 344 -11.35 -1.07 22.24
C THR B 344 -12.20 -1.90 23.17
N PHE B 345 -11.89 -1.89 24.46
CA PHE B 345 -12.61 -2.65 25.47
C PHE B 345 -13.71 -1.84 26.14
N SER B 346 -13.92 -0.59 25.75
CA SER B 346 -14.90 0.27 26.40
C SER B 346 -16.01 0.69 25.47
N ILE B 347 -16.07 0.16 24.24
CA ILE B 347 -17.09 0.58 23.29
C ILE B 347 -18.47 0.18 23.79
N GLY B 348 -18.61 -1.04 24.28
CA GLY B 348 -19.92 -1.52 24.68
C GLY B 348 -20.05 -1.80 26.16
N VAL B 349 -19.14 -1.30 26.98
CA VAL B 349 -19.14 -1.63 28.39
C VAL B 349 -19.39 -0.39 29.23
N LEU B 350 -18.92 0.76 28.75
CA LEU B 350 -19.04 1.99 29.50
C LEU B 350 -20.32 2.73 29.13
N GLY B 351 -20.76 3.60 30.03
CA GLY B 351 -21.90 4.44 29.79
C GLY B 351 -23.21 3.79 30.19
N ALA B 352 -24.25 4.61 30.23
CA ALA B 352 -25.58 4.13 30.59
C ALA B 352 -26.24 3.37 29.44
N THR B 353 -25.75 3.52 28.23
CA THR B 353 -26.29 2.83 27.07
C THR B 353 -25.26 2.01 26.32
N GLY B 354 -24.00 2.46 26.27
CA GLY B 354 -22.98 1.74 25.56
C GLY B 354 -22.38 2.55 24.43
N ARG B 355 -22.30 3.86 24.59
CA ARG B 355 -21.69 4.70 23.57
C ARG B 355 -20.23 5.02 23.85
N GLY B 356 -19.68 4.54 24.95
CA GLY B 356 -18.26 4.67 25.18
C GLY B 356 -17.87 5.56 26.34
N LEU B 357 -16.63 6.04 26.33
CA LEU B 357 -16.14 6.86 27.43
C LEU B 357 -16.81 8.22 27.47
N SER B 358 -17.17 8.75 26.30
CA SER B 358 -17.75 10.09 26.25
C SER B 358 -19.08 10.15 26.99
N GLU B 359 -19.91 9.11 26.85
CA GLU B 359 -21.18 9.08 27.56
C GLU B 359 -21.00 8.95 29.06
N HIS B 360 -20.00 8.17 29.47
CA HIS B 360 -19.80 7.91 30.89
C HIS B 360 -19.52 9.20 31.67
N PHE B 361 -18.75 10.11 31.07
CA PHE B 361 -18.42 11.38 31.71
C PHE B 361 -19.38 12.50 31.34
N ASN B 362 -20.42 12.22 30.56
CA ASN B 362 -21.43 13.20 30.18
C ASN B 362 -20.82 14.34 29.36
N MET B 363 -20.29 13.99 28.19
CA MET B 363 -19.74 14.97 27.27
C MET B 363 -20.17 14.58 25.86
N ASP B 364 -19.66 15.32 24.87
CA ASP B 364 -19.97 15.06 23.48
C ASP B 364 -18.72 14.63 22.74
N ARG B 365 -18.88 13.68 21.81
CA ARG B 365 -17.74 13.14 21.08
C ARG B 365 -17.32 14.03 19.91
N ALA B 366 -18.15 14.98 19.50
CA ALA B 366 -17.82 15.81 18.36
C ALA B 366 -16.61 16.71 18.65
N THR B 367 -16.57 17.28 19.85
CA THR B 367 -15.54 18.25 20.20
C THR B 367 -14.51 17.75 21.19
N ALA B 368 -14.84 16.70 21.97
CA ALA B 368 -13.91 16.23 22.98
C ALA B 368 -12.72 15.50 22.34
N ILE B 369 -12.98 14.64 21.37
CA ILE B 369 -11.97 13.75 20.82
C ILE B 369 -11.85 13.96 19.33
N ASP B 370 -10.62 14.11 18.85
CA ASP B 370 -10.43 14.35 17.42
C ASP B 370 -10.45 13.05 16.63
N ILE B 371 -9.66 12.07 17.03
CA ILE B 371 -9.55 10.79 16.32
C ILE B 371 -9.88 9.67 17.29
N THR B 372 -10.74 8.75 16.85
CA THR B 372 -11.13 7.61 17.67
C THR B 372 -10.93 6.33 16.88
N VAL B 373 -10.25 5.36 17.49
CA VAL B 373 -10.00 4.06 16.87
C VAL B 373 -10.64 2.99 17.73
N GLY B 374 -11.49 2.18 17.13
CA GLY B 374 -12.19 1.15 17.87
C GLY B 374 -12.09 -0.22 17.24
N SER B 375 -12.87 -1.16 17.76
CA SER B 375 -12.88 -2.51 17.22
C SER B 375 -14.28 -3.09 17.37
N MET B 376 -14.58 -4.11 16.55
CA MET B 376 -15.90 -4.71 16.52
C MET B 376 -15.94 -6.13 17.06
N ALA B 377 -14.81 -6.83 17.13
CA ALA B 377 -14.84 -8.23 17.54
C ALA B 377 -15.00 -8.38 19.05
N THR B 378 -14.57 -7.39 19.83
CA THR B 378 -14.59 -7.53 21.29
C THR B 378 -16.00 -7.51 21.83
N ALA B 379 -16.81 -6.55 21.41
CA ALA B 379 -18.14 -6.37 22.00
C ALA B 379 -19.27 -6.59 21.00
N LEU B 380 -19.23 -5.95 19.84
CA LEU B 380 -20.32 -6.05 18.88
C LEU B 380 -20.53 -7.48 18.40
N GLY B 381 -19.45 -8.21 18.12
CA GLY B 381 -19.56 -9.62 17.82
C GLY B 381 -19.26 -10.03 16.39
N SER B 382 -18.31 -9.36 15.75
CA SER B 382 -17.90 -9.72 14.39
C SER B 382 -16.59 -9.02 14.08
N THR B 383 -15.87 -9.56 13.11
CA THR B 383 -14.54 -9.06 12.80
C THR B 383 -14.60 -7.70 12.13
N GLY B 384 -13.53 -6.92 12.28
CA GLY B 384 -13.39 -5.65 11.61
C GLY B 384 -12.93 -4.57 12.56
N GLY B 385 -12.95 -3.34 12.07
CA GLY B 385 -12.56 -2.19 12.87
C GLY B 385 -12.92 -0.90 12.17
N PHE B 386 -13.06 0.20 12.90
CA PHE B 386 -13.49 1.44 12.31
C PHE B 386 -12.77 2.61 12.95
N VAL B 387 -12.85 3.76 12.29
CA VAL B 387 -12.23 5.00 12.73
C VAL B 387 -13.28 6.11 12.63
N LEU B 388 -13.32 6.96 13.65
CA LEU B 388 -14.33 8.02 13.73
C LEU B 388 -13.67 9.39 13.67
N GLY B 389 -14.33 10.32 12.99
CA GLY B 389 -13.81 11.67 12.87
C GLY B 389 -14.68 12.51 11.96
N ASP B 390 -14.21 13.74 11.72
CA ASP B 390 -14.95 14.64 10.86
C ASP B 390 -14.73 14.30 9.40
N SER B 391 -15.29 15.12 8.51
CA SER B 391 -15.31 14.77 7.09
C SER B 391 -13.94 14.91 6.45
N VAL B 392 -13.18 15.93 6.84
CA VAL B 392 -11.91 16.20 6.15
C VAL B 392 -10.94 15.04 6.33
N MET B 393 -10.87 14.49 7.54
CA MET B 393 -9.91 13.41 7.78
C MET B 393 -10.29 12.14 7.03
N CYS B 394 -11.59 11.85 6.93
CA CYS B 394 -12.03 10.66 6.21
C CYS B 394 -11.73 10.76 4.72
N LEU B 395 -11.91 11.95 4.14
CA LEU B 395 -11.59 12.14 2.73
C LEU B 395 -10.11 11.93 2.46
N HIS B 396 -9.24 12.49 3.32
CA HIS B 396 -7.80 12.25 3.16
C HIS B 396 -7.45 10.80 3.42
N GLN B 397 -8.26 10.12 4.24
CA GLN B 397 -7.95 8.73 4.60
C GLN B 397 -8.26 7.78 3.45
N ARG B 398 -9.25 8.09 2.63
CA ARG B 398 -9.60 7.19 1.53
C ARG B 398 -8.49 7.05 0.51
N ILE B 399 -7.58 8.00 0.43
CA ILE B 399 -6.52 7.97 -0.56
C ILE B 399 -5.14 7.78 0.06
N GLY B 400 -4.90 8.31 1.25
CA GLY B 400 -3.59 8.29 1.86
C GLY B 400 -3.36 7.22 2.91
N SER B 401 -4.24 6.23 3.02
CA SER B 401 -4.09 5.15 3.98
C SER B 401 -3.73 3.87 3.24
N ASN B 402 -2.65 3.23 3.68
CA ASN B 402 -2.16 2.05 2.96
C ASN B 402 -3.07 0.85 3.17
N ALA B 403 -3.56 0.64 4.38
CA ALA B 403 -4.36 -0.55 4.66
C ALA B 403 -5.74 -0.50 4.01
N TYR B 404 -6.20 0.68 3.61
CA TYR B 404 -7.49 0.80 2.96
C TYR B 404 -7.38 0.77 1.44
N CYS B 405 -6.35 1.41 0.89
CA CYS B 405 -6.23 1.48 -0.57
C CYS B 405 -5.80 0.14 -1.15
N PHE B 406 -4.89 -0.55 -0.48
CA PHE B 406 -4.24 -1.74 -1.04
C PHE B 406 -4.70 -3.02 -0.36
N SER B 407 -6.00 -3.13 -0.06
CA SER B 407 -6.54 -4.33 0.54
C SER B 407 -7.99 -4.51 0.14
N ALA B 408 -8.47 -5.74 0.29
CA ALA B 408 -9.83 -6.08 -0.10
C ALA B 408 -10.83 -5.65 0.96
N CYS B 409 -12.11 -5.69 0.60
CA CYS B 409 -13.19 -5.27 1.48
C CYS B 409 -13.71 -6.43 2.33
N LEU B 410 -14.46 -6.07 3.37
CA LEU B 410 -15.02 -7.06 4.29
C LEU B 410 -16.14 -7.85 3.62
N PRO B 411 -16.41 -9.06 4.11
CA PRO B 411 -17.53 -9.84 3.57
C PRO B 411 -18.87 -9.20 3.90
N ALA B 412 -19.89 -9.63 3.17
CA ALA B 412 -21.20 -8.99 3.27
C ALA B 412 -21.89 -9.31 4.59
N TYR B 413 -21.84 -10.57 5.03
CA TYR B 413 -22.62 -10.96 6.21
C TYR B 413 -22.07 -10.33 7.48
N THR B 414 -20.77 -9.97 7.50
CA THR B 414 -20.25 -9.27 8.66
C THR B 414 -20.87 -7.88 8.80
N VAL B 415 -21.00 -7.17 7.69
CA VAL B 415 -21.52 -5.80 7.74
C VAL B 415 -22.99 -5.79 8.13
N THR B 416 -23.79 -6.68 7.54
CA THR B 416 -25.22 -6.68 7.83
C THR B 416 -25.49 -7.09 9.27
N SER B 417 -24.73 -8.06 9.79
CA SER B 417 -24.97 -8.54 11.14
C SER B 417 -24.71 -7.45 12.18
N VAL B 418 -23.63 -6.67 11.99
CA VAL B 418 -23.32 -5.59 12.93
C VAL B 418 -24.41 -4.53 12.89
N SER B 419 -24.88 -4.17 11.69
CA SER B 419 -25.93 -3.16 11.57
C SER B 419 -27.19 -3.60 12.30
N LYS B 420 -27.48 -4.90 12.29
CA LYS B 420 -28.62 -5.39 13.05
C LYS B 420 -28.40 -5.26 14.54
N VAL B 421 -27.19 -5.55 15.02
CA VAL B 421 -26.92 -5.46 16.45
C VAL B 421 -27.01 -4.01 16.91
N LEU B 422 -26.47 -3.07 16.13
CA LEU B 422 -26.57 -1.67 16.49
C LEU B 422 -28.03 -1.24 16.66
N LYS B 423 -28.90 -1.71 15.78
CA LYS B 423 -30.31 -1.37 15.87
C LYS B 423 -30.96 -1.98 17.11
N LEU B 424 -30.59 -3.23 17.44
CA LEU B 424 -31.10 -3.86 18.66
C LEU B 424 -30.59 -3.16 19.91
N MET B 425 -29.31 -2.79 19.92
CA MET B 425 -28.73 -2.15 21.10
C MET B 425 -29.36 -0.78 21.34
N ASP B 426 -29.66 -0.05 20.26
CA ASP B 426 -30.32 1.24 20.39
C ASP B 426 -31.76 1.09 20.84
N SER B 427 -32.39 -0.04 20.52
CA SER B 427 -33.79 -0.22 20.87
C SER B 427 -33.97 -0.44 22.37
N ASN B 428 -33.11 -1.27 22.97
CA ASN B 428 -33.21 -1.62 24.37
C ASN B 428 -31.82 -1.66 24.98
N ASN B 429 -31.74 -1.40 26.29
CA ASN B 429 -30.47 -1.29 26.99
C ASN B 429 -30.50 -2.08 28.29
N ASP B 430 -30.90 -3.35 28.22
CA ASP B 430 -30.89 -4.22 29.38
C ASP B 430 -29.60 -5.03 29.51
N ALA B 431 -29.02 -5.47 28.40
CA ALA B 431 -27.78 -6.22 28.49
C ALA B 431 -26.67 -5.39 29.09
N VAL B 432 -26.61 -4.10 28.76
CA VAL B 432 -25.54 -3.26 29.29
C VAL B 432 -25.70 -3.10 30.80
N GLN B 433 -26.93 -2.98 31.29
CA GLN B 433 -27.13 -2.83 32.73
C GLN B 433 -26.68 -4.08 33.47
N THR B 434 -26.98 -5.25 32.92
CA THR B 434 -26.61 -6.49 33.59
C THR B 434 -25.10 -6.70 33.60
N LEU B 435 -24.44 -6.41 32.48
CA LEU B 435 -22.99 -6.54 32.43
C LEU B 435 -22.33 -5.62 33.43
N GLN B 436 -22.83 -4.38 33.56
CA GLN B 436 -22.26 -3.45 34.52
C GLN B 436 -22.46 -3.93 35.95
N LYS B 437 -23.58 -4.60 36.23
CA LYS B 437 -23.85 -5.07 37.58
C LYS B 437 -22.95 -6.24 37.97
N LEU B 438 -22.74 -7.17 37.05
CA LEU B 438 -21.87 -8.31 37.35
C LEU B 438 -20.42 -7.86 37.52
N SER B 439 -19.94 -6.97 36.65
CA SER B 439 -18.55 -6.53 36.75
C SER B 439 -18.29 -5.88 38.09
N LYS B 440 -19.23 -5.09 38.59
CA LYS B 440 -19.06 -4.44 39.88
C LYS B 440 -19.00 -5.45 41.01
N SER B 441 -19.82 -6.52 40.93
CA SER B 441 -19.81 -7.52 41.99
C SER B 441 -18.53 -8.36 41.95
N LEU B 442 -18.04 -8.66 40.75
CA LEU B 442 -16.83 -9.47 40.63
C LEU B 442 -15.63 -8.76 41.22
N HIS B 443 -15.42 -7.50 40.85
CA HIS B 443 -14.29 -6.76 41.39
C HIS B 443 -14.43 -6.56 42.90
N ASP B 444 -15.66 -6.34 43.36
CA ASP B 444 -15.86 -6.13 44.79
C ASP B 444 -15.56 -7.39 45.58
N SER B 445 -15.81 -8.56 44.99
CA SER B 445 -15.62 -9.81 45.72
C SER B 445 -14.14 -10.10 45.92
N PHE B 446 -13.30 -9.85 44.91
CA PHE B 446 -11.88 -10.17 44.99
C PHE B 446 -11.05 -9.06 45.61
N ALA B 447 -11.60 -7.85 45.76
CA ALA B 447 -10.84 -6.74 46.29
C ALA B 447 -11.21 -6.40 47.73
N SER B 448 -12.34 -6.91 48.22
CA SER B 448 -12.72 -6.70 49.61
C SER B 448 -12.25 -7.82 50.51
N ASP B 449 -11.54 -8.80 49.97
CA ASP B 449 -11.05 -9.92 50.75
C ASP B 449 -9.84 -9.51 51.57
N ASP B 450 -9.51 -10.36 52.55
CA ASP B 450 -8.45 -10.05 53.51
C ASP B 450 -7.30 -11.06 53.50
N SER B 451 -7.57 -12.34 53.22
CA SER B 451 -6.52 -13.36 53.29
C SER B 451 -5.61 -13.37 52.07
N LEU B 452 -5.98 -12.71 50.98
CA LEU B 452 -5.15 -12.61 49.80
C LEU B 452 -4.37 -11.30 49.76
N ARG B 453 -4.26 -10.60 50.88
CA ARG B 453 -3.63 -9.29 50.85
C ARG B 453 -2.13 -9.38 50.70
N SER B 454 -1.52 -10.49 51.15
CA SER B 454 -0.08 -10.65 51.09
C SER B 454 0.39 -11.46 49.89
N TYR B 455 -0.51 -11.88 49.00
CA TYR B 455 -0.13 -12.66 47.84
C TYR B 455 -0.40 -11.94 46.52
N VAL B 456 -1.61 -11.43 46.32
CA VAL B 456 -2.00 -10.83 45.05
C VAL B 456 -2.62 -9.46 45.31
N ILE B 457 -2.58 -8.63 44.28
CA ILE B 457 -3.22 -7.33 44.29
C ILE B 457 -4.10 -7.22 43.05
N VAL B 458 -5.06 -6.30 43.13
CA VAL B 458 -5.97 -6.03 42.01
C VAL B 458 -5.57 -4.68 41.42
N THR B 459 -5.40 -4.66 40.09
CA THR B 459 -4.96 -3.44 39.41
C THR B 459 -6.00 -2.95 38.42
N SER B 460 -7.25 -3.30 38.61
CA SER B 460 -8.29 -2.95 37.66
C SER B 460 -9.12 -1.78 38.21
N SER B 461 -10.21 -1.47 37.50
CA SER B 461 -11.17 -0.46 37.86
C SER B 461 -12.55 -1.10 37.99
N PRO B 462 -13.42 -0.57 38.86
CA PRO B 462 -14.75 -1.19 39.02
C PRO B 462 -15.57 -1.25 37.76
N VAL B 463 -15.39 -0.29 36.84
CA VAL B 463 -16.20 -0.32 35.63
C VAL B 463 -15.69 -1.34 34.61
N SER B 464 -14.43 -1.75 34.70
CA SER B 464 -13.87 -2.66 33.73
C SER B 464 -14.52 -4.04 33.86
N ALA B 465 -14.66 -4.72 32.73
CA ALA B 465 -15.30 -6.03 32.69
C ALA B 465 -14.30 -7.18 32.81
N VAL B 466 -13.00 -6.91 32.81
CA VAL B 466 -11.99 -7.94 32.97
C VAL B 466 -11.16 -7.61 34.20
N LEU B 467 -10.90 -8.63 35.02
CA LEU B 467 -10.20 -8.47 36.28
C LEU B 467 -8.79 -9.03 36.16
N HIS B 468 -7.78 -8.23 36.47
CA HIS B 468 -6.39 -8.64 36.37
C HIS B 468 -5.79 -8.79 37.77
N LEU B 469 -4.95 -9.80 37.93
CA LEU B 469 -4.25 -10.04 39.19
C LEU B 469 -2.76 -10.21 38.93
N GLN B 470 -1.96 -9.65 39.83
CA GLN B 470 -0.52 -9.83 39.78
C GLN B 470 -0.02 -10.35 41.13
N LEU B 471 1.29 -10.39 41.31
CA LEU B 471 1.90 -10.80 42.56
C LEU B 471 2.54 -9.60 43.23
N THR B 472 2.47 -9.55 44.56
CA THR B 472 3.07 -8.46 45.29
C THR B 472 4.59 -8.45 45.08
N PRO B 473 5.21 -7.27 45.09
CA PRO B 473 6.68 -7.21 44.89
C PRO B 473 7.48 -7.92 45.97
N ALA B 474 6.89 -8.18 47.13
CA ALA B 474 7.63 -8.87 48.18
C ALA B 474 7.62 -10.38 47.99
N TYR B 475 6.47 -10.93 47.60
CA TYR B 475 6.37 -12.38 47.45
C TYR B 475 7.14 -12.87 46.24
N ARG B 476 7.15 -12.08 45.16
CA ARG B 476 7.89 -12.47 43.96
C ARG B 476 9.38 -12.56 44.24
N SER B 477 9.90 -11.65 45.07
CA SER B 477 11.32 -11.69 45.43
C SER B 477 11.67 -12.97 46.17
N ARG B 478 10.80 -13.43 47.07
CA ARG B 478 11.14 -14.54 47.95
C ARG B 478 11.31 -15.86 47.21
N LYS B 479 10.70 -15.99 46.03
CA LYS B 479 10.75 -17.22 45.27
C LYS B 479 11.53 -17.12 43.98
N PHE B 480 11.79 -15.91 43.49
CA PHE B 480 12.49 -15.73 42.23
C PHE B 480 13.63 -14.72 42.31
N GLY B 481 13.60 -13.79 43.25
CA GLY B 481 14.70 -12.87 43.43
C GLY B 481 14.96 -11.94 42.27
N TYR B 482 13.93 -11.24 41.80
CA TYR B 482 14.14 -10.18 40.83
C TYR B 482 12.96 -9.22 40.89
N THR B 483 13.17 -8.04 40.31
CA THR B 483 12.17 -6.99 40.29
C THR B 483 11.90 -6.56 38.86
N CYS B 484 10.98 -5.60 38.70
CA CYS B 484 10.63 -5.13 37.36
C CYS B 484 11.75 -4.31 36.75
N GLU B 485 12.42 -3.47 37.54
CA GLU B 485 13.46 -2.61 36.97
C GLU B 485 14.61 -3.43 36.42
N GLN B 486 14.96 -4.52 37.11
CA GLN B 486 16.06 -5.35 36.64
C GLN B 486 15.71 -6.08 35.35
N LEU B 487 14.44 -6.47 35.20
CA LEU B 487 14.02 -7.11 33.96
C LEU B 487 14.06 -6.12 32.80
N PHE B 488 13.59 -4.90 33.01
CA PHE B 488 13.53 -3.92 31.93
C PHE B 488 14.92 -3.50 31.47
N GLU B 489 15.85 -3.32 32.41
CA GLU B 489 17.20 -2.92 32.02
C GLU B 489 17.92 -4.06 31.30
N THR B 490 17.63 -5.31 31.68
CA THR B 490 18.28 -6.44 31.03
C THR B 490 17.80 -6.61 29.59
N MET B 491 16.50 -6.48 29.37
CA MET B 491 15.96 -6.67 28.03
C MET B 491 16.32 -5.51 27.12
N SER B 492 16.32 -4.29 27.64
CA SER B 492 16.69 -3.14 26.82
C SER B 492 18.12 -3.24 26.34
N ALA B 493 19.03 -3.63 27.24
CA ALA B 493 20.43 -3.81 26.83
C ALA B 493 20.56 -4.97 25.85
N LEU B 494 19.76 -6.02 26.05
CA LEU B 494 19.80 -7.17 25.16
C LEU B 494 19.36 -6.81 23.75
N GLN B 495 18.30 -6.00 23.63
CA GLN B 495 17.84 -5.59 22.30
C GLN B 495 18.84 -4.64 21.64
N LYS B 496 19.44 -3.73 22.42
CA LYS B 496 20.37 -2.77 21.82
C LYS B 496 21.60 -3.48 21.27
N LYS B 497 22.15 -4.45 21.99
CA LYS B 497 23.31 -5.17 21.51
C LYS B 497 22.98 -6.10 20.36
N SER B 498 21.70 -6.38 20.12
CA SER B 498 21.24 -7.17 18.98
C SER B 498 21.80 -8.59 19.04
N GLN B 499 21.70 -9.21 20.21
CA GLN B 499 22.14 -10.59 20.35
C GLN B 499 21.17 -11.53 19.66
N THR B 500 21.70 -12.67 19.20
CA THR B 500 20.88 -13.62 18.45
C THR B 500 20.01 -14.49 19.34
N ASN B 501 20.32 -14.58 20.63
CA ASN B 501 19.58 -15.42 21.56
C ASN B 501 19.05 -14.55 22.69
N LYS B 502 17.75 -14.63 22.93
CA LYS B 502 17.10 -13.86 23.98
C LYS B 502 16.36 -14.83 24.89
N PHE B 503 16.80 -14.90 26.14
CA PHE B 503 16.22 -15.86 27.09
C PHE B 503 16.51 -15.40 28.50
N ILE B 504 15.46 -15.29 29.31
CA ILE B 504 15.57 -14.88 30.71
C ILE B 504 15.02 -16.01 31.57
N GLU B 505 15.82 -16.45 32.54
CA GLU B 505 15.42 -17.62 33.32
C GLU B 505 14.35 -17.30 34.36
N PRO B 506 14.51 -16.30 35.24
CA PRO B 506 13.46 -16.05 36.23
C PRO B 506 12.11 -15.69 35.62
N TYR B 507 12.10 -15.02 34.47
CA TYR B 507 10.83 -14.70 33.83
C TYR B 507 10.09 -15.96 33.39
N GLU B 508 10.82 -16.96 32.92
CA GLU B 508 10.19 -18.23 32.55
C GLU B 508 9.62 -18.94 33.77
N GLU B 509 10.28 -18.82 34.92
CA GLU B 509 9.79 -19.49 36.11
C GLU B 509 8.49 -18.91 36.59
N GLU B 510 8.34 -17.58 36.52
CA GLU B 510 7.07 -16.98 36.92
C GLU B 510 5.94 -17.40 35.99
N GLU B 511 6.20 -17.45 34.68
CA GLU B 511 5.18 -17.91 33.75
C GLU B 511 4.77 -19.35 34.03
N LYS B 512 5.73 -20.22 34.33
CA LYS B 512 5.40 -21.60 34.65
C LYS B 512 4.56 -21.70 35.92
N PHE B 513 4.87 -20.86 36.90
CA PHE B 513 4.11 -20.88 38.16
C PHE B 513 2.67 -20.44 37.93
N LEU B 514 2.46 -19.37 37.15
CA LEU B 514 1.11 -18.92 36.86
C LEU B 514 0.33 -19.98 36.11
N GLN B 515 0.96 -20.63 35.12
CA GLN B 515 0.28 -21.68 34.39
C GLN B 515 -0.04 -22.86 35.28
N SER B 516 0.74 -23.06 36.35
CA SER B 516 0.42 -24.12 37.30
C SER B 516 -0.87 -23.81 38.06
N ILE B 517 -1.09 -22.54 38.40
CA ILE B 517 -2.32 -22.17 39.09
C ILE B 517 -3.52 -22.39 38.19
N VAL B 518 -3.39 -22.05 36.91
CA VAL B 518 -4.51 -22.23 35.97
C VAL B 518 -4.82 -23.71 35.79
N ASP B 519 -3.79 -24.53 35.65
CA ASP B 519 -4.00 -25.97 35.47
C ASP B 519 -4.65 -26.59 36.70
N HIS B 520 -4.23 -26.17 37.89
CA HIS B 520 -4.82 -26.71 39.10
C HIS B 520 -6.29 -26.34 39.21
N ALA B 521 -6.64 -25.11 38.83
CA ALA B 521 -8.03 -24.67 38.94
C ALA B 521 -8.95 -25.49 38.04
N LEU B 522 -8.47 -25.84 36.84
CA LEU B 522 -9.28 -26.56 35.87
C LEU B 522 -9.39 -28.05 36.18
N ILE B 523 -8.34 -28.66 36.73
CA ILE B 523 -8.34 -30.11 36.92
C ILE B 523 -9.32 -30.50 38.02
N ASN B 524 -9.28 -29.80 39.16
CA ASN B 524 -10.09 -30.19 40.31
C ASN B 524 -11.50 -29.63 40.22
N TYR B 525 -11.66 -28.39 39.75
CA TYR B 525 -12.95 -27.77 39.54
C TYR B 525 -13.10 -27.40 38.08
N ASN B 526 -14.33 -27.42 37.58
CA ASN B 526 -14.56 -27.13 36.17
C ASN B 526 -14.66 -25.62 35.95
N VAL B 527 -13.49 -24.97 36.03
CA VAL B 527 -13.36 -23.55 35.77
C VAL B 527 -12.15 -23.34 34.87
N LEU B 528 -12.32 -22.56 33.82
CA LEU B 528 -11.26 -22.28 32.87
C LEU B 528 -10.97 -20.80 32.88
N ILE B 529 -9.73 -20.44 33.23
CA ILE B 529 -9.29 -19.05 33.21
C ILE B 529 -7.99 -18.98 32.43
N THR B 530 -7.69 -17.80 31.94
CA THR B 530 -6.52 -17.62 31.09
C THR B 530 -5.53 -16.65 31.72
N ARG B 531 -4.32 -16.65 31.19
CA ARG B 531 -3.29 -15.73 31.61
C ARG B 531 -2.95 -14.79 30.46
N ASN B 532 -2.53 -13.58 30.83
CA ASN B 532 -2.25 -12.56 29.83
C ASN B 532 -1.08 -13.01 28.97
N THR B 533 -1.37 -13.37 27.73
CA THR B 533 -0.36 -13.90 26.83
C THR B 533 0.39 -12.75 26.15
N ILE B 534 1.70 -12.74 26.28
CA ILE B 534 2.54 -11.69 25.71
C ILE B 534 3.79 -12.30 25.08
N VAL B 535 4.40 -11.55 24.19
CA VAL B 535 5.70 -11.89 23.62
C VAL B 535 6.69 -10.84 24.11
N LEU B 536 7.60 -11.25 24.99
CA LEU B 536 8.43 -10.27 25.67
C LEU B 536 9.43 -9.62 24.72
N LYS B 537 9.95 -10.35 23.75
CA LYS B 537 10.98 -9.79 22.90
C LYS B 537 10.47 -8.71 21.95
N GLN B 538 9.15 -8.54 21.85
CA GLN B 538 8.58 -7.49 21.01
C GLN B 538 8.17 -6.25 21.80
N GLU B 539 8.35 -6.24 23.11
CA GLU B 539 7.92 -5.13 23.95
C GLU B 539 9.06 -4.15 24.18
N THR B 540 8.74 -2.87 24.18
CA THR B 540 9.70 -1.83 24.49
C THR B 540 9.49 -1.21 25.85
N LEU B 541 8.28 -1.30 26.41
CA LEU B 541 7.91 -0.64 27.65
C LEU B 541 7.80 -1.66 28.78
N PRO B 542 8.04 -1.26 30.03
CA PRO B 542 8.07 -2.24 31.12
C PRO B 542 6.74 -2.97 31.27
N ILE B 543 6.82 -4.26 31.60
CA ILE B 543 5.65 -5.12 31.65
C ILE B 543 5.96 -6.29 32.56
N VAL B 544 4.91 -6.87 33.17
CA VAL B 544 5.07 -7.97 34.12
C VAL B 544 3.94 -8.98 33.89
N PRO B 545 4.27 -10.27 34.06
CA PRO B 545 3.22 -11.30 33.91
C PRO B 545 2.07 -11.10 34.87
N SER B 546 0.88 -11.46 34.41
CA SER B 546 -0.34 -11.29 35.18
C SER B 546 -1.29 -12.44 34.90
N LEU B 547 -2.52 -12.31 35.40
CA LEU B 547 -3.55 -13.33 35.27
C LEU B 547 -4.90 -12.63 35.21
N LYS B 548 -5.75 -13.02 34.26
CA LYS B 548 -6.98 -12.29 34.01
C LYS B 548 -8.18 -13.22 33.93
N ILE B 549 -9.33 -12.69 34.35
CA ILE B 549 -10.60 -13.39 34.34
C ILE B 549 -11.62 -12.54 33.60
N CYS B 550 -12.34 -13.15 32.67
CA CYS B 550 -13.29 -12.43 31.85
C CYS B 550 -14.71 -12.60 32.39
N CYS B 551 -15.66 -12.07 31.64
CA CYS B 551 -17.07 -12.12 32.03
C CYS B 551 -17.91 -11.75 30.81
N ASN B 552 -19.22 -11.90 30.95
CA ASN B 552 -20.15 -11.52 29.89
C ASN B 552 -21.53 -11.34 30.52
N ALA B 553 -22.52 -11.07 29.67
CA ALA B 553 -23.83 -10.64 30.12
C ALA B 553 -24.88 -11.76 30.12
N ALA B 554 -24.46 -13.01 29.90
CA ALA B 554 -25.39 -14.12 29.85
C ALA B 554 -25.20 -15.10 31.01
N MET B 555 -24.27 -14.81 31.91
CA MET B 555 -24.11 -15.62 33.11
C MET B 555 -25.22 -15.29 34.10
N SER B 556 -25.15 -15.90 35.27
CA SER B 556 -26.09 -15.64 36.35
C SER B 556 -25.33 -15.35 37.63
N PRO B 557 -25.92 -14.57 38.55
CA PRO B 557 -25.20 -14.25 39.79
C PRO B 557 -24.80 -15.47 40.61
N GLU B 558 -25.62 -16.52 40.61
CA GLU B 558 -25.29 -17.70 41.38
C GLU B 558 -24.06 -18.41 40.82
N GLU B 559 -23.97 -18.53 39.50
CA GLU B 559 -22.82 -19.22 38.91
C GLU B 559 -21.54 -18.42 39.09
N LEU B 560 -21.61 -17.10 38.92
CA LEU B 560 -20.40 -16.29 39.04
C LEU B 560 -19.89 -16.25 40.47
N LYS B 561 -20.79 -16.33 41.45
CA LYS B 561 -20.37 -16.28 42.84
C LYS B 561 -19.58 -17.53 43.23
N ASN B 562 -20.00 -18.69 42.73
CA ASN B 562 -19.28 -19.92 43.05
C ASN B 562 -17.94 -19.99 42.34
N ALA B 563 -17.85 -19.47 41.12
CA ALA B 563 -16.56 -19.47 40.44
C ALA B 563 -15.56 -18.59 41.18
N CYS B 564 -16.03 -17.50 41.79
CA CYS B 564 -15.11 -16.65 42.53
C CYS B 564 -14.50 -17.39 43.72
N GLU B 565 -15.30 -18.19 44.42
CA GLU B 565 -14.78 -18.88 45.59
C GLU B 565 -13.79 -19.98 45.21
N SER B 566 -14.06 -20.70 44.12
CA SER B 566 -13.18 -21.79 43.71
C SER B 566 -11.81 -21.27 43.29
N VAL B 567 -11.76 -20.15 42.56
CA VAL B 567 -10.48 -19.58 42.19
C VAL B 567 -9.72 -19.10 43.42
N LYS B 568 -10.44 -18.59 44.43
CA LYS B 568 -9.78 -18.16 45.66
C LYS B 568 -9.07 -19.31 46.34
N GLN B 569 -9.72 -20.48 46.39
CA GLN B 569 -9.11 -21.62 47.06
C GLN B 569 -7.93 -22.18 46.27
N SER B 570 -8.00 -22.12 44.94
CA SER B 570 -6.93 -22.65 44.12
C SER B 570 -5.65 -21.83 44.28
N ILE B 571 -5.79 -20.51 44.38
CA ILE B 571 -4.63 -19.64 44.53
C ILE B 571 -3.91 -19.91 45.84
N LEU B 572 -4.65 -20.18 46.91
CA LEU B 572 -4.04 -20.38 48.22
C LEU B 572 -3.33 -21.73 48.31
N ALA B 573 -3.94 -22.79 47.79
CA ALA B 573 -3.41 -24.13 47.98
C ALA B 573 -2.04 -24.27 47.34
N CYS B 574 -1.86 -23.76 46.12
CA CYS B 574 -0.56 -23.84 45.48
C CYS B 574 0.47 -22.95 46.18
N CYS B 575 0.05 -21.75 46.60
CA CYS B 575 1.01 -20.80 47.16
C CYS B 575 1.41 -21.14 48.59
N GLN B 576 0.47 -21.57 49.43
CA GLN B 576 0.72 -21.67 50.87
C GLN B 576 1.84 -22.67 51.18
N GLU B 577 1.91 -23.78 50.46
CA GLU B 577 2.92 -24.78 50.76
C GLU B 577 4.33 -24.31 50.40
N TYR C 7 -32.13 11.18 0.12
CA TYR C 7 -32.10 11.13 -1.33
C TYR C 7 -30.72 11.53 -1.86
N THR C 8 -29.88 12.05 -0.96
CA THR C 8 -28.49 12.33 -1.29
C THR C 8 -27.58 11.18 -0.92
N ARG C 9 -28.12 10.05 -0.48
CA ARG C 9 -27.35 8.90 -0.06
C ARG C 9 -27.35 7.83 -1.14
N VAL C 10 -26.56 6.78 -0.90
CA VAL C 10 -26.54 5.61 -1.76
C VAL C 10 -27.74 4.74 -1.42
N PRO C 11 -28.65 4.48 -2.35
CA PRO C 11 -29.88 3.78 -2.00
C PRO C 11 -29.60 2.32 -1.71
N LEU C 12 -30.44 1.74 -0.86
CA LEU C 12 -30.37 0.32 -0.57
C LEU C 12 -31.24 -0.42 -1.57
N CYS C 13 -30.61 -1.22 -2.43
CA CYS C 13 -31.29 -1.85 -3.55
C CYS C 13 -32.01 -3.12 -3.12
N GLU C 14 -33.15 -3.38 -3.74
CA GLU C 14 -33.92 -4.59 -3.51
C GLU C 14 -33.36 -5.74 -4.34
N PRO C 15 -33.64 -6.98 -3.93
CA PRO C 15 -33.18 -8.14 -4.72
C PRO C 15 -34.17 -8.55 -5.80
N GLU C 16 -33.69 -8.68 -7.04
CA GLU C 16 -34.56 -9.16 -8.09
C GLU C 16 -35.10 -10.57 -7.91
N GLU C 17 -36.31 -10.78 -8.45
CA GLU C 17 -37.00 -12.08 -8.27
C GLU C 17 -37.19 -12.78 -9.61
N LEU C 18 -36.78 -14.05 -9.71
CA LEU C 18 -36.89 -14.86 -10.91
C LEU C 18 -36.85 -16.34 -10.55
N PRO C 19 -37.20 -17.26 -11.47
CA PRO C 19 -37.08 -18.69 -11.16
C PRO C 19 -35.63 -19.13 -11.02
N ASP C 20 -35.47 -20.43 -10.78
CA ASP C 20 -34.15 -20.96 -10.44
C ASP C 20 -33.22 -21.00 -11.64
N ASP C 21 -33.70 -21.50 -12.77
CA ASP C 21 -32.83 -21.71 -13.92
C ASP C 21 -32.24 -20.39 -14.41
N ILE C 22 -33.07 -19.34 -14.47
CA ILE C 22 -32.61 -18.02 -14.97
C ILE C 22 -31.40 -17.54 -14.16
N GLN C 23 -31.41 -17.61 -12.82
CA GLN C 23 -30.31 -17.02 -11.99
C GLN C 23 -29.12 -17.98 -11.83
N LYS C 24 -29.18 -19.14 -12.50
CA LYS C 24 -28.03 -20.08 -12.50
C LYS C 24 -27.22 -19.78 -13.75
N GLU C 25 -27.81 -19.04 -14.70
CA GLU C 25 -27.09 -18.66 -15.90
C GLU C 25 -26.53 -17.26 -15.83
N ASN C 26 -27.01 -16.42 -14.90
CA ASN C 26 -26.39 -15.12 -14.72
C ASN C 26 -25.03 -15.24 -14.08
N GLU C 27 -24.84 -16.23 -13.20
CA GLU C 27 -23.61 -16.30 -12.42
C GLU C 27 -22.54 -17.15 -13.07
N TYR C 28 -22.91 -18.23 -13.75
CA TYR C 28 -21.91 -19.13 -14.31
C TYR C 28 -22.44 -19.68 -15.63
N GLY C 29 -21.88 -19.20 -16.74
CA GLY C 29 -22.32 -19.65 -18.05
C GLY C 29 -21.81 -21.05 -18.37
N THR C 30 -22.65 -21.80 -19.07
CA THR C 30 -22.28 -23.15 -19.47
C THR C 30 -21.37 -23.12 -20.68
N LEU C 31 -20.72 -24.25 -20.94
CA LEU C 31 -19.80 -24.34 -22.07
C LEU C 31 -20.57 -24.51 -23.37
N ASP C 32 -20.01 -23.97 -24.45
CA ASP C 32 -20.65 -24.04 -25.75
C ASP C 32 -20.39 -25.38 -26.41
N SER C 33 -19.12 -25.69 -26.67
CA SER C 33 -18.71 -26.90 -27.36
C SER C 33 -17.48 -27.47 -26.67
N PRO C 34 -17.31 -28.80 -26.71
CA PRO C 34 -16.13 -29.41 -26.07
C PRO C 34 -14.80 -29.07 -26.74
N GLY C 35 -14.81 -28.30 -27.82
CA GLY C 35 -13.57 -27.93 -28.46
C GLY C 35 -12.94 -26.67 -27.92
N HIS C 36 -13.42 -26.15 -26.80
CA HIS C 36 -12.93 -24.90 -26.23
C HIS C 36 -12.14 -25.11 -24.95
N LEU C 37 -11.32 -26.17 -24.92
CA LEU C 37 -10.54 -26.53 -23.74
C LEU C 37 -9.09 -26.78 -24.13
N TYR C 38 -8.17 -26.30 -23.30
CA TYR C 38 -6.74 -26.47 -23.55
C TYR C 38 -6.03 -26.87 -22.27
N GLN C 39 -4.97 -27.66 -22.42
CA GLN C 39 -4.22 -28.21 -21.30
C GLN C 39 -2.80 -27.66 -21.33
N VAL C 40 -2.33 -27.20 -20.18
CA VAL C 40 -1.00 -26.61 -20.11
C VAL C 40 0.04 -27.71 -19.98
N LYS C 41 1.20 -27.51 -20.61
CA LYS C 41 2.31 -28.43 -20.52
C LYS C 41 3.48 -27.78 -19.81
N SER C 42 4.31 -28.62 -19.19
CA SER C 42 5.40 -28.14 -18.36
C SER C 42 6.51 -27.53 -19.20
N ARG C 43 7.35 -26.73 -18.54
CA ARG C 43 8.49 -26.06 -19.16
C ARG C 43 9.81 -26.58 -18.58
N HIS C 44 9.88 -27.89 -18.36
CA HIS C 44 11.07 -28.49 -17.76
C HIS C 44 12.22 -28.49 -18.75
N GLY C 45 13.40 -28.09 -18.29
CA GLY C 45 14.61 -28.17 -19.09
C GLY C 45 14.77 -27.11 -20.15
N LYS C 46 14.00 -26.02 -20.08
CA LYS C 46 14.13 -24.94 -21.05
C LYS C 46 14.31 -23.63 -20.31
N PRO C 47 15.30 -22.82 -20.66
CA PRO C 47 15.46 -21.51 -20.01
C PRO C 47 14.41 -20.53 -20.50
N LEU C 48 14.22 -19.48 -19.71
CA LEU C 48 13.23 -18.46 -20.02
C LEU C 48 13.86 -17.37 -20.88
N PRO C 49 13.39 -17.15 -22.10
CA PRO C 49 14.00 -16.11 -22.94
C PRO C 49 13.70 -14.71 -22.41
N GLU C 50 14.57 -13.78 -22.78
CA GLU C 50 14.38 -12.39 -22.39
C GLU C 50 13.11 -11.84 -23.03
N PRO C 51 12.33 -11.06 -22.30
CA PRO C 51 11.09 -10.52 -22.86
C PRO C 51 11.37 -9.50 -23.96
N VAL C 52 10.40 -9.35 -24.85
CA VAL C 52 10.45 -8.37 -25.94
C VAL C 52 9.35 -7.36 -25.72
N VAL C 53 9.66 -6.08 -25.95
CA VAL C 53 8.73 -4.99 -25.74
C VAL C 53 8.53 -4.25 -27.05
N ASP C 54 7.38 -3.60 -27.16
CA ASP C 54 7.03 -2.84 -28.35
C ASP C 54 6.99 -1.34 -28.05
N THR C 55 7.12 -0.57 -29.11
CA THR C 55 7.15 0.87 -29.00
C THR C 55 6.23 1.50 -30.03
N PRO C 56 5.59 2.62 -29.68
CA PRO C 56 4.87 3.40 -30.67
C PRO C 56 5.78 4.46 -31.28
N PRO C 57 5.32 5.17 -32.31
CA PRO C 57 6.17 6.18 -32.96
C PRO C 57 6.54 7.31 -32.00
N TYR C 58 7.50 8.12 -32.44
CA TYR C 58 8.03 9.18 -31.58
C TYR C 58 6.97 10.20 -31.22
N TYR C 59 6.13 10.57 -32.18
CA TYR C 59 5.27 11.73 -31.96
C TYR C 59 4.25 11.50 -30.86
N ILE C 60 3.87 10.24 -30.62
CA ILE C 60 2.94 9.96 -29.53
C ILE C 60 3.59 10.28 -28.20
N SER C 61 4.83 9.83 -28.00
CA SER C 61 5.55 10.17 -26.78
C SER C 61 5.76 11.67 -26.66
N LEU C 62 6.09 12.33 -27.78
CA LEU C 62 6.27 13.77 -27.75
C LEU C 62 4.99 14.48 -27.32
N LEU C 63 3.84 14.03 -27.84
CA LEU C 63 2.58 14.66 -27.49
C LEU C 63 2.28 14.48 -26.00
N THR C 64 2.62 13.31 -25.44
CA THR C 64 2.34 13.06 -24.04
C THR C 64 3.14 14.01 -23.14
N TYR C 65 4.39 14.27 -23.47
CA TYR C 65 5.18 15.21 -22.70
C TYR C 65 4.58 16.61 -22.76
N LEU C 66 4.12 17.03 -23.93
CA LEU C 66 3.54 18.36 -24.07
C LEU C 66 2.28 18.50 -23.23
N ASN C 67 1.45 17.45 -23.19
CA ASN C 67 0.21 17.52 -22.42
C ASN C 67 0.46 17.63 -20.93
N TYR C 68 1.37 16.82 -20.40
CA TYR C 68 1.66 16.89 -18.98
C TYR C 68 2.27 18.23 -18.61
N LEU C 69 3.15 18.76 -19.46
CA LEU C 69 3.72 20.07 -19.19
C LEU C 69 2.64 21.14 -19.12
N ILE C 70 1.62 21.04 -19.98
CA ILE C 70 0.56 22.03 -19.99
C ILE C 70 -0.32 21.90 -18.75
N LEU C 71 -0.66 20.66 -18.38
CA LEU C 71 -1.50 20.45 -17.20
C LEU C 71 -0.79 20.89 -15.93
N ILE C 72 0.51 20.61 -15.82
CA ILE C 72 1.26 20.99 -14.62
C ILE C 72 1.34 22.50 -14.50
N ILE C 73 1.64 23.18 -15.60
CA ILE C 73 1.75 24.64 -15.54
C ILE C 73 0.42 25.26 -15.18
N LEU C 74 -0.67 24.76 -15.76
CA LEU C 74 -1.99 25.30 -15.46
C LEU C 74 -2.39 25.00 -14.03
N GLY C 75 -2.02 23.83 -13.51
CA GLY C 75 -2.42 23.41 -12.18
C GLY C 75 -1.90 24.25 -11.03
N HIS C 76 -0.59 24.56 -11.05
CA HIS C 76 -0.02 25.37 -9.98
C HIS C 76 -0.57 26.78 -10.00
N VAL C 77 -0.85 27.31 -11.20
CA VAL C 77 -1.31 28.70 -11.34
C VAL C 77 -2.64 28.89 -10.63
N HIS C 78 -3.53 27.90 -10.71
CA HIS C 78 -4.85 28.05 -10.12
C HIS C 78 -4.80 28.20 -8.61
N ASP C 79 -3.93 27.43 -7.96
CA ASP C 79 -3.93 27.41 -6.49
C ASP C 79 -3.30 28.67 -5.92
N PHE C 80 -2.21 29.14 -6.52
CA PHE C 80 -1.56 30.35 -6.02
C PHE C 80 -2.51 31.53 -6.04
N LEU C 81 -3.22 31.74 -7.15
CA LEU C 81 -4.18 32.83 -7.22
C LEU C 81 -5.32 32.63 -6.23
N GLY C 82 -5.77 31.39 -6.08
CA GLY C 82 -6.85 31.14 -5.13
C GLY C 82 -6.44 31.44 -3.70
N MET C 83 -5.54 30.64 -3.14
CA MET C 83 -5.23 30.71 -1.72
C MET C 83 -4.70 32.07 -1.29
N THR C 84 -4.08 32.83 -2.19
CA THR C 84 -3.47 34.10 -1.84
C THR C 84 -4.47 35.26 -1.84
N PHE C 85 -5.48 35.20 -2.71
CA PHE C 85 -6.37 36.34 -2.97
C PHE C 85 -7.81 36.09 -2.53
N GLN C 86 -8.38 34.95 -2.93
CA GLN C 86 -9.71 34.53 -2.51
C GLN C 86 -9.57 33.34 -1.57
N LYS C 87 -9.68 33.59 -0.26
CA LYS C 87 -9.27 32.61 0.73
C LYS C 87 -10.40 32.21 1.67
N ASN C 88 -11.65 32.55 1.33
CA ASN C 88 -12.75 32.25 2.21
C ASN C 88 -13.49 30.98 1.84
N LYS C 89 -13.20 30.39 0.69
CA LYS C 89 -13.78 29.11 0.30
C LYS C 89 -12.80 27.96 0.47
N HIS C 90 -11.64 28.21 1.05
CA HIS C 90 -10.61 27.19 1.24
C HIS C 90 -10.19 27.14 2.70
N LEU C 91 -11.15 27.22 3.61
CA LEU C 91 -10.85 27.19 5.04
C LEU C 91 -10.32 25.84 5.51
N ASP C 92 -10.43 24.80 4.69
CA ASP C 92 -9.93 23.47 5.05
C ASP C 92 -8.48 23.24 4.67
N LEU C 93 -7.77 24.27 4.19
CA LEU C 93 -6.35 24.16 3.87
C LEU C 93 -5.54 25.28 4.49
N LEU C 94 -6.04 25.91 5.54
CA LEU C 94 -5.35 27.00 6.21
C LEU C 94 -5.51 26.86 7.71
N GLU C 95 -4.57 27.46 8.44
CA GLU C 95 -4.57 27.38 9.89
C GLU C 95 -5.77 28.13 10.47
N HIS C 96 -6.40 27.53 11.46
CA HIS C 96 -7.59 28.10 12.10
C HIS C 96 -7.36 28.13 13.60
N ASP C 97 -6.93 29.29 14.09
CA ASP C 97 -6.90 29.59 15.52
C ASP C 97 -6.03 28.61 16.31
N GLY C 98 -4.79 28.42 15.83
CA GLY C 98 -3.77 27.71 16.57
C GLY C 98 -3.61 26.24 16.25
N LEU C 99 -4.36 25.70 15.31
CA LEU C 99 -4.24 24.30 14.95
C LEU C 99 -3.80 24.16 13.50
N ALA C 100 -2.76 23.37 13.28
CA ALA C 100 -2.22 23.17 11.96
C ALA C 100 -3.24 22.45 11.08
N PRO C 101 -3.20 22.67 9.76
CA PRO C 101 -4.11 21.96 8.87
C PRO C 101 -3.77 20.48 8.78
N TRP C 102 -4.77 19.69 8.39
CA TRP C 102 -4.60 18.24 8.36
C TRP C 102 -3.53 17.83 7.37
N PHE C 103 -3.45 18.50 6.22
CA PHE C 103 -2.44 18.17 5.23
C PHE C 103 -2.05 19.43 4.46
N SER C 104 -0.99 19.32 3.67
CA SER C 104 -0.44 20.45 2.94
C SER C 104 -0.84 20.38 1.47
N ASN C 105 -0.63 21.47 0.74
CA ASN C 105 -1.08 21.53 -0.68
C ASN C 105 -0.21 20.63 -1.56
N PHE C 106 1.12 20.75 -1.45
CA PHE C 106 2.03 19.98 -2.34
C PHE C 106 1.75 18.48 -2.21
N GLU C 107 1.63 17.97 -0.98
CA GLU C 107 1.44 16.51 -0.77
C GLU C 107 0.12 16.04 -1.39
N SER C 108 -0.75 16.97 -1.80
CA SER C 108 -2.03 16.60 -2.38
C SER C 108 -2.28 17.30 -3.71
N PHE C 109 -1.21 17.74 -4.38
CA PHE C 109 -1.31 18.44 -5.66
C PHE C 109 -1.78 17.53 -6.79
N TYR C 110 -1.74 16.23 -6.60
CA TYR C 110 -2.08 15.33 -7.70
C TYR C 110 -3.53 14.87 -7.65
N VAL C 111 -3.98 14.43 -6.48
CA VAL C 111 -5.35 13.92 -6.34
C VAL C 111 -6.37 15.01 -6.62
N ARG C 112 -6.10 16.24 -6.21
CA ARG C 112 -7.09 17.31 -6.36
C ARG C 112 -7.15 17.83 -7.79
N ARG C 113 -6.03 17.82 -8.50
CA ARG C 113 -5.89 18.62 -9.71
C ARG C 113 -5.72 17.84 -11.01
N ILE C 114 -5.41 16.54 -10.94
CA ILE C 114 -5.25 15.72 -12.14
C ILE C 114 -6.07 14.44 -12.08
N LYS C 115 -6.70 14.14 -10.94
CA LYS C 115 -7.50 12.94 -10.81
C LYS C 115 -8.97 13.21 -10.53
N MET C 116 -9.34 14.42 -10.12
CA MET C 116 -10.71 14.70 -9.71
C MET C 116 -11.70 14.58 -10.87
N ARG C 117 -11.30 15.02 -12.07
CA ARG C 117 -12.23 15.05 -13.20
C ARG C 117 -12.57 13.65 -13.69
N ILE C 118 -11.68 12.68 -13.45
CA ILE C 118 -11.85 11.33 -13.96
C ILE C 118 -12.37 10.44 -12.84
N ASP C 119 -12.90 11.05 -11.78
CA ASP C 119 -13.23 10.30 -10.58
C ASP C 119 -14.48 9.46 -10.71
N ASP C 120 -15.34 9.75 -11.70
CA ASP C 120 -16.59 9.00 -11.84
C ASP C 120 -16.33 7.53 -12.18
N CYS C 121 -15.20 7.23 -12.81
CA CYS C 121 -14.93 5.85 -13.22
C CYS C 121 -14.42 4.99 -12.08
N PHE C 122 -13.73 5.60 -11.11
CA PHE C 122 -12.85 4.84 -10.23
C PHE C 122 -13.60 3.96 -9.25
N SER C 123 -14.64 4.50 -8.60
CA SER C 123 -15.38 3.78 -7.58
C SER C 123 -16.85 3.75 -7.96
N ARG C 124 -17.40 2.54 -8.05
CA ARG C 124 -18.78 2.36 -8.50
C ARG C 124 -19.55 1.53 -7.48
N PRO C 125 -20.72 1.99 -7.02
CA PRO C 125 -21.55 1.15 -6.16
C PRO C 125 -22.14 -0.02 -6.93
N THR C 126 -22.20 -1.17 -6.27
CA THR C 126 -22.75 -2.39 -6.88
C THR C 126 -23.54 -3.17 -5.86
N THR C 127 -24.54 -3.89 -6.34
CA THR C 127 -25.38 -4.75 -5.51
C THR C 127 -25.55 -6.10 -6.18
N GLY C 128 -25.32 -7.17 -5.44
CA GLY C 128 -25.47 -8.50 -5.98
C GLY C 128 -24.17 -9.27 -5.98
N VAL C 129 -24.31 -10.55 -6.27
CA VAL C 129 -23.14 -11.45 -6.29
C VAL C 129 -22.31 -11.17 -7.54
N PRO C 130 -21.00 -11.07 -7.42
CA PRO C 130 -20.13 -10.74 -8.57
C PRO C 130 -19.87 -11.92 -9.50
N GLY C 131 -20.86 -12.27 -10.32
CA GLY C 131 -20.72 -13.39 -11.22
C GLY C 131 -20.21 -12.95 -12.59
N ARG C 132 -20.73 -13.52 -13.66
CA ARG C 132 -20.39 -13.06 -15.00
C ARG C 132 -21.25 -11.87 -15.44
N PHE C 133 -22.28 -11.51 -14.69
CA PHE C 133 -22.97 -10.24 -14.88
C PHE C 133 -23.07 -9.55 -13.53
N ILE C 134 -22.63 -8.30 -13.47
CA ILE C 134 -22.60 -7.54 -12.24
C ILE C 134 -23.58 -6.38 -12.40
N ARG C 135 -24.35 -6.13 -11.34
CA ARG C 135 -25.38 -5.11 -11.38
C ARG C 135 -24.89 -3.86 -10.67
N CYS C 136 -25.13 -2.71 -11.28
CA CYS C 136 -24.62 -1.45 -10.77
C CYS C 136 -25.74 -0.45 -10.54
N ILE C 137 -25.64 0.29 -9.45
CA ILE C 137 -26.55 1.41 -9.24
C ILE C 137 -26.15 2.57 -10.15
N ASP C 138 -27.09 3.49 -10.32
CA ASP C 138 -26.96 4.60 -11.25
C ASP C 138 -26.84 5.89 -10.44
N ARG C 139 -25.96 6.78 -10.87
CA ARG C 139 -25.78 8.08 -10.24
C ARG C 139 -25.67 9.14 -11.31
N ILE C 140 -25.93 10.39 -10.93
CA ILE C 140 -25.74 11.53 -11.83
C ILE C 140 -24.81 12.51 -11.14
N SER C 141 -23.80 12.97 -11.89
CA SER C 141 -22.74 13.81 -11.32
C SER C 141 -23.17 15.27 -11.22
N HIS C 142 -22.91 15.88 -10.07
CA HIS C 142 -23.25 17.27 -9.82
C HIS C 142 -22.00 18.09 -9.52
N ASN C 143 -22.13 19.40 -9.68
CA ASN C 143 -21.01 20.34 -9.59
C ASN C 143 -19.95 19.80 -10.55
N ILE C 144 -18.69 19.64 -10.13
CA ILE C 144 -17.78 18.80 -10.88
C ILE C 144 -17.28 17.72 -9.93
N ASN C 145 -17.98 16.57 -9.95
CA ASN C 145 -17.78 15.43 -9.06
C ASN C 145 -17.67 15.82 -7.60
N GLU C 146 -18.35 16.87 -7.14
CA GLU C 146 -18.31 17.19 -5.71
C GLU C 146 -19.20 16.24 -4.92
N TYR C 147 -20.45 16.05 -5.36
CA TYR C 147 -21.35 15.12 -4.72
C TYR C 147 -22.25 14.48 -5.76
N PHE C 148 -22.68 13.27 -5.46
CA PHE C 148 -23.40 12.43 -6.41
C PHE C 148 -24.82 12.21 -5.94
N THR C 149 -25.74 12.20 -6.88
CA THR C 149 -27.13 11.93 -6.59
C THR C 149 -27.51 10.60 -7.21
N TYR C 150 -28.28 9.81 -6.45
CA TYR C 150 -28.66 8.45 -6.81
C TYR C 150 -30.16 8.39 -7.00
N SER C 151 -30.61 7.65 -8.02
CA SER C 151 -32.01 7.71 -8.45
C SER C 151 -32.74 6.38 -8.44
N GLY C 152 -32.05 5.26 -8.22
CA GLY C 152 -32.76 4.03 -7.95
C GLY C 152 -33.07 3.14 -9.13
N ALA C 153 -32.06 2.76 -9.91
CA ALA C 153 -32.25 1.76 -10.94
C ALA C 153 -31.05 0.82 -10.94
N VAL C 154 -31.16 -0.24 -11.72
CA VAL C 154 -30.10 -1.23 -11.82
C VAL C 154 -30.04 -1.70 -13.26
N TYR C 155 -28.84 -1.70 -13.84
CA TYR C 155 -28.61 -2.24 -15.16
C TYR C 155 -27.43 -3.20 -15.12
N PRO C 156 -27.58 -4.42 -15.65
CA PRO C 156 -26.47 -5.37 -15.63
C PRO C 156 -25.35 -4.95 -16.57
N CYS C 157 -24.14 -5.37 -16.22
CA CYS C 157 -22.97 -5.10 -17.04
C CYS C 157 -22.06 -6.32 -17.02
N MET C 158 -21.47 -6.64 -18.16
CA MET C 158 -20.42 -7.65 -18.19
C MET C 158 -19.16 -7.08 -17.54
N ASN C 159 -18.45 -7.91 -16.79
CA ASN C 159 -17.35 -7.42 -15.97
C ASN C 159 -16.03 -8.06 -16.36
N LEU C 160 -14.96 -7.27 -16.26
CA LEU C 160 -13.60 -7.74 -16.40
C LEU C 160 -12.74 -7.18 -15.28
N SER C 161 -13.34 -7.00 -14.11
CA SER C 161 -12.60 -6.37 -13.03
C SER C 161 -12.54 -7.22 -11.77
N SER C 162 -13.54 -8.07 -11.53
CA SER C 162 -13.62 -8.82 -10.28
C SER C 162 -12.72 -10.04 -10.31
N TYR C 163 -12.26 -10.44 -9.12
CA TYR C 163 -11.35 -11.58 -8.95
C TYR C 163 -12.15 -12.84 -8.64
N ASN C 164 -12.67 -13.50 -9.68
CA ASN C 164 -13.11 -14.89 -9.59
C ASN C 164 -12.50 -15.64 -10.78
N TYR C 165 -11.30 -16.17 -10.56
CA TYR C 165 -10.58 -16.86 -11.61
C TYR C 165 -11.24 -18.19 -11.95
N LEU C 166 -11.54 -19.00 -10.94
CA LEU C 166 -12.10 -20.33 -11.16
C LEU C 166 -13.60 -20.37 -10.99
N GLY C 167 -14.24 -19.23 -10.78
CA GLY C 167 -15.69 -19.16 -10.72
C GLY C 167 -16.31 -19.87 -9.54
N PHE C 168 -15.79 -19.64 -8.33
CA PHE C 168 -16.41 -20.18 -7.14
C PHE C 168 -17.40 -19.22 -6.49
N ALA C 169 -17.60 -18.04 -7.09
CA ALA C 169 -18.44 -16.98 -6.54
C ALA C 169 -19.89 -17.24 -6.97
N GLN C 170 -20.50 -18.23 -6.34
CA GLN C 170 -21.85 -18.63 -6.66
C GLN C 170 -22.73 -18.59 -5.42
N SER C 171 -24.03 -18.42 -5.63
CA SER C 171 -24.99 -18.33 -4.53
C SER C 171 -25.88 -19.56 -4.41
N LYS C 172 -25.69 -20.58 -5.25
CA LYS C 172 -26.53 -21.77 -5.19
C LYS C 172 -25.65 -22.95 -5.65
N GLY C 173 -25.15 -23.71 -4.68
CA GLY C 173 -24.30 -24.83 -5.02
C GLY C 173 -23.75 -25.52 -3.80
N GLN C 174 -22.75 -26.37 -4.03
CA GLN C 174 -22.18 -27.17 -2.96
C GLN C 174 -21.46 -26.32 -1.93
N CYS C 175 -20.71 -25.31 -2.37
CA CYS C 175 -19.95 -24.49 -1.42
C CYS C 175 -20.86 -23.73 -0.49
N THR C 176 -21.93 -23.13 -1.03
CA THR C 176 -22.85 -22.35 -0.21
C THR C 176 -23.71 -23.24 0.67
N ASP C 177 -23.96 -24.48 0.25
CA ASP C 177 -24.66 -25.42 1.13
C ASP C 177 -23.83 -25.74 2.37
N ALA C 178 -22.52 -25.92 2.22
CA ALA C 178 -21.68 -26.25 3.36
C ALA C 178 -21.56 -25.07 4.33
N ALA C 179 -21.52 -23.85 3.81
CA ALA C 179 -21.42 -22.68 4.68
C ALA C 179 -22.69 -22.47 5.49
N LEU C 180 -23.86 -22.67 4.87
CA LEU C 180 -25.12 -22.47 5.57
C LEU C 180 -25.30 -23.46 6.71
N GLU C 181 -24.78 -24.67 6.54
CA GLU C 181 -24.88 -25.68 7.60
C GLU C 181 -24.02 -25.31 8.80
N SER C 182 -22.97 -24.52 8.60
CA SER C 182 -22.06 -24.20 9.70
C SER C 182 -22.67 -23.20 10.66
N VAL C 183 -23.50 -22.28 10.14
CA VAL C 183 -24.09 -21.21 10.95
C VAL C 183 -24.97 -21.85 12.00
N ASP C 184 -25.41 -23.09 11.79
CA ASP C 184 -26.20 -23.80 12.79
C ASP C 184 -25.36 -24.49 13.88
N LYS C 185 -24.31 -25.18 13.44
CA LYS C 185 -23.39 -25.84 14.36
C LYS C 185 -22.44 -24.94 15.15
N TYR C 186 -21.91 -23.91 14.50
CA TYR C 186 -21.07 -22.89 15.11
C TYR C 186 -21.81 -21.56 15.00
N SER C 187 -21.14 -20.48 15.40
CA SER C 187 -21.73 -19.17 15.24
C SER C 187 -20.84 -18.28 14.42
N ILE C 188 -21.17 -17.00 14.35
CA ILE C 188 -20.39 -16.04 13.58
C ILE C 188 -19.45 -15.22 14.46
N GLN C 189 -19.21 -15.68 15.69
CA GLN C 189 -18.40 -14.94 16.63
C GLN C 189 -17.08 -15.68 16.89
N SER C 190 -16.01 -14.91 16.99
CA SER C 190 -14.69 -15.43 17.30
C SER C 190 -14.42 -15.26 18.79
N GLY C 191 -13.82 -16.28 19.39
CA GLY C 191 -13.58 -16.24 20.82
C GLY C 191 -12.60 -15.16 21.23
N GLY C 192 -11.49 -15.02 20.50
CA GLY C 192 -10.49 -14.05 20.84
C GLY C 192 -9.15 -14.39 20.23
N PRO C 193 -8.07 -13.97 20.88
CA PRO C 193 -6.73 -14.30 20.38
C PRO C 193 -6.58 -15.81 20.30
N ARG C 194 -5.92 -16.27 19.24
CA ARG C 194 -5.73 -17.70 19.04
C ARG C 194 -4.85 -18.33 20.11
N ALA C 195 -4.07 -17.53 20.82
CA ALA C 195 -3.14 -18.07 21.80
C ALA C 195 -3.78 -18.41 23.13
N GLN C 196 -4.98 -17.93 23.39
CA GLN C 196 -5.63 -18.22 24.67
C GLN C 196 -6.95 -18.94 24.54
N ILE C 197 -7.80 -18.54 23.59
CA ILE C 197 -9.07 -19.23 23.36
C ILE C 197 -9.58 -18.82 21.99
N GLY C 198 -10.10 -19.79 21.25
CA GLY C 198 -10.71 -19.46 19.97
C GLY C 198 -10.21 -20.34 18.86
N THR C 199 -9.43 -21.35 19.19
CA THR C 199 -8.95 -22.31 18.21
C THR C 199 -9.81 -23.57 18.29
N THR C 200 -10.32 -23.99 17.15
CA THR C 200 -11.20 -25.15 17.04
C THR C 200 -10.55 -26.17 16.12
N ASP C 201 -11.20 -27.33 16.01
CA ASP C 201 -10.70 -28.37 15.12
C ASP C 201 -10.78 -27.94 13.67
N LEU C 202 -11.71 -27.05 13.34
CA LEU C 202 -11.83 -26.57 11.96
C LEU C 202 -10.56 -25.87 11.52
N HIS C 203 -9.95 -25.07 12.41
CA HIS C 203 -8.70 -24.42 12.07
C HIS C 203 -7.59 -25.43 11.83
N ILE C 204 -7.56 -26.48 12.64
CA ILE C 204 -6.50 -27.49 12.51
C ILE C 204 -6.62 -28.24 11.20
N LYS C 205 -7.85 -28.60 10.82
CA LYS C 205 -8.05 -29.34 9.58
C LYS C 205 -7.61 -28.53 8.37
N ALA C 206 -7.94 -27.24 8.35
CA ALA C 206 -7.54 -26.39 7.22
C ALA C 206 -6.02 -26.25 7.17
N GLU C 207 -5.37 -26.17 8.33
CA GLU C 207 -3.92 -26.05 8.34
C GLU C 207 -3.26 -27.29 7.75
N LYS C 208 -3.81 -28.46 8.03
CA LYS C 208 -3.24 -29.68 7.46
C LYS C 208 -3.55 -29.80 5.97
N LEU C 209 -4.76 -29.43 5.56
CA LEU C 209 -5.15 -29.53 4.16
C LEU C 209 -4.33 -28.60 3.29
N VAL C 210 -4.08 -27.37 3.76
CA VAL C 210 -3.25 -26.44 3.00
C VAL C 210 -1.83 -26.99 2.86
N ALA C 211 -1.32 -27.63 3.92
CA ALA C 211 0.04 -28.15 3.88
C ALA C 211 0.18 -29.28 2.85
N ARG C 212 -0.79 -30.19 2.81
CA ARG C 212 -0.71 -31.29 1.85
C ARG C 212 -0.88 -30.78 0.43
N PHE C 213 -1.79 -29.82 0.24
CA PHE C 213 -2.10 -29.35 -1.10
C PHE C 213 -0.89 -28.72 -1.78
N ILE C 214 -0.21 -27.83 -1.07
CA ILE C 214 0.90 -27.10 -1.67
C ILE C 214 2.15 -27.96 -1.77
N GLY C 215 2.37 -28.83 -0.78
CA GLY C 215 3.44 -29.81 -0.82
C GLY C 215 4.46 -29.71 0.29
N LYS C 216 4.48 -28.63 1.06
CA LYS C 216 5.45 -28.48 2.14
C LYS C 216 5.02 -29.37 3.32
N GLU C 217 5.74 -29.24 4.44
CA GLU C 217 5.52 -30.11 5.59
C GLU C 217 4.45 -29.61 6.55
N ASP C 218 4.25 -28.30 6.65
CA ASP C 218 3.32 -27.78 7.63
C ASP C 218 2.89 -26.36 7.24
N ALA C 219 1.78 -25.91 7.81
CA ALA C 219 1.20 -24.64 7.41
C ALA C 219 0.52 -23.95 8.60
N LEU C 220 0.36 -22.64 8.47
CA LEU C 220 -0.36 -21.81 9.42
C LEU C 220 -1.38 -20.96 8.67
N VAL C 221 -2.44 -20.55 9.38
CA VAL C 221 -3.56 -19.85 8.77
C VAL C 221 -3.82 -18.55 9.52
N PHE C 222 -3.94 -17.46 8.78
CA PHE C 222 -4.24 -16.13 9.33
C PHE C 222 -5.55 -15.61 8.75
N SER C 223 -5.85 -14.35 9.01
CA SER C 223 -7.14 -13.78 8.63
C SER C 223 -7.08 -12.58 7.70
N MET C 224 -5.90 -12.14 7.25
CA MET C 224 -5.82 -11.00 6.33
C MET C 224 -4.52 -11.09 5.56
N GLY C 225 -4.58 -10.95 4.24
CA GLY C 225 -3.39 -11.05 3.43
C GLY C 225 -2.38 -9.96 3.76
N TYR C 226 -2.88 -8.74 3.99
CA TYR C 226 -2.02 -7.67 4.46
C TYR C 226 -1.46 -7.98 5.84
N GLY C 227 -2.28 -8.54 6.72
CA GLY C 227 -1.80 -8.90 8.04
C GLY C 227 -0.75 -10.00 8.01
N THR C 228 -0.90 -10.95 7.08
CA THR C 228 0.03 -12.06 7.00
C THR C 228 1.44 -11.58 6.67
N ASN C 229 1.57 -10.68 5.69
CA ASN C 229 2.90 -10.27 5.26
C ASN C 229 3.47 -9.16 6.13
N ALA C 230 2.62 -8.26 6.62
CA ALA C 230 3.15 -7.09 7.31
C ALA C 230 3.77 -7.46 8.64
N ASN C 231 3.23 -8.47 9.31
CA ASN C 231 3.66 -8.83 10.65
C ASN C 231 4.55 -10.06 10.67
N LEU C 232 5.19 -10.37 9.55
CA LEU C 232 6.00 -11.56 9.41
C LEU C 232 7.49 -11.30 9.48
N PHE C 233 7.97 -10.23 8.87
CA PHE C 233 9.41 -10.06 8.70
C PHE C 233 10.13 -9.69 9.99
N ASN C 234 9.44 -9.05 10.93
CA ASN C 234 10.17 -8.62 12.12
C ASN C 234 10.49 -9.76 13.06
N ALA C 235 9.98 -10.96 12.79
CA ALA C 235 10.19 -12.08 13.71
C ALA C 235 11.62 -12.63 13.64
N PHE C 236 12.30 -12.48 12.51
CA PHE C 236 13.63 -13.11 12.41
C PHE C 236 14.65 -12.21 11.71
N LEU C 237 14.47 -10.89 11.78
CA LEU C 237 15.43 -9.96 11.18
C LEU C 237 15.75 -8.85 12.16
N ASP C 238 16.93 -8.25 11.99
CA ASP C 238 17.41 -7.25 12.93
C ASP C 238 18.23 -6.22 12.14
N LYS C 239 18.90 -5.33 12.86
CA LYS C 239 19.71 -4.31 12.21
C LYS C 239 20.95 -4.89 11.56
N LYS C 240 21.26 -6.17 11.77
CA LYS C 240 22.47 -6.79 11.25
C LYS C 240 22.23 -7.62 9.99
N CYS C 241 21.03 -7.56 9.41
CA CYS C 241 20.70 -8.38 8.24
C CYS C 241 20.55 -7.53 6.99
N LEU C 242 20.55 -8.20 5.85
CA LEU C 242 20.43 -7.57 4.54
C LEU C 242 19.31 -8.23 3.77
N VAL C 243 18.48 -7.42 3.12
CA VAL C 243 17.33 -7.90 2.36
C VAL C 243 17.44 -7.38 0.93
N ILE C 244 17.41 -8.29 -0.03
CA ILE C 244 17.48 -7.96 -1.44
C ILE C 244 16.11 -8.20 -2.06
N SER C 245 15.50 -7.14 -2.58
CA SER C 245 14.13 -7.22 -3.05
C SER C 245 13.99 -6.59 -4.42
N ASP C 246 12.98 -7.06 -5.16
CA ASP C 246 12.69 -6.51 -6.46
C ASP C 246 12.08 -5.11 -6.34
N GLU C 247 12.05 -4.39 -7.45
CA GLU C 247 11.54 -3.03 -7.48
C GLU C 247 10.05 -2.95 -7.83
N LEU C 248 9.38 -4.10 -7.97
CA LEU C 248 7.98 -4.14 -8.40
C LEU C 248 7.19 -5.11 -7.52
N ASN C 249 7.36 -4.99 -6.22
CA ASN C 249 6.66 -5.86 -5.29
C ASN C 249 5.51 -5.13 -4.61
N HIS C 250 4.67 -5.91 -3.92
CA HIS C 250 3.43 -5.41 -3.34
C HIS C 250 3.70 -4.67 -2.04
N THR C 251 2.75 -3.80 -1.67
CA THR C 251 2.94 -2.92 -0.53
C THR C 251 2.98 -3.68 0.79
N SER C 252 2.27 -4.79 0.89
CA SER C 252 2.25 -5.56 2.14
C SER C 252 3.64 -6.07 2.50
N ILE C 253 4.42 -6.47 1.49
CA ILE C 253 5.77 -6.93 1.75
C ILE C 253 6.65 -5.78 2.23
N ARG C 254 6.45 -4.59 1.67
CA ARG C 254 7.34 -3.48 1.97
C ARG C 254 7.11 -2.95 3.39
N THR C 255 5.87 -2.97 3.85
CA THR C 255 5.58 -2.50 5.20
C THR C 255 6.20 -3.41 6.26
N GLY C 256 6.33 -4.69 5.97
CA GLY C 256 6.99 -5.60 6.89
C GLY C 256 8.47 -5.30 7.04
N VAL C 257 9.11 -4.90 5.95
CA VAL C 257 10.56 -4.73 5.96
C VAL C 257 10.95 -3.43 6.65
N ARG C 258 10.26 -2.34 6.31
CA ARG C 258 10.60 -1.05 6.90
C ARG C 258 10.36 -1.03 8.40
N LEU C 259 9.40 -1.83 8.86
CA LEU C 259 9.21 -2.00 10.30
C LEU C 259 10.35 -2.80 10.92
N SER C 260 10.84 -3.81 10.20
CA SER C 260 11.89 -4.68 10.72
C SER C 260 13.19 -3.92 10.95
N GLY C 261 13.57 -3.07 10.00
CA GLY C 261 14.74 -2.24 10.14
C GLY C 261 16.01 -2.75 9.51
N ALA C 262 15.96 -3.87 8.80
CA ALA C 262 17.17 -4.42 8.19
C ALA C 262 17.61 -3.55 7.01
N ALA C 263 18.89 -3.64 6.68
CA ALA C 263 19.42 -2.91 5.53
C ALA C 263 18.79 -3.44 4.26
N VAL C 264 18.41 -2.51 3.37
CA VAL C 264 17.67 -2.85 2.16
C VAL C 264 18.49 -2.40 0.95
N ARG C 265 18.66 -3.32 0.01
CA ARG C 265 19.25 -3.01 -1.28
C ARG C 265 18.35 -3.58 -2.36
N THR C 266 18.16 -2.83 -3.43
CA THR C 266 17.25 -3.23 -4.49
C THR C 266 17.98 -3.35 -5.81
N PHE C 267 17.39 -4.13 -6.72
CA PHE C 267 17.97 -4.38 -8.02
C PHE C 267 16.93 -4.19 -9.10
N LYS C 268 17.41 -3.86 -10.31
CA LYS C 268 16.53 -3.60 -11.44
C LYS C 268 15.73 -4.85 -11.80
N HIS C 269 14.51 -4.63 -12.25
CA HIS C 269 13.62 -5.74 -12.56
C HIS C 269 14.09 -6.48 -13.81
N GLY C 270 14.06 -7.81 -13.74
CA GLY C 270 14.31 -8.65 -14.89
C GLY C 270 15.76 -8.93 -15.21
N ASP C 271 16.70 -8.45 -14.40
CA ASP C 271 18.13 -8.61 -14.66
C ASP C 271 18.69 -9.69 -13.74
N MET C 272 19.16 -10.80 -14.33
CA MET C 272 19.76 -11.88 -13.56
C MET C 272 21.28 -11.80 -13.53
N VAL C 273 21.86 -10.66 -13.93
CA VAL C 273 23.31 -10.45 -13.95
C VAL C 273 23.63 -9.43 -12.88
N GLY C 274 22.93 -8.30 -12.96
CA GLY C 274 23.12 -7.23 -12.00
C GLY C 274 22.81 -7.66 -10.59
N LEU C 275 21.93 -8.66 -10.43
CA LEU C 275 21.77 -9.27 -9.11
C LEU C 275 23.06 -9.93 -8.65
N GLU C 276 23.68 -10.71 -9.54
CA GLU C 276 24.91 -11.40 -9.19
C GLU C 276 26.04 -10.43 -8.89
N LYS C 277 26.10 -9.31 -9.62
CA LYS C 277 27.09 -8.30 -9.28
C LYS C 277 26.77 -7.65 -7.94
N LEU C 278 25.48 -7.51 -7.61
CA LEU C 278 25.11 -6.94 -6.32
C LEU C 278 25.50 -7.85 -5.17
N ILE C 279 25.30 -9.16 -5.34
CA ILE C 279 25.58 -10.10 -4.24
C ILE C 279 27.07 -10.23 -4.02
N ARG C 280 27.86 -10.37 -5.09
CA ARG C 280 29.30 -10.47 -4.93
C ARG C 280 29.86 -9.21 -4.30
N GLU C 281 29.28 -8.05 -4.60
CA GLU C 281 29.76 -6.82 -3.98
C GLU C 281 29.41 -6.76 -2.50
N GLN C 282 28.15 -7.08 -2.16
CA GLN C 282 27.69 -6.86 -0.80
C GLN C 282 28.36 -7.78 0.20
N ILE C 283 28.68 -9.01 -0.21
CA ILE C 283 29.31 -9.95 0.70
C ILE C 283 30.70 -9.46 1.10
N VAL C 284 31.45 -8.91 0.15
CA VAL C 284 32.81 -8.50 0.44
C VAL C 284 32.82 -7.25 1.32
N LEU C 285 31.95 -6.28 1.02
CA LEU C 285 31.98 -5.01 1.75
C LEU C 285 31.65 -5.22 3.23
N GLY C 286 30.53 -5.88 3.51
CA GLY C 286 30.13 -6.12 4.88
C GLY C 286 29.25 -5.03 5.45
N GLN C 287 29.22 -4.99 6.78
CA GLN C 287 28.37 -4.04 7.49
C GLN C 287 28.96 -2.63 7.44
N PRO C 288 28.11 -1.61 7.61
CA PRO C 288 28.61 -0.22 7.53
C PRO C 288 29.35 0.21 8.77
N LYS C 289 30.39 1.03 8.56
CA LYS C 289 31.09 1.75 9.61
C LYS C 289 31.89 0.81 10.50
N THR C 290 31.77 -0.49 10.28
CA THR C 290 32.45 -1.46 11.13
C THR C 290 33.19 -2.49 10.30
N ASN C 291 32.69 -2.76 9.09
CA ASN C 291 33.29 -3.72 8.16
C ASN C 291 33.35 -5.11 8.81
N ARG C 292 32.18 -5.65 9.10
CA ARG C 292 32.04 -6.99 9.64
C ARG C 292 31.08 -7.79 8.76
N PRO C 293 31.23 -9.12 8.73
CA PRO C 293 30.40 -9.93 7.83
C PRO C 293 28.92 -9.89 8.20
N TRP C 294 28.08 -9.95 7.18
CA TRP C 294 26.64 -9.95 7.39
C TRP C 294 26.21 -11.20 8.15
N LYS C 295 25.12 -11.08 8.90
CA LYS C 295 24.61 -12.23 9.62
C LYS C 295 23.87 -13.18 8.69
N LYS C 296 23.03 -12.65 7.81
CA LYS C 296 22.33 -13.48 6.84
C LYS C 296 21.80 -12.59 5.72
N ILE C 297 21.62 -13.19 4.55
CA ILE C 297 21.17 -12.50 3.35
C ILE C 297 19.90 -13.17 2.87
N LEU C 298 18.88 -12.36 2.62
CA LEU C 298 17.56 -12.86 2.23
C LEU C 298 17.16 -12.28 0.89
N ILE C 299 16.55 -13.11 0.05
CA ILE C 299 16.14 -12.74 -1.29
C ILE C 299 14.63 -12.82 -1.37
N CYS C 300 13.98 -11.70 -1.69
CA CYS C 300 12.53 -11.65 -1.83
C CYS C 300 12.16 -11.44 -3.29
N ALA C 301 11.05 -12.05 -3.68
CA ALA C 301 10.55 -11.92 -5.04
C ALA C 301 9.05 -12.13 -5.02
N GLU C 302 8.45 -12.23 -6.20
CA GLU C 302 7.01 -12.39 -6.32
C GLU C 302 6.72 -13.42 -7.41
N GLY C 303 5.67 -14.22 -7.19
CA GLY C 303 5.35 -15.28 -8.14
C GLY C 303 4.90 -14.75 -9.49
N LEU C 304 4.07 -13.71 -9.49
CA LEU C 304 3.59 -13.10 -10.72
C LEU C 304 3.27 -11.65 -10.45
N PHE C 305 3.73 -10.77 -11.34
CA PHE C 305 3.51 -9.34 -11.19
C PHE C 305 2.21 -8.96 -11.89
N SER C 306 1.31 -8.30 -11.15
CA SER C 306 0.00 -7.97 -11.70
C SER C 306 0.08 -6.90 -12.77
N MET C 307 0.90 -5.87 -12.56
CA MET C 307 0.95 -4.77 -13.52
C MET C 307 1.52 -5.23 -14.86
N GLU C 308 2.61 -5.99 -14.84
CA GLU C 308 3.29 -6.40 -16.07
C GLU C 308 2.84 -7.75 -16.58
N GLY C 309 2.39 -8.66 -15.71
CA GLY C 309 1.99 -9.99 -16.14
C GLY C 309 3.11 -10.86 -16.67
N THR C 310 4.28 -10.80 -16.04
CA THR C 310 5.43 -11.61 -16.42
C THR C 310 5.85 -12.48 -15.26
N LEU C 311 6.38 -13.68 -15.57
CA LEU C 311 6.72 -14.66 -14.56
C LEU C 311 8.09 -14.38 -13.95
N CYS C 312 8.39 -15.08 -12.86
CA CYS C 312 9.70 -15.03 -12.22
C CYS C 312 10.49 -16.29 -12.54
N ASN C 313 11.74 -16.11 -12.95
CA ASN C 313 12.61 -17.22 -13.36
C ASN C 313 13.08 -17.96 -12.12
N LEU C 314 12.23 -18.86 -11.65
CA LEU C 314 12.50 -19.70 -10.49
C LEU C 314 13.66 -20.67 -10.69
N PRO C 315 13.80 -21.34 -11.84
CA PRO C 315 14.97 -22.21 -12.05
C PRO C 315 16.30 -21.49 -11.90
N LYS C 316 16.39 -20.22 -12.30
CA LYS C 316 17.62 -19.47 -12.07
C LYS C 316 17.80 -19.11 -10.59
N LEU C 317 16.72 -18.64 -9.94
CA LEU C 317 16.82 -18.21 -8.55
C LEU C 317 17.22 -19.36 -7.64
N VAL C 318 16.78 -20.58 -7.95
CA VAL C 318 17.10 -21.71 -7.09
C VAL C 318 18.58 -22.05 -7.19
N GLU C 319 19.15 -21.95 -8.39
CA GLU C 319 20.57 -22.19 -8.56
C GLU C 319 21.40 -21.13 -7.86
N LEU C 320 20.99 -19.86 -7.95
CA LEU C 320 21.75 -18.79 -7.31
C LEU C 320 21.71 -18.92 -5.79
N LYS C 321 20.56 -19.29 -5.22
CA LYS C 321 20.48 -19.44 -3.76
C LYS C 321 21.23 -20.65 -3.26
N LYS C 322 21.91 -21.39 -4.14
CA LYS C 322 22.71 -22.55 -3.74
C LYS C 322 24.21 -22.31 -3.84
N LYS C 323 24.66 -21.49 -4.79
CA LYS C 323 26.07 -21.20 -4.94
C LYS C 323 26.56 -20.22 -3.88
N TYR C 324 25.72 -19.26 -3.51
CA TYR C 324 26.11 -18.21 -2.57
C TYR C 324 25.49 -18.38 -1.19
N LYS C 325 24.75 -19.46 -0.96
CA LYS C 325 24.25 -19.80 0.38
C LYS C 325 23.27 -18.77 0.91
N CYS C 326 22.36 -18.31 0.05
CA CYS C 326 21.36 -17.32 0.45
C CYS C 326 19.99 -17.98 0.58
N TYR C 327 19.16 -17.41 1.45
CA TYR C 327 17.80 -17.88 1.66
C TYR C 327 16.84 -17.19 0.69
N LEU C 328 15.67 -17.80 0.52
CA LEU C 328 14.75 -17.39 -0.53
C LEU C 328 13.33 -17.32 0.00
N PHE C 329 12.56 -16.37 -0.53
CA PHE C 329 11.18 -16.13 -0.09
C PHE C 329 10.32 -15.85 -1.30
N ILE C 330 9.18 -16.53 -1.39
CA ILE C 330 8.32 -16.42 -2.54
C ILE C 330 6.86 -16.17 -2.21
N ASP C 331 6.24 -15.28 -3.02
CA ASP C 331 4.82 -14.93 -2.83
C ASP C 331 3.98 -15.35 -4.04
N GLU C 332 3.01 -16.24 -3.86
CA GLU C 332 2.11 -16.73 -4.89
C GLU C 332 0.66 -16.52 -4.44
N ALA C 333 0.15 -15.31 -4.70
CA ALA C 333 -1.24 -14.98 -4.44
C ALA C 333 -2.10 -15.10 -5.68
N HIS C 334 -1.58 -14.68 -6.84
CA HIS C 334 -2.33 -14.71 -8.08
C HIS C 334 -2.08 -15.96 -8.91
N SER C 335 -1.43 -16.98 -8.35
CA SER C 335 -1.08 -18.17 -9.11
C SER C 335 -1.30 -19.47 -8.37
N ILE C 336 -1.74 -19.42 -7.11
CA ILE C 336 -1.82 -20.64 -6.30
C ILE C 336 -2.84 -21.62 -6.87
N GLY C 337 -4.01 -21.12 -7.26
CA GLY C 337 -5.08 -22.04 -7.62
C GLY C 337 -5.46 -22.07 -9.09
N ALA C 338 -4.91 -21.18 -9.91
CA ALA C 338 -5.35 -21.06 -11.28
C ALA C 338 -4.26 -21.29 -12.32
N MET C 339 -3.02 -21.52 -11.91
CA MET C 339 -1.97 -21.72 -12.90
C MET C 339 -1.37 -23.11 -12.77
N GLY C 340 -0.37 -23.42 -13.58
CA GLY C 340 0.20 -24.74 -13.61
C GLY C 340 -0.70 -25.79 -14.22
N PRO C 341 -0.14 -26.98 -14.44
CA PRO C 341 -0.96 -28.05 -15.01
C PRO C 341 -2.09 -28.48 -14.10
N THR C 342 -1.91 -28.44 -12.79
CA THR C 342 -2.92 -28.98 -11.88
C THR C 342 -3.14 -27.99 -10.75
N GLY C 343 -2.80 -26.72 -11.01
CA GLY C 343 -3.14 -25.67 -10.08
C GLY C 343 -2.40 -25.71 -8.77
N ARG C 344 -1.08 -25.57 -8.78
CA ARG C 344 -0.30 -25.58 -7.54
C ARG C 344 0.65 -24.40 -7.50
N GLY C 345 1.00 -23.89 -8.67
CA GLY C 345 1.76 -22.65 -8.71
C GLY C 345 3.02 -22.68 -9.53
N VAL C 346 3.88 -21.68 -9.27
CA VAL C 346 5.13 -21.52 -9.98
C VAL C 346 6.06 -22.71 -9.77
N CYS C 347 5.98 -23.36 -8.61
CA CYS C 347 6.84 -24.51 -8.35
C CYS C 347 6.54 -25.67 -9.30
N GLU C 348 5.35 -25.67 -9.91
CA GLU C 348 4.99 -26.75 -10.82
C GLU C 348 5.25 -26.42 -12.27
N ILE C 349 4.92 -25.20 -12.70
CA ILE C 349 5.05 -24.90 -14.13
C ILE C 349 6.50 -24.93 -14.56
N PHE C 350 7.42 -24.52 -13.69
CA PHE C 350 8.84 -24.55 -14.00
C PHE C 350 9.51 -25.86 -13.64
N GLY C 351 8.81 -26.75 -12.93
CA GLY C 351 9.36 -28.06 -12.59
C GLY C 351 10.33 -28.07 -11.44
N VAL C 352 10.43 -27.01 -10.66
CA VAL C 352 11.39 -26.95 -9.57
C VAL C 352 10.81 -27.67 -8.36
N ASP C 353 11.69 -28.32 -7.59
CA ASP C 353 11.25 -29.08 -6.42
C ASP C 353 10.81 -28.13 -5.30
N PRO C 354 9.72 -28.47 -4.59
CA PRO C 354 9.20 -27.55 -3.58
C PRO C 354 10.09 -27.38 -2.35
N LYS C 355 11.03 -28.27 -2.11
CA LYS C 355 11.87 -28.13 -0.92
C LYS C 355 13.00 -27.13 -1.10
N ASP C 356 13.23 -26.64 -2.32
CA ASP C 356 14.29 -25.65 -2.52
C ASP C 356 13.90 -24.32 -1.91
N VAL C 357 12.64 -23.91 -2.03
CA VAL C 357 12.22 -22.64 -1.45
C VAL C 357 12.07 -22.78 0.06
N ASP C 358 12.34 -21.70 0.78
CA ASP C 358 12.33 -21.73 2.23
C ASP C 358 10.95 -21.41 2.80
N ILE C 359 10.36 -20.30 2.40
CA ILE C 359 9.08 -19.83 2.92
C ILE C 359 8.15 -19.53 1.76
N LEU C 360 6.94 -20.05 1.83
CA LEU C 360 5.90 -19.79 0.84
C LEU C 360 4.78 -18.95 1.47
N MET C 361 3.97 -18.34 0.61
CA MET C 361 2.90 -17.49 1.08
C MET C 361 1.80 -17.42 0.03
N GLY C 362 0.60 -17.07 0.46
CA GLY C 362 -0.51 -16.95 -0.46
C GLY C 362 -1.75 -16.46 0.26
N THR C 363 -2.79 -16.18 -0.54
CA THR C 363 -4.05 -15.75 0.01
C THR C 363 -5.17 -16.52 -0.68
N PHE C 364 -6.37 -16.32 -0.17
CA PHE C 364 -7.55 -17.08 -0.57
C PHE C 364 -8.53 -16.27 -1.39
N THR C 365 -8.41 -14.94 -1.36
CA THR C 365 -9.40 -14.06 -1.98
C THR C 365 -9.46 -14.23 -3.50
N LYS C 366 -8.30 -14.34 -4.13
CA LYS C 366 -8.23 -14.18 -5.59
C LYS C 366 -8.85 -15.38 -6.31
N SER C 367 -8.68 -16.58 -5.77
CA SER C 367 -9.16 -17.75 -6.50
C SER C 367 -10.22 -18.52 -5.74
N PHE C 368 -9.91 -18.98 -4.53
CA PHE C 368 -10.82 -19.85 -3.81
C PHE C 368 -12.06 -19.14 -3.27
N GLY C 369 -12.06 -17.81 -3.20
CA GLY C 369 -13.26 -17.08 -2.83
C GLY C 369 -13.55 -16.95 -1.34
N ALA C 370 -12.58 -16.39 -0.60
CA ALA C 370 -12.72 -16.12 0.83
C ALA C 370 -11.50 -15.33 1.29
N ALA C 371 -11.64 -14.53 2.34
CA ALA C 371 -10.55 -13.71 2.82
C ALA C 371 -9.70 -14.48 3.82
N GLY C 372 -8.39 -14.43 3.65
CA GLY C 372 -7.48 -15.17 4.51
C GLY C 372 -6.10 -15.25 3.90
N GLY C 373 -5.28 -16.13 4.46
CA GLY C 373 -3.93 -16.30 4.00
C GLY C 373 -3.28 -17.46 4.71
N TYR C 374 -2.15 -17.91 4.14
CA TYR C 374 -1.43 -19.04 4.69
C TYR C 374 0.06 -18.87 4.43
N ILE C 375 0.85 -19.48 5.30
CA ILE C 375 2.29 -19.62 5.12
C ILE C 375 2.65 -21.09 5.27
N ALA C 376 3.61 -21.54 4.47
CA ALA C 376 4.07 -22.92 4.53
C ALA C 376 5.59 -22.94 4.56
N ALA C 377 6.14 -23.78 5.41
CA ALA C 377 7.58 -23.90 5.53
C ALA C 377 7.90 -25.30 6.04
N ASP C 378 9.16 -25.52 6.40
CA ASP C 378 9.57 -26.79 6.97
C ASP C 378 9.04 -26.90 8.39
N GLN C 379 9.49 -27.94 9.10
CA GLN C 379 8.94 -28.20 10.43
C GLN C 379 9.52 -27.27 11.48
N TRP C 380 10.83 -27.34 11.71
CA TRP C 380 11.42 -26.52 12.77
C TRP C 380 11.23 -25.04 12.50
N ILE C 381 11.07 -24.66 11.23
CA ILE C 381 10.81 -23.26 10.92
C ILE C 381 9.46 -22.83 11.45
N ILE C 382 8.45 -23.71 11.33
CA ILE C 382 7.11 -23.35 11.79
C ILE C 382 7.06 -23.30 13.32
N ASP C 383 7.75 -24.23 13.99
CA ASP C 383 7.68 -24.28 15.45
C ASP C 383 8.20 -23.01 16.10
N ARG C 384 9.31 -22.49 15.60
CA ARG C 384 9.85 -21.26 16.15
C ARG C 384 8.95 -20.07 15.82
N LEU C 385 8.42 -20.04 14.59
CA LEU C 385 7.58 -18.91 14.17
C LEU C 385 6.24 -18.90 14.88
N ARG C 386 5.76 -20.05 15.36
CA ARG C 386 4.48 -20.11 16.06
C ARG C 386 4.55 -19.40 17.41
N LEU C 387 5.74 -19.26 17.98
CA LEU C 387 5.91 -18.57 19.25
C LEU C 387 6.46 -17.16 19.11
N ASP C 388 7.28 -16.90 18.10
CA ASP C 388 7.86 -15.58 17.90
C ASP C 388 6.91 -14.60 17.23
N LEU C 389 5.83 -15.08 16.62
CA LEU C 389 4.93 -14.19 15.91
C LEU C 389 4.05 -13.41 16.88
N THR C 390 3.61 -12.24 16.43
CA THR C 390 2.76 -11.39 17.24
C THR C 390 1.30 -11.42 16.87
N THR C 391 0.96 -11.78 15.63
CA THR C 391 -0.44 -11.81 15.24
C THR C 391 -1.18 -12.96 15.88
N VAL C 392 -0.47 -14.03 16.24
CA VAL C 392 -1.13 -15.19 16.84
C VAL C 392 -1.62 -14.86 18.24
N SER C 393 -0.85 -14.07 18.99
CA SER C 393 -1.13 -13.84 20.40
C SER C 393 -1.87 -12.54 20.69
N TYR C 394 -1.89 -11.61 19.75
CA TYR C 394 -2.51 -10.30 19.97
C TYR C 394 -3.72 -10.05 19.08
N SER C 395 -3.69 -10.47 17.83
CA SER C 395 -4.75 -10.15 16.89
C SER C 395 -5.97 -11.03 17.17
N GLU C 396 -6.95 -10.98 16.27
CA GLU C 396 -8.16 -11.78 16.36
C GLU C 396 -8.00 -13.04 15.52
N SER C 397 -9.05 -13.85 15.50
CA SER C 397 -9.07 -15.11 14.77
C SER C 397 -10.09 -15.04 13.63
N MET C 398 -9.98 -16.01 12.70
CA MET C 398 -10.88 -15.89 11.55
C MET C 398 -12.18 -16.65 11.80
N PRO C 399 -13.29 -16.17 11.21
CA PRO C 399 -14.59 -16.81 11.47
C PRO C 399 -14.71 -18.18 10.82
N ALA C 400 -15.84 -18.85 11.04
CA ALA C 400 -16.05 -20.20 10.51
C ALA C 400 -16.50 -20.23 9.05
N PRO C 401 -17.54 -19.45 8.65
CA PRO C 401 -18.00 -19.58 7.26
C PRO C 401 -16.93 -19.29 6.22
N VAL C 402 -16.04 -18.32 6.49
CA VAL C 402 -14.91 -18.13 5.60
C VAL C 402 -14.05 -19.38 5.55
N LEU C 403 -13.90 -20.06 6.68
CA LEU C 403 -13.07 -21.25 6.71
C LEU C 403 -13.78 -22.45 6.08
N ALA C 404 -15.11 -22.53 6.24
CA ALA C 404 -15.85 -23.69 5.74
C ALA C 404 -15.84 -23.74 4.22
N GLN C 405 -15.96 -22.59 3.58
CA GLN C 405 -15.86 -22.56 2.12
C GLN C 405 -14.44 -22.92 1.67
N THR C 406 -13.42 -22.41 2.35
CA THR C 406 -12.05 -22.72 1.98
C THR C 406 -11.74 -24.22 2.06
N ILE C 407 -12.48 -24.95 2.89
CA ILE C 407 -12.30 -26.40 2.95
C ILE C 407 -13.01 -27.07 1.78
N SER C 408 -14.16 -26.53 1.39
CA SER C 408 -14.99 -27.14 0.36
C SER C 408 -14.61 -26.67 -1.01
N SER C 409 -13.57 -25.85 -1.12
CA SER C 409 -13.05 -25.44 -2.41
C SER C 409 -11.67 -26.02 -2.69
N LEU C 410 -10.79 -26.06 -1.70
CA LEU C 410 -9.52 -26.74 -1.82
C LEU C 410 -9.68 -28.24 -2.06
N GLN C 411 -10.88 -28.78 -1.95
CA GLN C 411 -11.11 -30.20 -2.21
C GLN C 411 -11.64 -30.46 -3.60
N THR C 412 -12.44 -29.53 -4.12
CA THR C 412 -12.97 -29.67 -5.47
C THR C 412 -11.85 -29.60 -6.52
N ILE C 413 -10.96 -28.62 -6.37
CA ILE C 413 -9.86 -28.48 -7.31
C ILE C 413 -8.93 -29.67 -7.20
N SER C 414 -8.70 -30.14 -5.97
CA SER C 414 -7.89 -31.32 -5.74
C SER C 414 -8.52 -32.60 -6.27
N GLY C 415 -9.82 -32.56 -6.60
CA GLY C 415 -10.48 -33.69 -7.23
C GLY C 415 -11.08 -34.73 -6.31
N GLU C 416 -11.45 -34.34 -5.10
CA GLU C 416 -11.98 -35.29 -4.11
C GLU C 416 -13.50 -35.23 -4.00
N ILE C 417 -14.06 -34.06 -3.70
CA ILE C 417 -15.50 -33.96 -3.46
C ILE C 417 -16.27 -33.96 -4.77
N CYS C 418 -15.74 -33.32 -5.82
CA CYS C 418 -16.37 -33.30 -7.13
C CYS C 418 -15.49 -33.98 -8.16
N PRO C 419 -16.03 -34.88 -8.97
CA PRO C 419 -15.20 -35.69 -9.87
C PRO C 419 -14.47 -34.91 -10.96
N GLY C 420 -15.21 -34.19 -11.79
CA GLY C 420 -14.61 -33.62 -12.98
C GLY C 420 -14.87 -32.15 -13.16
N GLN C 421 -14.87 -31.39 -12.07
CA GLN C 421 -15.10 -29.96 -12.16
C GLN C 421 -13.83 -29.13 -12.06
N GLY C 422 -12.86 -29.57 -11.26
CA GLY C 422 -11.60 -28.86 -11.19
C GLY C 422 -10.89 -28.80 -12.53
N THR C 423 -10.79 -29.94 -13.21
CA THR C 423 -10.21 -29.93 -14.55
C THR C 423 -11.07 -29.14 -15.51
N GLU C 424 -12.39 -29.25 -15.38
CA GLU C 424 -13.30 -28.44 -16.18
C GLU C 424 -13.43 -27.01 -15.67
N ARG C 425 -12.60 -26.64 -14.71
CA ARG C 425 -12.47 -25.24 -14.35
C ARG C 425 -11.05 -24.74 -14.46
N LEU C 426 -10.07 -25.60 -14.76
CA LEU C 426 -8.72 -25.13 -15.02
C LEU C 426 -8.33 -25.15 -16.48
N GLN C 427 -9.13 -25.75 -17.35
CA GLN C 427 -8.88 -25.68 -18.78
C GLN C 427 -9.58 -24.49 -19.41
N ARG C 428 -10.77 -24.15 -18.92
CA ARG C 428 -11.51 -23.04 -19.51
C ARG C 428 -10.76 -21.73 -19.34
N ILE C 429 -10.24 -21.47 -18.15
CA ILE C 429 -9.52 -20.20 -17.98
C ILE C 429 -8.25 -20.18 -18.81
N ALA C 430 -7.63 -21.36 -19.03
CA ALA C 430 -6.49 -21.41 -19.92
C ALA C 430 -6.89 -21.09 -21.35
N PHE C 431 -8.02 -21.63 -21.80
CA PHE C 431 -8.44 -21.41 -23.17
C PHE C 431 -8.82 -19.96 -23.43
N ASN C 432 -9.54 -19.34 -22.49
CA ASN C 432 -9.95 -17.95 -22.69
C ASN C 432 -8.75 -17.03 -22.77
N SER C 433 -7.79 -17.20 -21.87
CA SER C 433 -6.62 -16.32 -21.90
C SER C 433 -5.86 -16.50 -23.20
N ARG C 434 -5.77 -17.73 -23.72
CA ARG C 434 -5.10 -17.95 -24.99
C ARG C 434 -5.86 -17.27 -26.13
N TYR C 435 -7.19 -17.30 -26.08
CA TYR C 435 -7.99 -16.79 -27.20
C TYR C 435 -8.03 -15.27 -27.23
N LEU C 436 -8.18 -14.63 -26.08
CA LEU C 436 -8.25 -13.18 -26.06
C LEU C 436 -6.91 -12.55 -26.41
N ARG C 437 -5.81 -13.13 -25.91
CA ARG C 437 -4.51 -12.52 -26.13
C ARG C 437 -4.09 -12.60 -27.59
N LEU C 438 -4.38 -13.70 -28.27
CA LEU C 438 -3.99 -13.83 -29.67
C LEU C 438 -4.83 -12.93 -30.56
N ALA C 439 -6.14 -12.82 -30.28
CA ALA C 439 -6.99 -11.98 -31.13
C ALA C 439 -6.62 -10.52 -31.01
N LEU C 440 -6.39 -10.01 -29.79
CA LEU C 440 -6.01 -8.62 -29.63
C LEU C 440 -4.69 -8.32 -30.33
N GLN C 441 -3.73 -9.25 -30.26
CA GLN C 441 -2.48 -9.05 -30.97
C GLN C 441 -2.70 -9.04 -32.48
N ARG C 442 -3.68 -9.80 -32.96
CA ARG C 442 -3.93 -9.87 -34.40
C ARG C 442 -4.67 -8.65 -34.92
N LEU C 443 -5.57 -8.08 -34.12
CA LEU C 443 -6.28 -6.87 -34.57
C LEU C 443 -5.31 -5.69 -34.70
N GLY C 444 -4.34 -5.58 -33.81
CA GLY C 444 -3.35 -4.54 -33.95
C GLY C 444 -3.03 -3.80 -32.67
N PHE C 445 -3.57 -4.25 -31.54
CA PHE C 445 -3.28 -3.58 -30.29
C PHE C 445 -1.89 -3.96 -29.81
N ILE C 446 -1.50 -3.36 -28.68
CA ILE C 446 -0.25 -3.67 -28.00
C ILE C 446 -0.61 -4.22 -26.63
N VAL C 447 -0.21 -5.45 -26.35
CA VAL C 447 -0.51 -6.08 -25.08
C VAL C 447 0.78 -6.66 -24.49
N TYR C 448 0.83 -6.70 -23.17
CA TYR C 448 1.92 -7.32 -22.44
C TYR C 448 1.46 -8.66 -21.90
N GLY C 449 2.41 -9.45 -21.42
CA GLY C 449 2.09 -10.70 -20.79
C GLY C 449 3.16 -11.74 -21.05
N VAL C 450 2.83 -12.98 -20.69
CA VAL C 450 3.76 -14.10 -20.83
C VAL C 450 3.07 -15.21 -21.60
N ALA C 451 2.01 -14.84 -22.33
CA ALA C 451 1.22 -15.71 -23.21
C ALA C 451 0.28 -16.62 -22.44
N ASP C 452 0.26 -16.55 -21.11
CA ASP C 452 -0.71 -17.33 -20.35
C ASP C 452 -1.32 -16.61 -19.17
N SER C 453 -0.78 -15.47 -18.77
CA SER C 453 -1.26 -14.81 -17.57
C SER C 453 -2.70 -14.34 -17.79
N PRO C 454 -3.59 -14.55 -16.82
CA PRO C 454 -4.96 -14.01 -16.96
C PRO C 454 -5.03 -12.50 -17.02
N VAL C 455 -3.99 -11.78 -16.60
CA VAL C 455 -4.01 -10.33 -16.60
C VAL C 455 -3.46 -9.84 -17.94
N ILE C 456 -4.27 -9.10 -18.68
CA ILE C 456 -3.93 -8.64 -20.02
C ILE C 456 -3.98 -7.12 -20.04
N PRO C 457 -2.86 -6.47 -19.88
CA PRO C 457 -2.85 -5.00 -19.95
C PRO C 457 -2.80 -4.49 -21.38
N LEU C 458 -3.61 -3.49 -21.68
CA LEU C 458 -3.58 -2.78 -22.95
C LEU C 458 -3.10 -1.36 -22.71
N LEU C 459 -2.22 -0.87 -23.57
CA LEU C 459 -1.53 0.40 -23.35
C LEU C 459 -2.25 1.55 -24.06
N LEU C 460 -2.47 2.64 -23.34
CA LEU C 460 -2.93 3.90 -23.90
C LEU C 460 -1.99 5.00 -23.44
N TYR C 461 -1.46 5.77 -24.38
CA TYR C 461 -0.38 6.69 -24.04
C TYR C 461 -0.85 8.11 -23.77
N CYS C 462 -1.70 8.67 -24.63
CA CYS C 462 -2.15 10.03 -24.42
C CYS C 462 -3.02 10.11 -23.16
N PRO C 463 -2.97 11.22 -22.42
CA PRO C 463 -3.73 11.28 -21.16
C PRO C 463 -5.23 11.42 -21.36
N SER C 464 -5.67 12.18 -22.35
CA SER C 464 -7.10 12.37 -22.56
C SER C 464 -7.77 11.12 -23.12
N LYS C 465 -6.99 10.21 -23.69
CA LYS C 465 -7.58 9.03 -24.32
C LYS C 465 -8.10 8.03 -23.32
N MET C 466 -7.58 8.05 -22.09
CA MET C 466 -7.99 7.11 -21.06
C MET C 466 -9.43 7.36 -20.59
N PRO C 467 -9.78 8.57 -20.13
CA PRO C 467 -11.16 8.77 -19.68
C PRO C 467 -12.19 8.56 -20.77
N ALA C 468 -11.85 8.91 -22.01
CA ALA C 468 -12.79 8.72 -23.11
C ALA C 468 -13.06 7.24 -23.36
N PHE C 469 -12.02 6.40 -23.29
CA PHE C 469 -12.21 4.98 -23.52
C PHE C 469 -13.07 4.34 -22.44
N SER C 470 -12.87 4.76 -21.19
CA SER C 470 -13.63 4.17 -20.09
C SER C 470 -15.09 4.56 -20.13
N ARG C 471 -15.38 5.83 -20.41
CA ARG C 471 -16.76 6.31 -20.44
C ARG C 471 -17.55 5.62 -21.55
N MET C 472 -16.90 5.40 -22.69
CA MET C 472 -17.55 5.01 -23.94
C MET C 472 -18.14 3.61 -23.91
N MET C 473 -17.74 2.77 -22.97
CA MET C 473 -17.98 1.33 -23.00
C MET C 473 -18.90 0.87 -21.87
N LEU C 474 -19.05 1.71 -20.83
CA LEU C 474 -20.13 1.48 -19.87
C LEU C 474 -21.47 1.69 -20.54
N GLN C 475 -21.52 2.60 -21.50
CA GLN C 475 -22.70 2.73 -22.35
C GLN C 475 -22.84 1.51 -23.26
N ARG C 476 -21.72 1.03 -23.79
CA ARG C 476 -21.64 -0.22 -24.53
C ARG C 476 -21.83 -1.41 -23.60
N ARG C 477 -22.05 -1.16 -22.31
CA ARG C 477 -22.37 -2.23 -21.30
C ARG C 477 -21.19 -3.14 -20.95
N ILE C 478 -19.99 -2.60 -20.73
CA ILE C 478 -18.85 -3.38 -20.29
C ILE C 478 -18.06 -2.56 -19.28
N ALA C 479 -17.55 -3.21 -18.23
CA ALA C 479 -16.84 -2.52 -17.16
C ALA C 479 -15.34 -2.78 -17.26
N VAL C 480 -14.54 -1.73 -17.07
CA VAL C 480 -13.09 -1.82 -17.12
C VAL C 480 -12.48 -0.95 -16.02
N VAL C 481 -11.17 -1.08 -15.85
CA VAL C 481 -10.42 -0.38 -14.82
C VAL C 481 -9.12 0.13 -15.43
N VAL C 482 -8.70 1.33 -15.00
CA VAL C 482 -7.53 1.98 -15.58
C VAL C 482 -6.61 2.46 -14.47
N VAL C 483 -5.36 2.76 -14.85
CA VAL C 483 -4.35 3.28 -13.94
C VAL C 483 -3.68 4.48 -14.60
N ALA C 484 -2.86 5.19 -13.83
CA ALA C 484 -2.32 6.47 -14.28
C ALA C 484 -0.88 6.63 -13.81
N TYR C 485 -0.38 7.87 -13.90
CA TYR C 485 1.02 8.15 -13.61
C TYR C 485 1.47 7.84 -12.19
N PRO C 486 0.72 8.17 -11.12
CA PRO C 486 1.25 7.94 -9.76
C PRO C 486 1.64 6.50 -9.49
N ALA C 487 1.26 5.54 -10.33
CA ALA C 487 1.64 4.15 -10.14
C ALA C 487 2.41 3.55 -11.32
N THR C 488 2.47 4.23 -12.45
CA THR C 488 3.08 3.73 -13.66
C THR C 488 3.97 4.79 -14.25
N PRO C 489 4.92 4.42 -15.11
CA PRO C 489 5.79 5.43 -15.74
C PRO C 489 5.02 6.54 -16.44
N LEU C 490 5.68 7.68 -16.65
CA LEU C 490 5.00 8.83 -17.25
C LEU C 490 4.46 8.49 -18.64
N ILE C 491 5.29 7.83 -19.46
CA ILE C 491 4.89 7.55 -20.83
C ILE C 491 3.79 6.50 -20.88
N GLU C 492 3.93 5.43 -20.08
CA GLU C 492 3.10 4.23 -20.23
C GLU C 492 1.94 4.27 -19.26
N SER C 493 0.73 4.37 -19.79
CA SER C 493 -0.51 4.17 -19.04
C SER C 493 -1.27 3.02 -19.66
N ARG C 494 -2.07 2.33 -18.86
CA ARG C 494 -2.64 1.08 -19.33
C ARG C 494 -4.04 0.86 -18.76
N VAL C 495 -4.76 -0.05 -19.41
CA VAL C 495 -6.03 -0.58 -18.92
C VAL C 495 -5.85 -2.07 -18.68
N ARG C 496 -6.44 -2.57 -17.61
CA ARG C 496 -6.16 -3.90 -17.11
C ARG C 496 -7.39 -4.79 -17.22
N PHE C 497 -7.20 -5.98 -17.78
CA PHE C 497 -8.26 -6.96 -17.96
C PHE C 497 -8.05 -8.13 -17.02
N CYS C 498 -9.13 -8.61 -16.44
CA CYS C 498 -9.10 -9.81 -15.61
C CYS C 498 -10.10 -10.79 -16.20
N MET C 499 -9.59 -11.94 -16.65
CA MET C 499 -10.46 -12.97 -17.20
C MET C 499 -11.13 -13.74 -16.07
N SER C 500 -12.01 -14.67 -16.44
CA SER C 500 -12.72 -15.48 -15.46
C SER C 500 -13.11 -16.78 -16.14
N ALA C 501 -13.50 -17.75 -15.32
CA ALA C 501 -13.88 -19.05 -15.85
C ALA C 501 -15.32 -19.12 -16.30
N SER C 502 -16.07 -18.03 -16.16
CA SER C 502 -17.48 -18.03 -16.55
C SER C 502 -17.68 -17.54 -17.99
N LEU C 503 -16.94 -16.52 -18.40
CA LEU C 503 -17.10 -16.01 -19.75
C LEU C 503 -16.84 -17.11 -20.77
N THR C 504 -17.57 -17.04 -21.88
CA THR C 504 -17.51 -18.06 -22.92
C THR C 504 -16.97 -17.45 -24.22
N LYS C 505 -17.03 -18.24 -25.29
CA LYS C 505 -16.53 -17.76 -26.58
C LYS C 505 -17.37 -16.62 -27.13
N GLU C 506 -18.69 -16.69 -26.93
CA GLU C 506 -19.57 -15.68 -27.50
C GLU C 506 -19.31 -14.30 -26.90
N ASP C 507 -19.13 -14.25 -25.57
CA ASP C 507 -18.89 -12.97 -24.92
C ASP C 507 -17.57 -12.36 -25.36
N ILE C 508 -16.57 -13.20 -25.59
CA ILE C 508 -15.32 -12.68 -26.13
C ILE C 508 -15.55 -12.12 -27.53
N ASP C 509 -16.38 -12.79 -28.32
CA ASP C 509 -16.73 -12.24 -29.64
C ASP C 509 -17.45 -10.92 -29.49
N TYR C 510 -18.43 -10.85 -28.59
CA TYR C 510 -19.16 -9.61 -28.34
C TYR C 510 -18.22 -8.54 -27.81
N LEU C 511 -17.28 -8.92 -26.94
CA LEU C 511 -16.27 -7.97 -26.48
C LEU C 511 -15.37 -7.52 -27.62
N LEU C 512 -14.97 -8.44 -28.48
CA LEU C 512 -14.00 -8.10 -29.53
C LEU C 512 -14.60 -7.11 -30.52
N ARG C 513 -15.88 -7.25 -30.84
CA ARG C 513 -16.49 -6.33 -31.80
C ARG C 513 -16.52 -4.91 -31.26
N HIS C 514 -16.94 -4.73 -30.01
CA HIS C 514 -17.03 -3.39 -29.46
C HIS C 514 -15.67 -2.76 -29.28
N VAL C 515 -14.69 -3.51 -28.77
CA VAL C 515 -13.38 -2.93 -28.57
C VAL C 515 -12.72 -2.62 -29.91
N SER C 516 -13.08 -3.36 -30.97
CA SER C 516 -12.52 -3.05 -32.28
C SER C 516 -13.00 -1.70 -32.77
N GLU C 517 -14.30 -1.41 -32.65
CA GLU C 517 -14.83 -0.15 -33.14
C GLU C 517 -14.33 1.02 -32.31
N VAL C 518 -14.24 0.84 -30.99
CA VAL C 518 -13.76 1.93 -30.14
C VAL C 518 -12.32 2.26 -30.47
N GLY C 519 -11.47 1.24 -30.63
CA GLY C 519 -10.08 1.50 -30.95
C GLY C 519 -9.90 2.22 -32.27
N ASP C 520 -10.71 1.87 -33.26
CA ASP C 520 -10.59 2.50 -34.57
C ASP C 520 -10.96 3.98 -34.50
N LYS C 521 -11.96 4.33 -33.68
CA LYS C 521 -12.36 5.72 -33.55
C LYS C 521 -11.30 6.54 -32.83
N LEU C 522 -10.68 5.97 -31.81
CA LEU C 522 -9.72 6.70 -30.98
C LEU C 522 -8.28 6.58 -31.47
N ASN C 523 -8.04 5.86 -32.57
CA ASN C 523 -6.71 5.65 -33.11
C ASN C 523 -5.79 5.02 -32.06
N LEU C 524 -6.13 3.78 -31.67
CA LEU C 524 -5.40 3.08 -30.64
C LEU C 524 -4.51 1.95 -31.14
N LYS C 525 -4.75 1.43 -32.35
CA LYS C 525 -3.95 0.33 -32.86
C LYS C 525 -2.67 0.90 -33.46
N SER C 526 -1.60 0.90 -32.69
CA SER C 526 -0.29 1.35 -33.16
C SER C 526 0.70 0.23 -32.85
N ASN C 527 0.87 -0.65 -33.83
CA ASN C 527 1.66 -1.85 -33.65
C ASN C 527 2.92 -1.76 -34.52
N SER C 528 3.73 -2.82 -34.47
CA SER C 528 4.93 -2.90 -35.27
C SER C 528 5.20 -4.36 -35.62
N GLY C 529 6.37 -4.62 -36.22
CA GLY C 529 6.71 -5.98 -36.61
C GLY C 529 7.27 -6.83 -35.49
N LYS C 530 7.69 -6.22 -34.39
CA LYS C 530 8.26 -7.00 -33.29
C LYS C 530 7.20 -7.83 -32.59
N SER C 531 5.94 -7.41 -32.64
CA SER C 531 4.89 -8.13 -31.93
C SER C 531 4.58 -9.47 -32.58
N SER C 532 4.48 -9.50 -33.91
CA SER C 532 4.20 -10.74 -34.61
C SER C 532 5.43 -11.62 -34.63
N TYR C 533 5.30 -12.80 -35.25
CA TYR C 533 6.42 -13.74 -35.31
C TYR C 533 7.11 -13.76 -36.66
N ASP C 534 6.40 -13.47 -37.75
CA ASP C 534 7.05 -13.44 -39.06
C ASP C 534 7.97 -12.24 -39.18
N GLY C 535 7.56 -11.09 -38.65
CA GLY C 535 8.41 -9.92 -38.67
C GLY C 535 7.85 -8.78 -39.51
N LYS C 536 6.54 -8.74 -39.69
CA LYS C 536 5.91 -7.70 -40.48
C LYS C 536 4.62 -7.25 -39.82
N ARG C 537 4.31 -5.97 -39.99
CA ARG C 537 3.11 -5.39 -39.38
C ARG C 537 1.86 -6.05 -39.95
N GLN C 538 0.81 -6.05 -39.13
CA GLN C 538 -0.43 -6.70 -39.52
C GLN C 538 -1.62 -5.84 -39.10
N ARG C 539 -2.65 -5.86 -39.94
CA ARG C 539 -3.91 -5.17 -39.67
C ARG C 539 -5.00 -6.02 -40.32
N TRP C 540 -5.64 -6.87 -39.54
CA TRP C 540 -6.60 -7.83 -40.08
C TRP C 540 -8.03 -7.38 -39.90
N ASP C 541 -8.91 -7.92 -40.74
CA ASP C 541 -10.33 -7.64 -40.66
C ASP C 541 -10.94 -8.42 -39.48
N ILE C 542 -12.08 -7.91 -39.00
CA ILE C 542 -12.68 -8.50 -37.81
C ILE C 542 -13.22 -9.89 -38.09
N GLU C 543 -13.81 -10.11 -39.27
CA GLU C 543 -14.41 -11.40 -39.56
C GLU C 543 -13.36 -12.49 -39.69
N GLU C 544 -12.25 -12.20 -40.36
CA GLU C 544 -11.18 -13.17 -40.47
C GLU C 544 -10.63 -13.54 -39.11
N VAL C 545 -10.55 -12.56 -38.20
CA VAL C 545 -10.01 -12.82 -36.88
C VAL C 545 -10.90 -13.77 -36.10
N ILE C 546 -12.21 -13.51 -36.11
CA ILE C 546 -13.14 -14.36 -35.36
C ILE C 546 -13.25 -15.74 -35.97
N ARG C 547 -13.08 -15.88 -37.29
CA ARG C 547 -13.25 -17.17 -37.92
C ARG C 547 -12.06 -18.09 -37.72
N ARG C 548 -10.85 -17.54 -37.67
CA ARG C 548 -9.63 -18.34 -37.66
C ARG C 548 -8.99 -18.46 -36.27
N THR C 549 -9.01 -17.38 -35.49
CA THR C 549 -8.28 -17.39 -34.22
C THR C 549 -8.66 -18.51 -33.26
N PRO C 550 -9.94 -18.88 -33.07
CA PRO C 550 -10.26 -19.90 -32.05
C PRO C 550 -9.57 -21.24 -32.27
N GLU C 551 -9.29 -21.61 -33.50
CA GLU C 551 -8.61 -22.87 -33.80
C GLU C 551 -7.10 -22.75 -33.89
N ASP C 552 -6.57 -21.53 -33.83
CA ASP C 552 -5.14 -21.32 -33.90
C ASP C 552 -4.54 -20.89 -32.59
N CYS C 553 -5.35 -20.60 -31.58
CA CYS C 553 -4.82 -20.20 -30.29
C CYS C 553 -4.27 -21.37 -29.49
N LYS C 554 -4.68 -22.59 -29.81
CA LYS C 554 -4.16 -23.75 -29.09
C LYS C 554 -2.69 -23.99 -29.39
N ASP C 555 -2.29 -23.82 -30.66
CA ASP C 555 -0.91 -24.03 -31.03
C ASP C 555 -0.01 -22.99 -30.37
N ASP C 556 1.24 -23.38 -30.13
CA ASP C 556 2.15 -22.50 -29.41
C ASP C 556 2.99 -21.62 -30.33
N LYS C 557 3.31 -22.09 -31.53
CA LYS C 557 4.28 -21.39 -32.35
C LYS C 557 3.82 -19.99 -32.75
N TYR C 558 2.52 -19.70 -32.63
CA TYR C 558 2.02 -18.39 -33.01
C TYR C 558 2.29 -17.31 -31.98
N PHE C 559 2.59 -17.68 -30.74
CA PHE C 559 2.83 -16.71 -29.68
C PHE C 559 4.29 -16.28 -29.65
N VAL C 560 4.51 -14.97 -29.54
CA VAL C 560 5.87 -14.46 -29.55
C VAL C 560 6.61 -14.82 -28.27
N ASN C 561 5.95 -14.70 -27.12
CA ASN C 561 6.57 -15.05 -25.85
C ASN C 561 5.52 -15.58 -24.87
N GLN D 3 -29.77 -22.99 -21.68
CA GLN D 3 -28.44 -22.44 -21.88
C GLN D 3 -28.46 -21.27 -22.87
N HIS D 4 -29.63 -20.65 -23.03
CA HIS D 4 -29.76 -19.56 -23.98
C HIS D 4 -30.55 -18.38 -23.42
N LYS D 5 -30.62 -18.24 -22.10
CA LYS D 5 -31.42 -17.18 -21.50
C LYS D 5 -30.64 -16.52 -20.37
N SER D 6 -30.70 -15.20 -20.33
CA SER D 6 -29.96 -14.41 -19.37
C SER D 6 -30.84 -13.23 -18.96
N SER D 7 -30.21 -12.21 -18.39
CA SER D 7 -30.94 -11.02 -17.99
C SER D 7 -30.22 -9.75 -18.43
N MET D 8 -29.46 -9.81 -19.51
CA MET D 8 -28.76 -8.65 -20.03
C MET D 8 -29.33 -8.25 -21.37
N VAL D 9 -29.47 -6.94 -21.58
CA VAL D 9 -29.90 -6.39 -22.85
C VAL D 9 -28.67 -5.97 -23.63
N TYR D 10 -28.62 -6.34 -24.91
CA TYR D 10 -27.44 -6.13 -25.74
C TYR D 10 -27.61 -4.84 -26.54
N ILE D 11 -26.75 -3.88 -26.29
CA ILE D 11 -26.73 -2.67 -27.12
C ILE D 11 -26.21 -3.04 -28.50
N PRO D 12 -26.98 -2.80 -29.57
CA PRO D 12 -26.48 -3.15 -30.91
C PRO D 12 -25.26 -2.33 -31.28
N THR D 13 -24.38 -2.95 -32.06
CA THR D 13 -23.17 -2.30 -32.51
C THR D 13 -23.49 -1.09 -33.38
N THR D 14 -22.50 -0.20 -33.50
CA THR D 14 -22.72 1.08 -34.17
C THR D 14 -23.13 0.90 -35.62
N LYS D 15 -22.52 -0.05 -36.33
CA LYS D 15 -22.91 -0.32 -37.71
C LYS D 15 -24.34 -0.80 -37.81
N GLU D 16 -24.75 -1.68 -36.89
CA GLU D 16 -26.03 -2.34 -37.02
C GLU D 16 -27.20 -1.36 -37.03
N ALA D 17 -27.13 -0.35 -36.15
CA ALA D 17 -28.22 0.62 -36.07
C ALA D 17 -28.51 1.30 -37.41
N LYS D 18 -27.45 1.73 -38.11
CA LYS D 18 -27.64 2.38 -39.40
C LYS D 18 -28.29 1.44 -40.41
N ARG D 19 -27.83 0.19 -40.47
CA ARG D 19 -28.32 -0.74 -41.47
C ARG D 19 -29.80 -1.04 -41.29
N ARG D 20 -30.27 -1.08 -40.04
CA ARG D 20 -31.69 -1.31 -39.79
C ARG D 20 -32.53 -0.12 -40.26
N ASN D 21 -32.08 1.06 -39.93
CA ASN D 21 -32.91 2.25 -40.23
C ASN D 21 -32.89 2.54 -41.72
N GLY D 22 -31.99 1.89 -42.46
CA GLY D 22 -31.97 2.02 -43.94
C GLY D 22 -31.12 3.17 -44.42
N LYS D 23 -29.82 3.18 -44.12
CA LYS D 23 -28.93 4.22 -44.68
C LYS D 23 -27.92 3.57 -45.63
N SER D 24 -28.06 3.82 -46.94
CA SER D 24 -27.11 3.29 -47.95
C SER D 24 -27.02 4.30 -49.10
N GLU D 25 -26.47 5.49 -48.84
CA GLU D 25 -26.43 6.56 -49.87
C GLU D 25 -25.01 7.12 -50.01
N GLY D 26 -24.68 8.03 -50.91
CA GLY D 26 -23.27 8.47 -50.81
C GLY D 26 -22.70 9.67 -51.52
N ILE D 27 -23.33 10.85 -51.58
CA ILE D 27 -22.70 12.05 -52.20
C ILE D 27 -22.24 13.03 -51.12
N LEU D 28 -23.19 13.65 -50.43
CA LEU D 28 -22.86 14.52 -49.27
C LEU D 28 -22.86 13.50 -48.14
N ASN D 29 -23.18 12.24 -48.48
CA ASN D 29 -23.18 11.14 -47.49
C ASN D 29 -21.74 10.77 -47.04
N THR D 30 -20.79 10.93 -47.96
CA THR D 30 -19.36 10.72 -47.66
C THR D 30 -18.66 11.90 -47.04
N ILE D 31 -19.44 12.86 -46.59
CA ILE D 31 -18.80 13.96 -45.85
C ILE D 31 -19.29 13.88 -44.41
N GLU D 32 -20.58 13.55 -44.19
CA GLU D 32 -20.90 13.53 -42.76
C GLU D 32 -19.86 12.74 -41.98
N GLU D 33 -19.47 11.57 -42.48
CA GLU D 33 -18.54 10.72 -41.75
C GLU D 33 -17.11 11.23 -41.85
N VAL D 34 -16.72 11.77 -43.00
CA VAL D 34 -15.35 12.26 -43.13
C VAL D 34 -15.12 13.49 -42.25
N VAL D 35 -16.14 14.32 -42.09
CA VAL D 35 -16.01 15.46 -41.18
C VAL D 35 -15.85 14.96 -39.75
N GLU D 36 -16.62 13.96 -39.35
CA GLU D 36 -16.53 13.45 -37.99
C GLU D 36 -15.16 12.86 -37.71
N LYS D 37 -14.56 12.20 -38.70
CA LYS D 37 -13.21 11.67 -38.50
C LYS D 37 -12.21 12.79 -38.21
N LEU D 38 -12.32 13.91 -38.91
CA LEU D 38 -11.49 15.08 -38.64
C LEU D 38 -11.87 15.75 -37.32
N TYR D 39 -13.02 15.39 -36.78
CA TYR D 39 -13.48 16.01 -35.54
C TYR D 39 -13.10 15.15 -34.35
N TRP D 40 -12.14 14.24 -34.56
CA TRP D 40 -11.54 13.50 -33.47
C TRP D 40 -10.03 13.58 -33.44
N THR D 41 -9.35 13.68 -34.58
CA THR D 41 -7.90 13.77 -34.55
C THR D 41 -7.45 15.03 -33.81
N TYR D 42 -8.02 16.18 -34.15
CA TYR D 42 -7.59 17.40 -33.48
C TYR D 42 -7.95 17.37 -32.00
N TYR D 43 -9.12 16.85 -31.67
CA TYR D 43 -9.64 16.99 -30.32
C TYR D 43 -8.92 16.08 -29.31
N ILE D 44 -8.70 14.82 -29.70
CA ILE D 44 -8.25 13.82 -28.72
C ILE D 44 -6.83 14.10 -28.27
N HIS D 45 -5.92 14.35 -29.22
CA HIS D 45 -4.51 14.43 -28.86
C HIS D 45 -4.20 15.65 -27.99
N LEU D 46 -5.00 16.66 -28.06
CA LEU D 46 -4.79 17.75 -27.12
C LEU D 46 -5.45 17.44 -25.79
N PRO D 47 -4.91 17.95 -24.68
CA PRO D 47 -5.45 17.62 -23.35
C PRO D 47 -6.70 18.43 -23.01
N PHE D 48 -7.79 18.15 -23.71
CA PHE D 48 -9.00 18.94 -23.53
C PHE D 48 -9.93 18.42 -22.45
N TYR D 49 -9.90 17.13 -22.14
CA TYR D 49 -10.82 16.58 -21.13
C TYR D 49 -10.40 16.92 -19.71
N LEU D 50 -9.10 17.04 -19.46
CA LEU D 50 -8.62 17.23 -18.10
C LEU D 50 -8.72 18.67 -17.62
N MET D 51 -8.97 19.62 -18.51
CA MET D 51 -8.96 21.02 -18.16
C MET D 51 -10.36 21.48 -17.75
N ALA D 52 -10.50 22.77 -17.48
CA ALA D 52 -11.78 23.37 -17.11
C ALA D 52 -12.37 24.11 -18.31
N SER D 53 -13.62 24.55 -18.14
CA SER D 53 -14.33 25.22 -19.24
C SER D 53 -13.67 26.54 -19.60
N PHE D 54 -13.32 27.36 -18.61
CA PHE D 54 -12.70 28.65 -18.89
C PHE D 54 -11.33 28.48 -19.53
N ASP D 55 -10.54 27.53 -19.05
CA ASP D 55 -9.22 27.30 -19.64
C ASP D 55 -9.33 26.73 -21.04
N SER D 56 -10.24 25.78 -21.25
CA SER D 56 -10.41 25.20 -22.57
C SER D 56 -10.89 26.24 -23.59
N PHE D 57 -11.67 27.21 -23.13
CA PHE D 57 -12.10 28.29 -24.03
C PHE D 57 -10.90 29.09 -24.53
N PHE D 58 -9.96 29.41 -23.64
CA PHE D 58 -8.78 30.13 -24.07
C PHE D 58 -7.90 29.28 -24.99
N LEU D 59 -7.77 27.99 -24.68
CA LEU D 59 -6.90 27.14 -25.50
C LEU D 59 -7.45 26.99 -26.91
N HIS D 60 -8.77 26.81 -27.06
CA HIS D 60 -9.35 26.73 -28.39
C HIS D 60 -9.10 28.01 -29.18
N VAL D 61 -9.26 29.16 -28.54
CA VAL D 61 -9.02 30.43 -29.22
C VAL D 61 -7.56 30.54 -29.62
N PHE D 62 -6.65 30.07 -28.76
CA PHE D 62 -5.22 30.19 -29.04
C PHE D 62 -4.85 29.40 -30.30
N PHE D 63 -5.35 28.17 -30.43
CA PHE D 63 -5.00 27.37 -31.60
C PHE D 63 -5.56 27.95 -32.87
N LEU D 64 -6.72 28.60 -32.81
CA LEU D 64 -7.31 29.21 -34.00
C LEU D 64 -6.45 30.38 -34.49
N THR D 65 -6.09 31.29 -33.59
CA THR D 65 -5.37 32.49 -33.99
C THR D 65 -3.96 32.17 -34.49
N ILE D 66 -3.29 31.20 -33.85
CA ILE D 66 -1.93 30.87 -34.25
C ILE D 66 -1.91 30.33 -35.67
N PHE D 67 -2.85 29.43 -36.00
CA PHE D 67 -2.92 28.90 -37.35
C PHE D 67 -3.27 30.00 -38.35
N SER D 68 -4.15 30.93 -37.98
CA SER D 68 -4.55 31.98 -38.89
C SER D 68 -3.39 32.91 -39.22
N LEU D 69 -2.68 33.38 -38.19
CA LEU D 69 -1.56 34.29 -38.42
C LEU D 69 -0.45 33.60 -39.22
N SER D 70 -0.19 32.33 -38.93
CA SER D 70 0.82 31.59 -39.68
C SER D 70 0.42 31.41 -41.14
N PHE D 71 -0.87 31.20 -41.39
CA PHE D 71 -1.29 30.85 -42.73
C PHE D 71 -1.46 32.08 -43.62
N PHE D 72 -2.10 33.12 -43.11
CA PHE D 72 -2.28 34.33 -43.92
C PHE D 72 -0.97 35.04 -44.17
N GLY D 73 -0.04 34.99 -43.20
CA GLY D 73 1.29 35.53 -43.44
C GLY D 73 2.05 34.77 -44.49
N ILE D 74 1.71 33.49 -44.70
CA ILE D 74 2.35 32.70 -45.74
C ILE D 74 2.10 33.31 -47.12
N LEU D 75 0.86 33.75 -47.36
CA LEU D 75 0.53 34.34 -48.65
C LEU D 75 1.16 35.71 -48.80
N LYS D 76 0.88 36.62 -47.86
CA LYS D 76 1.45 37.96 -47.89
C LYS D 76 2.97 37.92 -47.70
#